data_8FK5
#
_entry.id   8FK5
#
_cell.length_a   1.00
_cell.length_b   1.00
_cell.length_c   1.00
_cell.angle_alpha   90.00
_cell.angle_beta   90.00
_cell.angle_gamma   90.00
#
_symmetry.space_group_name_H-M   'P 1'
#
loop_
_entity.id
_entity.type
_entity.pdbx_description
1 polymer 'Envelope glycoprotein gp41'
2 polymer 'Envelope glycoprotein gp120'
3 polymer 'Immunoblobulin G1 Fab heavy chain variable region (Fragment)'
4 polymer 'Immunoglobulin lambda-1 light chain-like'
5 branched 2-acetamido-2-deoxy-beta-D-glucopyranose-(1-4)-2-acetamido-2-deoxy-beta-D-glucopyranose
6 branched alpha-D-mannopyranose-(1-2)-alpha-D-mannopyranose-(1-3)-[alpha-D-mannopyranose-(1-6)]beta-D-mannopyranose-(1-4)-2-acetamido-2-deoxy-beta-D-glucopyranose-(1-4)-2-acetamido-2-deoxy-beta-D-glucopyranose
7 branched alpha-D-mannopyranose-(1-3)-[alpha-D-mannopyranose-(1-6)]beta-D-mannopyranose-(1-4)-2-acetamido-2-deoxy-beta-D-glucopyranose-(1-4)-2-acetamido-2-deoxy-beta-D-glucopyranose
8 branched alpha-D-mannopyranose-(1-2)-alpha-D-mannopyranose-(1-6)-[alpha-D-mannopyranose-(1-3)]alpha-D-mannopyranose-(1-6)-[alpha-D-mannopyranose-(1-2)-alpha-D-mannopyranose-(1-3)]beta-D-mannopyranose-(1-4)-2-acetamido-2-deoxy-beta-D-glucopyranose-(1-4)-2-acetamido-2-deoxy-beta-D-glucopyranose
9 non-polymer 2-acetamido-2-deoxy-beta-D-glucopyranose
#
loop_
_entity_poly.entity_id
_entity_poly.type
_entity_poly.pdbx_seq_one_letter_code
_entity_poly.pdbx_strand_id
1 'polypeptide(L)'
;AVGIGAVFLGFLGAAGSTMGAASMTLTVQARNLLSGIVQQQSNLLRAPEAQQHLLKLTVWGIKQLQARVLAVERYLRDQQ
LLGIWGCSGKLICCTNVPWNSSWSNRNLSEIWDNMTWLQWDKEISNYTQIIYGLLEESQNQQEKNEQDLLALD
;
A,B,F
2 'polypeptide(L)'
;AENLWVTVYYGVPVWKDAETTLFCASDAKAYETEKHNVWATHACVPTDPNPQEIHLENVTEEFNMWKNNMVEQMHTDIIS
LWDQSLKPCVKLTPLCVTLQCTNVTNNITDDMRGELKNCSFNMTTELRDKKQKVYSLFYRLDVVQINENQGNRSNNSNKE
YRLINCNTSACTQACPKVSFEPIPIHYCAPAGFAILKCKDKKFNGTGPCPSVSTVQCTHGIKPVVSTQLLLNGSLAEEEV
MIRSENITNNAKNILVQFNTPVQINCTRPNNNTRKSIRIGPGQAFYATGDIIGDIRQAHCNVSKATWNETLGKVVKQLRK
HFGNNTIIRFANSSGGDLEVTTHSFNCGGEFFYCNTSGLFNSTWISNTSVQGSNSTGSNDSITLPCRIKQIINMWQRIGQ
CMYAPPIQGVIRCVSNITGLILTRDGGSTNSTTETFRPGGGDMRDNWRSELYKYKVVKIEPLGVAPTRCKRRVVGRRRRR
R
;
C,G,I
3 'polypeptide(L)'
;ERLVESGGGVVQPGSSLRLSCAASGFDFSRQGMHWVRQAPGQGLEWVAFIKYDGSEKYHADSVWGRLSISRDNSKDTLYL
QMNSLRVEDTATYFCVREAGGPDYRNGYY(TYS)(TYS)DFYDGYYNYHYMDVWGKGTTVTVSSASTKGPSVFPLAPSSK
STSGGTAALGCLVKDYFPEPVTVSWNSGALTSGVHTFPAVLQSSGLYSLSSVVTVPSSSLGTQTYICNVNHKPSNTKVDK
KVEPKSCDKGLEVLFQ
;
H
4 'polypeptide(L)'
;QSALTQPASVSGSPGQSITISCQGTSNDVGGYESVSWYQQHPGKAPKVVIYDVSKRPSGVSNRFSGSKSGNTASLTISGL
QAEDEGDYYCKSLTSRSHRVFGTGTKLTVLGQPKAAPSVTLFPPSSEELQANKATLVCLISDFYPGAVTVAWKADSSPVK
AGVETTTPSKQSNNKYAASSYLSLTPEQWKSHKSYSCQVTHEGSTVEKTVAPTECS
;
L
#
loop_
_chem_comp.id
_chem_comp.type
_chem_comp.name
_chem_comp.formula
BMA D-saccharide, beta linking beta-D-mannopyranose 'C6 H12 O6'
MAN D-saccharide, alpha linking alpha-D-mannopyranose 'C6 H12 O6'
NAG D-saccharide, beta linking 2-acetamido-2-deoxy-beta-D-glucopyranose 'C8 H15 N O6'
#
# COMPACT_ATOMS: atom_id res chain seq x y z
N VAL A 7 2.53 -53.79 1.15
CA VAL A 7 1.74 -53.14 0.06
C VAL A 7 1.58 -51.66 0.34
N PHE A 8 1.50 -50.86 -0.72
CA PHE A 8 1.38 -49.42 -0.57
C PHE A 8 -0.02 -49.07 -0.09
N LEU A 9 -0.10 -48.36 1.04
CA LEU A 9 -1.37 -47.95 1.63
C LEU A 9 -1.64 -46.46 1.52
N GLY A 10 -0.66 -45.67 1.11
CA GLY A 10 -0.85 -44.23 1.00
C GLY A 10 -0.42 -43.48 2.24
N PHE A 11 -0.55 -42.16 2.15
CA PHE A 11 -0.17 -41.30 3.26
C PHE A 11 -0.97 -41.63 4.50
N LEU A 12 -0.28 -41.78 5.64
CA LEU A 12 -0.89 -42.08 6.93
C LEU A 12 -1.68 -43.39 6.91
N GLY A 13 -1.45 -44.24 5.91
CA GLY A 13 -2.23 -45.46 5.80
C GLY A 13 -2.04 -46.39 6.97
N ALA A 14 -0.81 -46.52 7.46
CA ALA A 14 -0.48 -47.41 8.56
C ALA A 14 -0.64 -46.75 9.93
N ALA A 15 -1.46 -45.70 10.02
CA ALA A 15 -1.62 -45.01 11.30
C ALA A 15 -2.22 -45.94 12.35
N GLY A 16 -3.24 -46.71 11.99
CA GLY A 16 -3.86 -47.65 12.89
C GLY A 16 -3.22 -49.02 12.93
N SER A 17 -2.16 -49.23 12.14
CA SER A 17 -1.51 -50.53 12.10
C SER A 17 -0.53 -50.68 13.26
N THR A 18 -0.05 -51.91 13.44
CA THR A 18 0.87 -52.20 14.52
C THR A 18 2.21 -51.49 14.29
N MET A 19 2.92 -51.25 15.40
CA MET A 19 4.19 -50.52 15.31
C MET A 19 5.16 -51.21 14.37
N GLY A 20 5.26 -52.53 14.43
CA GLY A 20 6.19 -53.23 13.57
C GLY A 20 5.93 -53.01 12.10
N ALA A 21 4.66 -53.09 11.69
CA ALA A 21 4.32 -52.87 10.29
C ALA A 21 4.63 -51.45 9.86
N ALA A 22 4.35 -50.47 10.73
CA ALA A 22 4.61 -49.07 10.40
C ALA A 22 6.09 -48.78 10.24
N SER A 23 6.97 -49.64 10.76
CA SER A 23 8.40 -49.39 10.65
C SER A 23 8.86 -49.37 9.19
N MET A 24 8.26 -50.22 8.35
CA MET A 24 8.57 -50.23 6.92
C MET A 24 7.75 -49.21 6.14
N THR A 25 6.86 -48.47 6.80
CA THR A 25 6.00 -47.48 6.17
C THR A 25 6.54 -46.06 6.34
N LEU A 26 7.74 -45.90 6.90
CA LEU A 26 8.23 -44.56 7.21
C LEU A 26 8.36 -43.70 5.97
N THR A 27 8.85 -44.28 4.87
CA THR A 27 9.23 -43.47 3.72
C THR A 27 8.04 -42.73 3.11
N VAL A 28 6.88 -43.40 3.01
CA VAL A 28 5.76 -42.79 2.31
C VAL A 28 5.30 -41.51 3.00
N GLN A 29 5.51 -41.40 4.31
CA GLN A 29 5.14 -40.18 5.03
C GLN A 29 6.24 -39.14 5.03
N ALA A 30 7.50 -39.57 4.88
CA ALA A 30 8.60 -38.61 4.89
C ALA A 30 8.56 -37.67 3.70
N ARG A 31 7.92 -38.09 2.59
CA ARG A 31 7.88 -37.26 1.40
C ARG A 31 6.83 -36.16 1.52
N ASN A 32 5.89 -36.26 2.46
CA ASN A 32 4.82 -35.29 2.61
C ASN A 32 5.15 -34.19 3.61
N LEU A 33 6.34 -34.21 4.23
CA LEU A 33 6.67 -33.20 5.21
C LEU A 33 6.87 -31.83 4.57
N LEU A 34 7.25 -31.79 3.29
CA LEU A 34 7.40 -30.53 2.58
C LEU A 34 6.98 -30.75 1.13
N SER A 35 6.33 -29.74 0.55
CA SER A 35 5.85 -29.81 -0.82
C SER A 35 5.84 -28.43 -1.47
N THR A 58 -5.01 -10.24 -3.09
CA THR A 58 -3.83 -10.56 -2.29
C THR A 58 -4.21 -11.36 -1.05
N VAL A 59 -5.51 -11.61 -0.85
CA VAL A 59 -5.95 -12.40 0.28
C VAL A 59 -5.36 -13.81 0.21
N TRP A 60 -5.39 -14.41 -0.97
CA TRP A 60 -4.83 -15.73 -1.19
C TRP A 60 -3.35 -15.69 -1.56
N GLY A 61 -2.76 -14.50 -1.65
CA GLY A 61 -1.34 -14.38 -1.96
C GLY A 61 -0.47 -14.36 -0.73
N ILE A 62 -0.78 -13.45 0.21
CA ILE A 62 -0.03 -13.41 1.46
C ILE A 62 -0.33 -14.64 2.30
N LYS A 63 -1.60 -15.11 2.27
CA LYS A 63 -1.95 -16.32 3.01
C LYS A 63 -1.21 -17.55 2.47
N GLN A 64 -0.80 -17.52 1.20
CA GLN A 64 -0.03 -18.62 0.62
C GLN A 64 1.45 -18.51 0.94
N LEU A 65 1.99 -17.29 0.94
CA LEU A 65 3.41 -17.11 1.23
C LEU A 65 3.73 -17.54 2.67
N GLN A 66 2.83 -17.23 3.61
CA GLN A 66 3.06 -17.63 5.00
C GLN A 66 3.13 -19.14 5.12
N ALA A 67 2.25 -19.87 4.41
CA ALA A 67 2.23 -21.32 4.51
C ALA A 67 3.53 -21.93 4.01
N ARG A 68 4.06 -21.42 2.89
CA ARG A 68 5.26 -22.00 2.32
C ARG A 68 6.45 -21.88 3.27
N VAL A 69 6.62 -20.70 3.87
CA VAL A 69 7.76 -20.50 4.76
C VAL A 69 7.62 -21.35 6.02
N LEU A 70 6.40 -21.51 6.52
CA LEU A 70 6.18 -22.28 7.73
C LEU A 70 6.61 -23.74 7.53
N ALA A 71 6.32 -24.31 6.36
CA ALA A 71 6.68 -25.70 6.11
C ALA A 71 8.18 -25.90 6.12
N VAL A 72 8.92 -24.97 5.53
CA VAL A 72 10.37 -25.13 5.42
C VAL A 72 11.02 -25.12 6.80
N GLU A 73 10.67 -24.12 7.62
CA GLU A 73 11.32 -24.00 8.93
C GLU A 73 10.97 -25.19 9.82
N ARG A 74 9.72 -25.66 9.76
CA ARG A 74 9.34 -26.83 10.54
C ARG A 74 10.14 -28.06 10.12
N TYR A 75 10.30 -28.25 8.80
CA TYR A 75 11.05 -29.41 8.31
C TYR A 75 12.50 -29.34 8.73
N LEU A 76 13.09 -28.14 8.70
CA LEU A 76 14.50 -28.00 9.07
C LEU A 76 14.72 -28.20 10.56
N ARG A 77 13.71 -27.93 11.38
CA ARG A 77 13.86 -28.15 12.82
C ARG A 77 14.12 -29.62 13.13
N ASP A 78 13.37 -30.51 12.50
CA ASP A 78 13.60 -31.94 12.69
C ASP A 78 14.95 -32.37 12.11
N GLN A 79 15.29 -31.85 10.94
CA GLN A 79 16.55 -32.25 10.29
C GLN A 79 17.75 -31.86 11.14
N GLN A 80 17.77 -30.61 11.61
CA GLN A 80 18.87 -30.18 12.47
C GLN A 80 18.90 -30.98 13.77
N LEU A 81 17.74 -31.20 14.38
CA LEU A 81 17.68 -32.02 15.57
C LEU A 81 18.10 -33.45 15.28
N LEU A 82 17.64 -34.00 14.16
CA LEU A 82 18.01 -35.36 13.79
C LEU A 82 19.48 -35.48 13.39
N GLY A 83 20.12 -34.37 13.02
CA GLY A 83 21.50 -34.41 12.59
C GLY A 83 22.48 -34.44 13.76
N ILE A 84 22.26 -33.58 14.75
CA ILE A 84 23.12 -33.51 15.91
C ILE A 84 23.08 -34.79 16.75
N TRP A 85 22.14 -35.69 16.48
CA TRP A 85 22.09 -36.99 17.10
C TRP A 85 22.90 -38.04 16.34
N GLY A 86 23.53 -37.66 15.24
CA GLY A 86 24.26 -38.62 14.42
C GLY A 86 23.39 -39.46 13.52
N CYS A 87 22.25 -38.93 13.10
CA CYS A 87 21.27 -39.64 12.28
C CYS A 87 20.84 -38.79 11.10
N SER A 88 21.82 -38.22 10.40
CA SER A 88 21.52 -37.24 9.35
C SER A 88 20.61 -37.82 8.28
N GLY A 89 21.08 -38.83 7.55
CA GLY A 89 20.38 -39.38 6.41
C GLY A 89 19.70 -40.71 6.65
N LYS A 90 19.52 -41.13 7.89
CA LYS A 90 18.94 -42.43 8.19
C LYS A 90 17.49 -42.30 8.63
N LEU A 91 16.64 -43.14 8.07
CA LEU A 91 15.25 -43.20 8.51
C LEU A 91 15.13 -43.88 9.87
N ILE A 92 15.88 -44.98 10.06
CA ILE A 92 15.96 -45.68 11.34
C ILE A 92 17.39 -45.58 11.82
N CYS A 93 17.58 -45.03 13.02
CA CYS A 93 18.91 -44.75 13.56
C CYS A 93 18.99 -45.24 15.00
N CYS A 94 19.61 -46.39 15.20
CA CYS A 94 19.85 -46.89 16.54
C CYS A 94 20.89 -46.01 17.25
N THR A 95 20.64 -45.75 18.54
CA THR A 95 21.52 -44.92 19.35
C THR A 95 21.98 -45.68 20.57
N ASN A 96 23.20 -45.38 21.02
CA ASN A 96 23.84 -46.11 22.11
C ASN A 96 23.64 -45.37 23.44
N VAL A 97 22.38 -45.35 23.88
CA VAL A 97 22.04 -44.88 25.21
C VAL A 97 20.98 -45.82 25.78
N PRO A 98 21.02 -46.15 27.07
CA PRO A 98 20.12 -47.18 27.60
C PRO A 98 18.69 -46.68 27.71
N TRP A 99 17.77 -47.64 27.71
CA TRP A 99 16.34 -47.38 27.90
C TRP A 99 16.02 -47.47 29.38
N ASN A 100 15.86 -46.31 30.01
CA ASN A 100 15.49 -46.28 31.43
C ASN A 100 14.15 -46.95 31.62
N SER A 101 14.09 -47.87 32.59
CA SER A 101 12.85 -48.62 32.83
C SER A 101 11.74 -47.71 33.34
N SER A 102 12.08 -46.55 33.90
CA SER A 102 11.04 -45.65 34.40
C SER A 102 10.16 -45.13 33.26
N TRP A 103 10.75 -44.88 32.09
CA TRP A 103 9.96 -44.39 30.97
C TRP A 103 8.86 -45.38 30.59
N SER A 104 9.21 -46.66 30.49
CA SER A 104 8.23 -47.71 30.20
C SER A 104 8.84 -49.08 30.45
N ASN A 105 8.12 -49.92 31.20
CA ASN A 105 8.58 -51.25 31.55
C ASN A 105 7.87 -52.35 30.76
N ARG A 106 7.13 -52.00 29.72
CA ARG A 106 6.40 -52.99 28.95
C ARG A 106 7.36 -53.87 28.14
N ASN A 107 6.88 -55.06 27.81
CA ASN A 107 7.70 -56.01 27.05
C ASN A 107 8.00 -55.47 25.66
N LEU A 108 9.16 -55.88 25.13
CA LEU A 108 9.52 -55.48 23.76
C LEU A 108 8.52 -56.02 22.76
N SER A 109 8.10 -57.28 22.92
CA SER A 109 7.10 -57.85 22.02
C SER A 109 5.77 -57.13 22.16
N GLU A 110 5.38 -56.80 23.39
CA GLU A 110 4.11 -56.10 23.61
C GLU A 110 4.09 -54.75 22.91
N ILE A 111 5.23 -54.07 22.82
CA ILE A 111 5.28 -52.75 22.23
C ILE A 111 5.17 -52.83 20.71
N TRP A 112 6.02 -53.65 20.09
CA TRP A 112 6.13 -53.70 18.65
C TRP A 112 5.11 -54.61 17.97
N ASP A 113 4.40 -55.44 18.73
CA ASP A 113 3.44 -56.38 18.17
C ASP A 113 2.02 -56.19 18.67
N ASN A 114 1.79 -55.37 19.70
CA ASN A 114 0.47 -55.24 20.30
C ASN A 114 0.14 -53.78 20.63
N MET A 115 0.60 -52.85 19.80
CA MET A 115 0.32 -51.43 20.03
C MET A 115 0.61 -50.67 18.74
N THR A 116 0.23 -49.39 18.73
CA THR A 116 0.39 -48.52 17.59
C THR A 116 1.19 -47.28 17.99
N TRP A 117 1.67 -46.57 16.96
CA TRP A 117 2.49 -45.38 17.21
C TRP A 117 1.71 -44.31 17.96
N LEU A 118 0.45 -44.09 17.60
CA LEU A 118 -0.35 -43.10 18.30
C LEU A 118 -0.48 -43.43 19.78
N GLN A 119 -0.74 -44.70 20.09
CA GLN A 119 -0.78 -45.12 21.49
C GLN A 119 0.57 -44.96 22.16
N TRP A 120 1.65 -45.30 21.45
CA TRP A 120 2.98 -45.24 22.03
C TRP A 120 3.35 -43.82 22.42
N ASP A 121 3.12 -42.86 21.52
CA ASP A 121 3.48 -41.48 21.81
C ASP A 121 2.68 -40.93 22.99
N LYS A 122 1.38 -41.25 23.04
CA LYS A 122 0.54 -40.77 24.12
C LYS A 122 0.98 -41.32 25.47
N GLU A 123 1.78 -42.38 25.49
CA GLU A 123 2.23 -43.00 26.74
C GLU A 123 3.53 -42.37 27.25
N ILE A 124 4.51 -42.17 26.37
CA ILE A 124 5.81 -41.65 26.77
C ILE A 124 5.90 -40.16 26.48
N SER A 125 4.76 -39.53 26.20
CA SER A 125 4.78 -38.12 25.81
C SER A 125 5.45 -37.25 26.85
N ASN A 126 5.26 -37.57 28.14
CA ASN A 126 5.84 -36.76 29.20
C ASN A 126 7.37 -36.82 29.18
N TYR A 127 7.92 -38.01 28.93
CA TYR A 127 9.35 -38.24 29.08
C TYR A 127 10.14 -38.08 27.78
N THR A 128 9.50 -37.66 26.70
CA THR A 128 10.22 -37.51 25.43
C THR A 128 11.31 -36.46 25.55
N GLN A 129 11.04 -35.35 26.22
CA GLN A 129 12.01 -34.26 26.31
C GLN A 129 13.29 -34.72 27.01
N ILE A 130 13.18 -35.62 27.99
CA ILE A 130 14.36 -36.09 28.71
C ILE A 130 15.29 -36.82 27.76
N ILE A 131 14.74 -37.66 26.89
CA ILE A 131 15.58 -38.47 26.00
C ILE A 131 16.36 -37.58 25.04
N TYR A 132 15.77 -36.47 24.61
CA TYR A 132 16.44 -35.60 23.64
C TYR A 132 17.78 -35.11 24.18
N GLY A 133 17.82 -34.73 25.46
CA GLY A 133 19.07 -34.30 26.05
C GLY A 133 20.13 -35.38 26.06
N LEU A 134 19.72 -36.61 26.39
CA LEU A 134 20.66 -37.72 26.43
C LEU A 134 21.25 -37.99 25.04
N LEU A 135 20.42 -37.88 24.00
CA LEU A 135 20.93 -38.11 22.65
C LEU A 135 21.98 -37.09 22.26
N GLU A 136 21.77 -35.82 22.64
CA GLU A 136 22.71 -34.77 22.26
C GLU A 136 24.08 -34.98 22.90
N GLU A 137 24.09 -35.20 24.22
CA GLU A 137 25.36 -35.34 24.91
C GLU A 137 26.10 -36.59 24.45
N SER A 138 25.36 -37.68 24.19
CA SER A 138 26.00 -38.91 23.75
C SER A 138 26.73 -38.71 22.43
N GLN A 139 26.11 -38.00 21.48
CA GLN A 139 26.76 -37.77 20.20
C GLN A 139 27.91 -36.77 20.33
N ASN A 140 27.78 -35.78 21.21
CA ASN A 140 28.85 -34.82 21.39
C ASN A 140 30.12 -35.49 21.86
N GLN A 141 30.01 -36.41 22.82
CA GLN A 141 31.19 -37.12 23.30
C GLN A 141 31.68 -38.15 22.29
N GLN A 142 30.77 -38.73 21.51
CA GLN A 142 31.18 -39.70 20.50
C GLN A 142 32.09 -39.07 19.45
N GLU A 143 31.73 -37.87 18.98
CA GLU A 143 32.58 -37.19 18.00
C GLU A 143 33.93 -36.82 18.60
N LYS A 144 33.93 -36.29 19.82
CA LYS A 144 35.19 -35.92 20.46
C LYS A 144 36.06 -37.15 20.71
N ASN A 145 35.45 -38.24 21.16
CA ASN A 145 36.21 -39.47 21.38
C ASN A 145 36.81 -39.98 20.08
N GLU A 146 36.04 -39.92 18.99
CA GLU A 146 36.57 -40.34 17.70
C GLU A 146 37.74 -39.47 17.27
N GLN A 147 37.63 -38.15 17.46
CA GLN A 147 38.68 -37.25 17.02
C GLN A 147 39.98 -37.49 17.78
N ASP A 148 39.90 -37.65 19.10
CA ASP A 148 41.09 -37.84 19.91
C ASP A 148 41.61 -39.28 19.89
N LEU A 149 40.82 -40.22 19.37
CA LEU A 149 41.25 -41.61 19.33
C LEU A 149 42.13 -41.87 18.11
N LEU A 150 41.62 -41.57 16.91
CA LEU A 150 42.37 -41.85 15.69
C LEU A 150 43.66 -41.04 15.61
N ALA A 151 43.78 -39.95 16.38
CA ALA A 151 44.97 -39.12 16.30
C ALA A 151 46.21 -39.90 16.70
N LEU A 152 46.13 -40.69 17.78
CA LEU A 152 47.26 -41.44 18.28
C LEU A 152 46.94 -42.88 18.64
N ASP A 153 45.68 -43.28 18.69
CA ASP A 153 45.31 -44.64 19.05
C ASP A 153 44.10 -45.12 18.24
N PHE B 8 26.83 -25.19 33.22
CA PHE B 8 26.32 -24.92 31.89
C PHE B 8 26.66 -23.50 31.45
N LEU B 9 27.36 -23.37 30.33
CA LEU B 9 27.83 -22.08 29.86
C LEU B 9 26.77 -21.26 29.15
N GLY B 10 25.65 -21.88 28.76
CA GLY B 10 24.62 -21.16 28.04
C GLY B 10 25.00 -20.93 26.59
N PHE B 11 24.13 -20.19 25.89
CA PHE B 11 24.38 -19.86 24.49
C PHE B 11 25.45 -18.79 24.39
N LEU B 12 26.50 -19.08 23.64
CA LEU B 12 27.60 -18.15 23.35
C LEU B 12 28.40 -17.80 24.60
N GLY B 13 28.17 -18.46 25.72
CA GLY B 13 28.88 -18.16 26.94
C GLY B 13 30.30 -18.67 26.97
N ALA B 14 30.69 -19.48 25.99
CA ALA B 14 32.03 -20.03 25.90
C ALA B 14 32.98 -19.13 25.11
N ALA B 15 32.52 -17.95 24.69
CA ALA B 15 33.39 -17.05 23.95
C ALA B 15 34.66 -16.72 24.72
N GLY B 16 34.56 -16.60 26.05
CA GLY B 16 35.74 -16.36 26.86
C GLY B 16 36.55 -17.59 27.14
N SER B 17 35.94 -18.77 27.11
CA SER B 17 36.68 -20.00 27.30
C SER B 17 37.66 -20.22 26.16
N THR B 18 38.80 -20.84 26.48
CA THR B 18 39.83 -21.05 25.48
C THR B 18 39.30 -21.88 24.32
N MET B 19 40.07 -21.90 23.23
CA MET B 19 39.62 -22.58 22.02
C MET B 19 39.28 -24.03 22.30
N GLY B 20 40.16 -24.74 23.00
CA GLY B 20 39.90 -26.15 23.30
C GLY B 20 38.70 -26.34 24.20
N ALA B 21 38.49 -25.41 25.14
CA ALA B 21 37.39 -25.56 26.08
C ALA B 21 36.04 -25.35 25.41
N ALA B 22 36.00 -24.49 24.37
CA ALA B 22 34.74 -24.26 23.66
C ALA B 22 34.36 -25.42 22.76
N SER B 23 35.25 -26.40 22.58
CA SER B 23 34.99 -27.49 21.64
C SER B 23 33.91 -28.45 22.14
N MET B 24 33.75 -28.59 23.45
CA MET B 24 32.77 -29.52 24.00
C MET B 24 31.40 -28.90 24.22
N THR B 25 31.21 -27.65 23.82
CA THR B 25 29.92 -26.97 23.95
C THR B 25 29.48 -26.39 22.62
N LEU B 26 29.80 -27.09 21.52
CA LEU B 26 29.40 -26.64 20.20
C LEU B 26 27.93 -26.91 19.92
N THR B 27 27.34 -27.92 20.57
CA THR B 27 25.98 -28.31 20.27
C THR B 27 25.00 -27.17 20.58
N VAL B 28 25.18 -26.50 21.71
CA VAL B 28 24.20 -25.50 22.15
C VAL B 28 24.07 -24.38 21.13
N GLN B 29 25.21 -23.91 20.60
CA GLN B 29 25.16 -22.81 19.65
C GLN B 29 24.54 -23.23 18.32
N ALA B 30 24.70 -24.50 17.94
CA ALA B 30 24.11 -24.98 16.69
C ALA B 30 22.59 -24.91 16.73
N ARG B 31 21.99 -25.19 17.89
CA ARG B 31 20.54 -25.19 17.99
C ARG B 31 19.96 -23.80 17.72
N ASN B 32 20.71 -22.75 18.02
CA ASN B 32 20.21 -21.39 17.96
C ASN B 32 20.44 -20.71 16.62
N LEU B 33 21.01 -21.40 15.64
CA LEU B 33 21.21 -20.78 14.34
C LEU B 33 19.89 -20.44 13.66
N LEU B 34 18.89 -21.31 13.78
CA LEU B 34 17.56 -21.05 13.23
C LEU B 34 16.53 -21.41 14.27
N SER B 35 15.51 -20.55 14.41
CA SER B 35 14.44 -20.78 15.38
C SER B 35 13.18 -20.07 14.96
N THR B 58 1.19 -4.14 9.33
CA THR B 58 2.17 -4.74 8.43
C THR B 58 3.58 -4.26 8.76
N VAL B 59 3.68 -3.20 9.58
CA VAL B 59 4.98 -2.69 9.96
C VAL B 59 5.78 -3.75 10.70
N TRP B 60 5.13 -4.42 11.67
CA TRP B 60 5.74 -5.54 12.37
C TRP B 60 5.49 -6.88 11.67
N GLY B 61 4.55 -6.93 10.73
CA GLY B 61 4.21 -8.18 10.07
C GLY B 61 5.27 -8.65 9.10
N ILE B 62 5.46 -7.91 8.00
CA ILE B 62 6.44 -8.33 7.00
C ILE B 62 7.86 -8.24 7.57
N LYS B 63 8.09 -7.31 8.50
CA LYS B 63 9.40 -7.22 9.13
C LYS B 63 9.78 -8.53 9.80
N GLN B 64 8.80 -9.26 10.34
CA GLN B 64 9.07 -10.58 10.90
C GLN B 64 9.23 -11.62 9.80
N LEU B 65 8.51 -11.48 8.68
CA LEU B 65 8.55 -12.49 7.64
C LEU B 65 9.93 -12.58 7.01
N GLN B 66 10.49 -11.44 6.59
CA GLN B 66 11.79 -11.46 5.93
C GLN B 66 12.88 -11.99 6.85
N ALA B 67 12.74 -11.76 8.16
CA ALA B 67 13.72 -12.28 9.11
C ALA B 67 13.75 -13.80 9.08
N ARG B 68 12.57 -14.43 9.05
CA ARG B 68 12.51 -15.89 9.00
C ARG B 68 13.16 -16.42 7.73
N VAL B 69 12.89 -15.78 6.59
CA VAL B 69 13.46 -16.25 5.33
C VAL B 69 14.97 -16.16 5.36
N LEU B 70 15.50 -15.03 5.84
CA LEU B 70 16.95 -14.85 5.88
C LEU B 70 17.62 -15.91 6.74
N ALA B 71 17.04 -16.21 7.90
CA ALA B 71 17.64 -17.22 8.77
C ALA B 71 17.71 -18.58 8.10
N VAL B 72 16.67 -18.93 7.33
CA VAL B 72 16.64 -20.24 6.69
C VAL B 72 17.75 -20.36 5.66
N GLU B 73 17.79 -19.44 4.69
CA GLU B 73 18.77 -19.54 3.62
C GLU B 73 20.20 -19.43 4.15
N ARG B 74 20.41 -18.57 5.14
CA ARG B 74 21.74 -18.45 5.73
C ARG B 74 22.17 -19.76 6.38
N TYR B 75 21.26 -20.43 7.08
CA TYR B 75 21.59 -21.72 7.68
C TYR B 75 21.92 -22.75 6.59
N LEU B 76 21.15 -22.76 5.51
CA LEU B 76 21.43 -23.67 4.40
C LEU B 76 22.77 -23.38 3.77
N ARG B 77 23.11 -22.08 3.62
CA ARG B 77 24.38 -21.72 2.99
C ARG B 77 25.55 -22.35 3.72
N ASP B 78 25.61 -22.18 5.05
CA ASP B 78 26.70 -22.78 5.82
C ASP B 78 26.64 -24.30 5.75
N GLN B 79 25.43 -24.87 5.78
CA GLN B 79 25.30 -26.31 5.70
C GLN B 79 25.81 -26.85 4.36
N GLN B 80 25.53 -26.12 3.27
CA GLN B 80 25.95 -26.59 1.96
C GLN B 80 27.48 -26.68 1.86
N LEU B 81 28.18 -25.65 2.35
CA LEU B 81 29.64 -25.70 2.33
C LEU B 81 30.15 -26.87 3.16
N LEU B 82 29.54 -27.11 4.32
CA LEU B 82 29.91 -28.25 5.13
C LEU B 82 29.67 -29.56 4.41
N GLY B 83 28.55 -29.67 3.68
CA GLY B 83 28.24 -30.92 2.99
C GLY B 83 29.23 -31.22 1.87
N ILE B 84 29.56 -30.21 1.06
CA ILE B 84 30.45 -30.45 -0.07
C ILE B 84 31.88 -30.73 0.39
N TRP B 85 32.22 -30.38 1.62
CA TRP B 85 33.53 -30.72 2.17
C TRP B 85 33.58 -32.15 2.70
N GLY B 86 32.45 -32.85 2.77
CA GLY B 86 32.42 -34.21 3.25
C GLY B 86 32.17 -34.35 4.74
N CYS B 87 31.57 -33.36 5.38
CA CYS B 87 31.29 -33.37 6.81
C CYS B 87 29.83 -33.01 7.06
N SER B 88 28.93 -33.66 6.32
CA SER B 88 27.51 -33.28 6.36
C SER B 88 26.93 -33.46 7.75
N GLY B 89 27.16 -34.63 8.37
CA GLY B 89 26.53 -34.95 9.62
C GLY B 89 27.47 -34.97 10.81
N LYS B 90 28.41 -34.02 10.85
CA LYS B 90 29.38 -33.94 11.93
C LYS B 90 29.57 -32.50 12.35
N LEU B 91 29.84 -32.30 13.63
CA LEU B 91 30.20 -30.98 14.15
C LEU B 91 31.70 -30.76 14.18
N ILE B 92 32.48 -31.83 14.32
CA ILE B 92 33.94 -31.78 14.24
C ILE B 92 34.38 -32.72 13.13
N CYS B 93 35.16 -32.21 12.19
CA CYS B 93 35.54 -32.98 11.01
C CYS B 93 36.91 -32.50 10.52
N CYS B 94 37.71 -33.44 10.04
CA CYS B 94 39.05 -33.16 9.53
C CYS B 94 39.18 -33.72 8.12
N THR B 95 40.08 -33.11 7.34
CA THR B 95 40.19 -33.37 5.92
C THR B 95 41.63 -33.78 5.59
N ASN B 96 41.79 -34.43 4.43
CA ASN B 96 43.09 -34.93 3.98
C ASN B 96 43.83 -33.86 3.17
N VAL B 97 44.05 -32.71 3.81
CA VAL B 97 44.88 -31.66 3.23
C VAL B 97 45.70 -31.03 4.36
N PRO B 98 47.01 -30.85 4.19
CA PRO B 98 47.85 -30.42 5.31
C PRO B 98 47.75 -28.93 5.58
N TRP B 99 48.29 -28.55 6.74
CA TRP B 99 48.37 -27.15 7.14
C TRP B 99 49.58 -26.49 6.48
N ASN B 100 49.62 -25.16 6.56
CA ASN B 100 50.72 -24.37 6.04
C ASN B 100 51.31 -23.54 7.16
N SER B 101 52.64 -23.56 7.29
CA SER B 101 53.28 -22.80 8.35
C SER B 101 53.06 -21.30 8.17
N SER B 102 52.86 -20.84 6.94
CA SER B 102 52.63 -19.42 6.70
C SER B 102 51.35 -18.96 7.37
N TRP B 103 50.31 -19.80 7.36
CA TRP B 103 49.03 -19.41 7.95
C TRP B 103 49.17 -19.17 9.44
N SER B 104 49.92 -20.03 10.14
CA SER B 104 50.14 -19.85 11.57
C SER B 104 51.45 -20.53 11.95
N ASN B 105 52.27 -19.83 12.73
CA ASN B 105 53.55 -20.35 13.21
C ASN B 105 53.51 -20.75 14.67
N ARG B 106 52.36 -20.69 15.31
CA ARG B 106 52.27 -20.93 16.75
C ARG B 106 51.97 -22.40 17.04
N ASN B 107 52.43 -22.86 18.19
CA ASN B 107 52.35 -24.27 18.53
C ASN B 107 50.92 -24.66 18.90
N LEU B 108 50.69 -25.98 18.96
CA LEU B 108 49.36 -26.48 19.30
C LEU B 108 48.94 -26.05 20.70
N SER B 109 49.86 -26.14 21.67
CA SER B 109 49.53 -25.74 23.03
C SER B 109 49.18 -24.26 23.09
N GLU B 110 49.87 -23.44 22.30
CA GLU B 110 49.61 -22.00 22.29
C GLU B 110 48.28 -21.64 21.62
N ILE B 111 47.62 -22.59 20.98
CA ILE B 111 46.39 -22.34 20.24
C ILE B 111 45.17 -22.88 20.99
N TRP B 112 45.22 -24.13 21.42
CA TRP B 112 44.08 -24.81 22.01
C TRP B 112 44.00 -24.67 23.53
N ASP B 113 44.91 -23.91 24.14
CA ASP B 113 44.98 -23.84 25.59
C ASP B 113 44.72 -22.46 26.17
N ASN B 114 45.07 -21.38 25.46
CA ASN B 114 44.99 -20.03 26.01
C ASN B 114 43.99 -19.13 25.29
N MET B 115 44.13 -18.97 23.97
CA MET B 115 43.28 -18.02 23.26
C MET B 115 41.86 -18.57 23.10
N THR B 116 40.98 -17.73 22.59
CA THR B 116 39.61 -18.08 22.30
C THR B 116 39.36 -18.01 20.80
N TRP B 117 38.22 -18.55 20.38
CA TRP B 117 37.89 -18.57 18.95
C TRP B 117 37.79 -17.15 18.38
N LEU B 118 37.45 -16.17 19.22
CA LEU B 118 37.32 -14.80 18.73
C LEU B 118 38.64 -14.29 18.16
N GLN B 119 39.74 -14.54 18.87
CA GLN B 119 41.05 -14.13 18.36
C GLN B 119 41.45 -14.92 17.13
N TRP B 120 41.06 -16.20 17.06
CA TRP B 120 41.46 -17.05 15.94
C TRP B 120 40.91 -16.54 14.63
N ASP B 121 39.65 -16.08 14.63
CA ASP B 121 39.02 -15.67 13.38
C ASP B 121 39.79 -14.54 12.71
N LYS B 122 40.23 -13.55 13.49
CA LYS B 122 41.02 -12.46 12.92
C LYS B 122 42.41 -12.93 12.50
N GLU B 123 42.97 -13.93 13.20
CA GLU B 123 44.32 -14.38 12.89
C GLU B 123 44.40 -14.95 11.48
N ILE B 124 43.41 -15.75 11.07
CA ILE B 124 43.43 -16.41 9.78
C ILE B 124 42.25 -15.95 8.94
N SER B 125 41.81 -14.70 9.14
CA SER B 125 40.65 -14.19 8.42
C SER B 125 40.89 -14.18 6.91
N ASN B 126 42.08 -13.74 6.49
CA ASN B 126 42.34 -13.60 5.06
C ASN B 126 42.45 -14.93 4.35
N TYR B 127 42.86 -15.98 5.07
CA TYR B 127 43.07 -17.28 4.46
C TYR B 127 41.83 -18.17 4.45
N THR B 128 40.71 -17.70 5.01
CA THR B 128 39.51 -18.52 5.05
C THR B 128 39.03 -18.87 3.64
N GLN B 129 39.03 -17.87 2.75
CA GLN B 129 38.53 -18.11 1.39
C GLN B 129 39.41 -19.13 0.66
N ILE B 130 40.72 -19.04 0.83
CA ILE B 130 41.62 -19.95 0.13
C ILE B 130 41.49 -21.37 0.68
N ILE B 131 41.38 -21.51 2.01
CA ILE B 131 41.28 -22.83 2.61
C ILE B 131 40.00 -23.53 2.16
N TYR B 132 38.91 -22.77 2.01
CA TYR B 132 37.65 -23.35 1.56
C TYR B 132 37.81 -24.01 0.18
N GLY B 133 38.67 -23.44 -0.67
CA GLY B 133 38.89 -24.05 -1.97
C GLY B 133 39.57 -25.40 -1.87
N LEU B 134 40.60 -25.51 -1.01
CA LEU B 134 41.30 -26.78 -0.87
C LEU B 134 40.37 -27.86 -0.33
N LEU B 135 39.56 -27.54 0.68
CA LEU B 135 38.64 -28.52 1.24
C LEU B 135 37.63 -28.97 0.20
N GLU B 136 37.11 -28.03 -0.60
CA GLU B 136 36.07 -28.36 -1.56
C GLU B 136 36.57 -29.35 -2.61
N GLU B 137 37.78 -29.15 -3.11
CA GLU B 137 38.29 -30.02 -4.18
C GLU B 137 38.60 -31.42 -3.67
N SER B 138 39.04 -31.54 -2.42
CA SER B 138 39.43 -32.85 -1.89
C SER B 138 38.26 -33.80 -1.86
N GLN B 139 37.08 -33.33 -1.44
CA GLN B 139 35.92 -34.19 -1.35
C GLN B 139 35.54 -34.76 -2.71
N ASN B 140 35.53 -33.90 -3.74
CA ASN B 140 35.25 -34.37 -5.09
C ASN B 140 36.31 -35.36 -5.55
N GLN B 141 37.57 -35.09 -5.24
CA GLN B 141 38.64 -36.04 -5.55
C GLN B 141 38.44 -37.35 -4.80
N GLN B 142 38.01 -37.28 -3.54
CA GLN B 142 37.78 -38.49 -2.76
C GLN B 142 36.67 -39.33 -3.38
N GLU B 143 35.57 -38.69 -3.79
CA GLU B 143 34.48 -39.43 -4.40
C GLU B 143 34.90 -40.04 -5.72
N LYS B 144 35.68 -39.29 -6.52
CA LYS B 144 36.15 -39.83 -7.80
C LYS B 144 37.01 -41.08 -7.59
N ASN B 145 37.90 -41.03 -6.60
CA ASN B 145 38.74 -42.19 -6.32
C ASN B 145 37.92 -43.34 -5.75
N GLU B 146 37.00 -43.05 -4.83
CA GLU B 146 36.23 -44.10 -4.19
C GLU B 146 35.37 -44.86 -5.20
N GLN B 147 34.69 -44.12 -6.09
CA GLN B 147 33.81 -44.77 -7.04
C GLN B 147 34.58 -45.71 -7.97
N ASP B 148 35.74 -45.26 -8.45
CA ASP B 148 36.54 -46.10 -9.34
C ASP B 148 37.27 -47.20 -8.59
N LEU B 149 37.75 -46.91 -7.38
CA LEU B 149 38.56 -47.87 -6.65
C LEU B 149 37.77 -49.13 -6.31
N LEU B 150 36.55 -48.96 -5.82
CA LEU B 150 35.76 -50.12 -5.40
C LEU B 150 35.44 -51.02 -6.59
N ALA B 151 35.13 -50.43 -7.75
CA ALA B 151 34.83 -51.23 -8.92
C ALA B 151 36.04 -52.04 -9.36
N LEU B 152 37.22 -51.42 -9.39
CA LEU B 152 38.42 -52.14 -9.79
C LEU B 152 38.76 -53.24 -8.81
N ASP B 153 38.66 -52.96 -7.51
CA ASP B 153 38.98 -53.94 -6.48
C ASP B 153 37.72 -54.71 -6.06
N ASN C 3 20.45 -53.39 28.59
CA ASN C 3 19.76 -54.46 27.81
C ASN C 3 18.95 -53.86 26.67
N LEU C 4 18.14 -52.85 26.98
CA LEU C 4 17.32 -52.16 26.00
C LEU C 4 17.94 -50.81 25.65
N TRP C 5 17.91 -50.46 24.37
CA TRP C 5 18.50 -49.23 23.87
C TRP C 5 17.50 -48.53 22.96
N VAL C 6 17.63 -47.20 22.88
CA VAL C 6 16.68 -46.40 22.14
C VAL C 6 17.01 -46.45 20.65
N THR C 7 15.98 -46.25 19.83
CA THR C 7 16.14 -46.05 18.40
C THR C 7 15.15 -44.99 17.95
N VAL C 8 15.62 -44.05 17.14
CA VAL C 8 14.82 -42.91 16.70
C VAL C 8 14.30 -43.21 15.30
N TYR C 9 13.00 -43.04 15.10
CA TYR C 9 12.34 -43.28 13.83
C TYR C 9 11.84 -41.96 13.26
N TYR C 10 12.04 -41.77 11.96
CA TYR C 10 11.60 -40.56 11.27
C TYR C 10 10.53 -40.91 10.26
N GLY C 11 9.41 -40.20 10.32
CA GLY C 11 8.30 -40.44 9.42
C GLY C 11 7.21 -41.34 9.95
N VAL C 12 7.12 -41.53 11.27
CA VAL C 12 6.11 -42.40 11.86
C VAL C 12 4.74 -41.73 11.76
N PRO C 13 3.64 -42.49 11.75
CA PRO C 13 2.30 -41.88 11.68
C PRO C 13 1.77 -41.43 13.04
N VAL C 14 2.16 -40.23 13.44
CA VAL C 14 1.70 -39.62 14.69
C VAL C 14 1.27 -38.18 14.40
N TRP C 15 0.11 -37.80 14.91
CA TRP C 15 -0.42 -36.46 14.74
C TRP C 15 -1.08 -36.01 16.02
N LYS C 16 -1.18 -34.70 16.20
CA LYS C 16 -1.94 -34.13 17.30
C LYS C 16 -2.73 -32.93 16.78
N ASP C 17 -3.82 -32.62 17.46
CA ASP C 17 -4.67 -31.52 17.03
C ASP C 17 -3.90 -30.21 17.03
N ALA C 18 -4.02 -29.46 15.93
CA ALA C 18 -3.34 -28.19 15.81
C ALA C 18 -4.13 -27.29 14.87
N GLU C 19 -3.86 -25.99 14.96
CA GLU C 19 -4.55 -24.97 14.16
C GLU C 19 -3.56 -24.33 13.21
N THR C 20 -3.96 -24.18 11.95
CA THR C 20 -3.11 -23.57 10.94
C THR C 20 -3.98 -22.95 9.87
N THR C 21 -3.37 -22.07 9.08
CA THR C 21 -4.07 -21.40 7.98
C THR C 21 -4.13 -22.32 6.77
N LEU C 22 -5.33 -22.58 6.28
CA LEU C 22 -5.53 -23.41 5.10
C LEU C 22 -5.72 -22.52 3.88
N PHE C 23 -4.96 -22.82 2.82
CA PHE C 23 -5.07 -22.05 1.59
C PHE C 23 -6.26 -22.53 0.76
N CYS C 24 -6.49 -21.87 -0.36
CA CYS C 24 -7.68 -22.07 -1.17
C CYS C 24 -7.39 -22.94 -2.38
N ALA C 25 -8.39 -23.73 -2.78
CA ALA C 25 -8.36 -24.48 -4.03
C ALA C 25 -9.76 -24.47 -4.62
N SER C 26 -9.85 -24.19 -5.91
CA SER C 26 -11.13 -24.04 -6.59
C SER C 26 -11.07 -24.66 -7.98
N ASP C 27 -12.25 -24.88 -8.55
CA ASP C 27 -12.37 -25.48 -9.86
C ASP C 27 -12.02 -24.46 -10.95
N ALA C 28 -12.09 -24.92 -12.21
CA ALA C 28 -11.69 -24.09 -13.35
C ALA C 28 -12.85 -23.32 -13.97
N LYS C 29 -14.07 -23.45 -13.43
CA LYS C 29 -15.21 -22.74 -14.01
C LYS C 29 -15.01 -21.24 -13.95
N ALA C 30 -14.94 -20.68 -12.73
CA ALA C 30 -14.78 -19.24 -12.59
C ALA C 30 -13.41 -18.77 -13.10
N TYR C 31 -12.37 -19.58 -12.86
CA TYR C 31 -11.03 -19.17 -13.24
C TYR C 31 -10.91 -18.98 -14.76
N GLU C 32 -11.50 -19.91 -15.53
CA GLU C 32 -11.40 -19.81 -16.98
C GLU C 32 -12.30 -18.70 -17.52
N THR C 33 -13.51 -18.58 -16.97
CA THR C 33 -14.45 -17.57 -17.47
C THR C 33 -13.91 -16.15 -17.23
N GLU C 34 -13.25 -15.94 -16.10
CA GLU C 34 -12.65 -14.64 -15.77
C GLU C 34 -13.71 -13.53 -15.70
N LYS C 35 -14.86 -13.86 -15.12
CA LYS C 35 -15.91 -12.88 -14.88
C LYS C 35 -15.74 -12.16 -13.55
N HIS C 36 -14.73 -12.53 -12.75
CA HIS C 36 -14.39 -11.82 -11.52
C HIS C 36 -15.57 -11.82 -10.54
N ASN C 37 -15.90 -13.03 -10.09
CA ASN C 37 -16.92 -13.21 -9.06
C ASN C 37 -16.55 -12.39 -7.82
N VAL C 38 -17.52 -12.13 -6.94
CA VAL C 38 -17.25 -11.32 -5.75
C VAL C 38 -16.16 -11.96 -4.89
N TRP C 39 -16.04 -13.28 -4.95
CA TRP C 39 -14.99 -13.99 -4.23
C TRP C 39 -13.82 -14.25 -5.19
N ALA C 40 -12.60 -13.99 -4.70
CA ALA C 40 -11.41 -14.05 -5.55
C ALA C 40 -11.02 -15.49 -5.85
N THR C 41 -11.89 -16.16 -6.61
CA THR C 41 -11.59 -17.52 -7.06
C THR C 41 -10.46 -17.54 -8.07
N HIS C 42 -10.24 -16.45 -8.80
CA HIS C 42 -9.11 -16.39 -9.73
C HIS C 42 -7.79 -16.50 -8.98
N ALA C 43 -7.66 -15.80 -7.86
CA ALA C 43 -6.45 -15.91 -7.06
C ALA C 43 -6.37 -17.27 -6.36
N CYS C 44 -7.52 -17.88 -6.09
CA CYS C 44 -7.53 -19.20 -5.47
C CYS C 44 -6.79 -20.20 -6.35
N VAL C 45 -6.00 -21.07 -5.71
CA VAL C 45 -5.16 -21.99 -6.47
C VAL C 45 -6.05 -22.94 -7.28
N PRO C 46 -5.64 -23.36 -8.47
CA PRO C 46 -6.44 -24.40 -9.17
C PRO C 46 -6.50 -25.68 -8.37
N THR C 47 -7.66 -26.34 -8.43
CA THR C 47 -7.87 -27.55 -7.65
C THR C 47 -7.16 -28.74 -8.27
N ASP C 48 -6.99 -29.79 -7.48
CA ASP C 48 -6.39 -31.01 -7.95
C ASP C 48 -7.33 -31.73 -8.93
N PRO C 49 -6.79 -32.58 -9.80
CA PRO C 49 -7.67 -33.27 -10.77
C PRO C 49 -8.75 -34.09 -10.11
N ASN C 50 -8.47 -34.72 -8.97
CA ASN C 50 -9.47 -35.53 -8.27
C ASN C 50 -9.06 -35.65 -6.82
N PRO C 51 -9.99 -36.01 -5.94
CA PRO C 51 -9.63 -36.20 -4.52
C PRO C 51 -8.68 -37.37 -4.33
N GLN C 52 -7.91 -37.30 -3.26
CA GLN C 52 -6.90 -38.30 -2.90
C GLN C 52 -7.19 -38.91 -1.54
N GLU C 53 -8.45 -39.32 -1.33
CA GLU C 53 -8.85 -39.88 -0.04
C GLU C 53 -8.07 -41.16 0.28
N ILE C 54 -7.68 -41.31 1.54
CA ILE C 54 -7.14 -42.54 2.07
C ILE C 54 -7.99 -42.95 3.27
N HIS C 55 -8.38 -44.22 3.32
CA HIS C 55 -9.15 -44.74 4.43
C HIS C 55 -8.20 -45.24 5.51
N LEU C 56 -8.28 -44.65 6.70
CA LEU C 56 -7.44 -45.03 7.83
C LEU C 56 -8.19 -46.07 8.64
N GLU C 57 -7.66 -47.28 8.70
CA GLU C 57 -8.31 -48.39 9.37
C GLU C 57 -7.84 -48.51 10.82
N ASN C 58 -8.74 -48.99 11.67
CA ASN C 58 -8.49 -49.29 13.07
C ASN C 58 -8.20 -48.06 13.92
N VAL C 59 -8.42 -46.86 13.39
CA VAL C 59 -8.11 -45.62 14.09
C VAL C 59 -9.40 -44.86 14.37
N THR C 60 -9.52 -44.35 15.59
CA THR C 60 -10.65 -43.53 16.00
C THR C 60 -10.12 -42.17 16.48
N GLU C 61 -10.78 -41.11 16.04
CA GLU C 61 -10.36 -39.75 16.36
C GLU C 61 -11.53 -39.00 16.97
N GLU C 62 -11.19 -38.06 17.87
CA GLU C 62 -12.19 -37.24 18.54
C GLU C 62 -12.45 -35.99 17.72
N PHE C 63 -13.72 -35.74 17.41
CA PHE C 63 -14.13 -34.58 16.62
C PHE C 63 -15.04 -33.70 17.45
N ASN C 64 -14.97 -32.39 17.18
CA ASN C 64 -15.79 -31.41 17.90
C ASN C 64 -16.05 -30.24 16.94
N MET C 65 -17.26 -30.18 16.41
CA MET C 65 -17.60 -29.15 15.43
C MET C 65 -17.82 -27.78 16.06
N TRP C 66 -18.04 -27.72 17.37
CA TRP C 66 -18.31 -26.45 18.04
C TRP C 66 -17.02 -25.71 18.41
N LYS C 67 -15.93 -26.44 18.62
CA LYS C 67 -14.62 -25.84 18.86
C LYS C 67 -13.75 -25.82 17.60
N ASN C 68 -14.30 -26.22 16.47
CA ASN C 68 -13.53 -26.23 15.22
C ASN C 68 -13.11 -24.83 14.84
N ASN C 69 -11.83 -24.68 14.46
CA ASN C 69 -11.31 -23.40 14.01
C ASN C 69 -11.51 -23.18 12.52
N MET C 70 -11.79 -24.24 11.76
CA MET C 70 -11.93 -24.09 10.31
C MET C 70 -13.05 -23.13 9.97
N VAL C 71 -14.13 -23.09 10.76
CA VAL C 71 -15.22 -22.17 10.51
C VAL C 71 -14.77 -20.73 10.80
N GLU C 72 -13.97 -20.53 11.85
CA GLU C 72 -13.53 -19.18 12.19
C GLU C 72 -12.68 -18.58 11.10
N GLN C 73 -11.72 -19.35 10.56
CA GLN C 73 -10.90 -18.85 9.46
C GLN C 73 -11.76 -18.63 8.21
N MET C 74 -12.70 -19.52 7.94
CA MET C 74 -13.63 -19.33 6.83
C MET C 74 -14.44 -18.05 7.03
N HIS C 75 -14.84 -17.78 8.28
CA HIS C 75 -15.56 -16.54 8.57
C HIS C 75 -14.71 -15.32 8.27
N THR C 76 -13.43 -15.36 8.64
CA THR C 76 -12.55 -14.22 8.39
C THR C 76 -12.27 -14.05 6.90
N ASP C 77 -11.93 -15.15 6.22
CA ASP C 77 -11.52 -15.06 4.82
C ASP C 77 -12.65 -14.54 3.94
N ILE C 78 -13.86 -15.08 4.13
CA ILE C 78 -14.96 -14.72 3.25
C ILE C 78 -15.37 -13.25 3.45
N ILE C 79 -15.38 -12.78 4.70
CA ILE C 79 -15.67 -11.37 4.94
C ILE C 79 -14.60 -10.50 4.31
N SER C 80 -13.33 -10.89 4.45
CA SER C 80 -12.25 -10.11 3.86
C SER C 80 -12.38 -10.06 2.34
N LEU C 81 -12.73 -11.19 1.72
CA LEU C 81 -12.93 -11.22 0.27
C LEU C 81 -14.11 -10.36 -0.13
N TRP C 82 -15.17 -10.38 0.66
CA TRP C 82 -16.38 -9.63 0.31
C TRP C 82 -16.09 -8.12 0.23
N ASP C 83 -15.35 -7.59 1.20
CA ASP C 83 -15.04 -6.16 1.19
C ASP C 83 -13.98 -5.81 0.16
N GLN C 84 -13.07 -6.73 -0.15
CA GLN C 84 -12.04 -6.45 -1.13
C GLN C 84 -12.64 -6.20 -2.51
N SER C 85 -13.78 -6.81 -2.80
CA SER C 85 -14.44 -6.62 -4.08
C SER C 85 -15.15 -5.28 -4.21
N LEU C 86 -15.23 -4.51 -3.12
CA LEU C 86 -15.93 -3.23 -3.14
C LEU C 86 -14.98 -2.04 -3.24
N LYS C 87 -13.70 -2.22 -2.96
CA LYS C 87 -12.76 -1.11 -3.03
C LYS C 87 -12.68 -0.49 -4.41
N PRO C 88 -12.55 -1.24 -5.51
CA PRO C 88 -12.34 -0.60 -6.81
C PRO C 88 -13.47 0.31 -7.25
N CYS C 89 -14.70 -0.19 -7.25
CA CYS C 89 -15.80 0.50 -7.92
C CYS C 89 -16.32 1.65 -7.05
N VAL C 90 -17.29 2.39 -7.61
CA VAL C 90 -17.56 3.75 -7.16
C VAL C 90 -18.16 3.76 -5.76
N LYS C 91 -18.01 4.91 -5.09
CA LYS C 91 -18.59 5.16 -3.78
C LYS C 91 -19.71 6.19 -3.90
N LEU C 92 -20.86 5.89 -3.31
CA LEU C 92 -22.03 6.76 -3.41
C LEU C 92 -22.10 7.69 -2.20
N THR C 93 -21.06 8.52 -2.07
CA THR C 93 -21.04 9.54 -1.04
C THR C 93 -21.95 10.73 -1.37
N PRO C 94 -22.10 11.13 -2.64
CA PRO C 94 -22.90 12.33 -2.92
C PRO C 94 -24.40 12.07 -2.95
N LEU C 95 -24.85 10.83 -2.77
CA LEU C 95 -26.27 10.53 -2.80
C LEU C 95 -27.01 11.03 -1.58
N CYS C 96 -26.30 11.51 -0.55
CA CYS C 96 -26.95 11.99 0.67
C CYS C 96 -27.40 13.43 0.45
N VAL C 97 -28.65 13.57 0.02
CA VAL C 97 -29.28 14.87 -0.20
C VAL C 97 -30.76 14.74 0.16
N THR C 98 -31.48 15.85 0.04
CA THR C 98 -32.91 15.84 0.29
C THR C 98 -33.63 15.15 -0.86
N LEU C 99 -34.58 14.28 -0.53
CA LEU C 99 -35.35 13.53 -1.51
C LEU C 99 -36.81 13.97 -1.45
N GLN C 100 -37.37 14.33 -2.60
CA GLN C 100 -38.77 14.73 -2.71
C GLN C 100 -39.55 13.51 -3.21
N CYS C 101 -40.15 12.77 -2.28
CA CYS C 101 -40.75 11.48 -2.56
C CYS C 101 -42.27 11.59 -2.60
N THR C 102 -42.87 10.93 -3.58
CA THR C 102 -44.32 10.80 -3.68
C THR C 102 -44.67 9.35 -3.98
N ASN C 103 -45.84 8.92 -3.53
CA ASN C 103 -46.24 7.53 -3.71
C ASN C 103 -46.44 7.22 -5.18
N VAL C 104 -46.01 6.02 -5.58
CA VAL C 104 -46.34 5.49 -6.89
C VAL C 104 -47.71 4.85 -6.83
N THR C 105 -48.54 5.10 -7.85
CA THR C 105 -49.91 4.62 -7.86
C THR C 105 -50.37 4.14 -9.23
N ASN C 106 -49.50 4.08 -10.23
CA ASN C 106 -49.95 3.77 -11.59
C ASN C 106 -50.56 2.38 -11.68
N ASN C 107 -49.89 1.37 -11.10
CA ASN C 107 -50.29 -0.02 -11.26
C ASN C 107 -50.16 -0.79 -9.95
N ILE C 108 -50.32 -0.12 -8.82
CA ILE C 108 -50.03 -0.72 -7.52
C ILE C 108 -51.18 -1.64 -7.11
N THR C 109 -50.82 -2.74 -6.44
CA THR C 109 -51.78 -3.68 -5.87
C THR C 109 -51.97 -3.36 -4.39
N ASP C 110 -53.08 -3.86 -3.85
CA ASP C 110 -53.43 -3.55 -2.46
C ASP C 110 -52.35 -4.03 -1.49
N ASP C 111 -51.84 -5.24 -1.69
CA ASP C 111 -50.84 -5.78 -0.79
C ASP C 111 -49.52 -5.01 -0.81
N MET C 112 -49.31 -4.18 -1.83
CA MET C 112 -48.08 -3.42 -2.01
C MET C 112 -48.41 -1.95 -2.20
N ARG C 113 -49.28 -1.42 -1.33
CA ARG C 113 -49.83 -0.08 -1.53
C ARG C 113 -48.73 0.98 -1.46
N GLY C 114 -47.93 0.96 -0.40
CA GLY C 114 -46.95 2.01 -0.19
C GLY C 114 -45.56 1.48 0.11
N GLU C 115 -45.18 0.39 -0.55
CA GLU C 115 -43.91 -0.26 -0.28
C GLU C 115 -42.72 0.41 -0.97
N LEU C 116 -42.97 1.35 -1.89
CA LEU C 116 -41.88 2.02 -2.59
C LEU C 116 -42.26 3.48 -2.83
N LYS C 117 -41.25 4.29 -3.08
CA LYS C 117 -41.41 5.72 -3.23
C LYS C 117 -40.80 6.17 -4.56
N ASN C 118 -41.27 7.31 -5.05
CA ASN C 118 -40.78 7.93 -6.27
C ASN C 118 -40.15 9.27 -5.88
N CYS C 119 -38.83 9.28 -5.73
CA CYS C 119 -38.11 10.42 -5.17
C CYS C 119 -37.30 11.12 -6.25
N SER C 120 -37.39 12.44 -6.28
CA SER C 120 -36.60 13.29 -7.17
C SER C 120 -35.61 14.10 -6.34
N PHE C 121 -34.39 14.22 -6.85
CA PHE C 121 -33.33 14.89 -6.10
C PHE C 121 -32.39 15.58 -7.07
N ASN C 122 -31.67 16.58 -6.56
CA ASN C 122 -30.63 17.27 -7.30
C ASN C 122 -29.34 16.47 -7.19
N MET C 123 -28.68 16.26 -8.34
CA MET C 123 -27.50 15.41 -8.39
C MET C 123 -26.38 16.10 -9.15
N THR C 124 -25.15 15.80 -8.76
CA THR C 124 -24.00 16.31 -9.48
C THR C 124 -23.91 15.66 -10.86
N THR C 125 -23.04 16.20 -11.70
CA THR C 125 -22.85 15.71 -13.05
C THR C 125 -21.35 15.64 -13.35
N GLU C 126 -21.02 15.43 -14.61
CA GLU C 126 -19.62 15.27 -14.99
C GLU C 126 -18.81 16.53 -14.71
N LEU C 127 -19.38 17.71 -14.97
CA LEU C 127 -18.72 18.98 -14.72
C LEU C 127 -19.08 19.47 -13.32
N ARG C 128 -18.06 19.89 -12.58
CA ARG C 128 -18.26 20.23 -11.17
C ARG C 128 -19.11 21.48 -10.97
N ASP C 129 -19.14 22.38 -11.94
CA ASP C 129 -19.92 23.61 -11.80
C ASP C 129 -21.39 23.44 -12.15
N LYS C 130 -21.79 22.27 -12.65
CA LYS C 130 -23.16 22.01 -13.04
C LYS C 130 -23.75 20.89 -12.21
N LYS C 131 -25.08 20.80 -12.22
CA LYS C 131 -25.79 19.73 -11.54
C LYS C 131 -27.04 19.39 -12.34
N GLN C 132 -27.53 18.16 -12.14
CA GLN C 132 -28.66 17.63 -12.89
C GLN C 132 -29.77 17.23 -11.94
N LYS C 133 -31.02 17.43 -12.39
CA LYS C 133 -32.19 17.01 -11.64
C LYS C 133 -32.63 15.65 -12.16
N VAL C 134 -32.66 14.65 -11.28
CA VAL C 134 -32.99 13.28 -11.64
C VAL C 134 -33.94 12.71 -10.60
N TYR C 135 -34.50 11.54 -10.92
CA TYR C 135 -35.43 10.86 -10.03
C TYR C 135 -35.14 9.37 -10.07
N SER C 136 -35.58 8.68 -9.02
CA SER C 136 -35.37 7.24 -8.90
C SER C 136 -36.45 6.66 -8.02
N LEU C 137 -36.64 5.35 -8.14
CA LEU C 137 -37.60 4.61 -7.31
C LEU C 137 -36.84 3.95 -6.16
N PHE C 138 -37.24 4.27 -4.94
CA PHE C 138 -36.62 3.74 -3.73
C PHE C 138 -37.65 2.98 -2.91
N TYR C 139 -37.25 1.83 -2.39
CA TYR C 139 -38.12 1.09 -1.50
C TYR C 139 -38.30 1.83 -0.18
N ARG C 140 -39.45 1.65 0.45
CA ARG C 140 -39.75 2.38 1.68
C ARG C 140 -38.76 2.03 2.78
N LEU C 141 -38.14 0.85 2.72
CA LEU C 141 -37.22 0.43 3.76
C LEU C 141 -35.89 1.17 3.70
N ASP C 142 -35.63 1.92 2.63
CA ASP C 142 -34.36 2.61 2.45
C ASP C 142 -34.45 4.12 2.65
N VAL C 143 -35.63 4.65 2.95
CA VAL C 143 -35.83 6.08 3.11
C VAL C 143 -36.55 6.34 4.42
N VAL C 144 -36.21 7.46 5.06
CA VAL C 144 -36.80 7.87 6.33
C VAL C 144 -37.17 9.34 6.25
N GLN C 145 -38.34 9.67 6.78
CA GLN C 145 -38.80 11.06 6.78
C GLN C 145 -37.86 11.93 7.60
N ILE C 146 -37.61 13.15 7.10
CA ILE C 146 -36.80 14.10 7.85
C ILE C 146 -37.48 14.49 9.15
N ASN C 147 -38.79 14.74 9.09
CA ASN C 147 -39.56 15.11 10.29
C ASN C 147 -40.44 13.94 10.73
N LYS C 159 -43.10 14.81 0.48
CA LYS C 159 -42.36 15.29 1.64
C LYS C 159 -40.87 15.03 1.49
N GLU C 160 -40.09 15.49 2.46
CA GLU C 160 -38.64 15.36 2.41
C GLU C 160 -38.20 14.04 3.03
N TYR C 161 -37.35 13.31 2.31
CA TYR C 161 -36.83 12.04 2.77
C TYR C 161 -35.32 12.02 2.60
N ARG C 162 -34.68 11.07 3.27
CA ARG C 162 -33.25 10.84 3.13
C ARG C 162 -32.98 9.35 3.24
N LEU C 163 -31.85 8.93 2.67
CA LEU C 163 -31.46 7.53 2.74
C LEU C 163 -31.16 7.13 4.19
N ILE C 164 -31.42 5.87 4.50
CA ILE C 164 -31.25 5.37 5.86
C ILE C 164 -29.79 5.48 6.29
N ASN C 165 -28.86 5.27 5.37
CA ASN C 165 -27.45 5.17 5.70
C ASN C 165 -26.76 6.52 5.90
N CYS C 166 -27.44 7.63 5.60
CA CYS C 166 -26.76 8.92 5.59
C CYS C 166 -26.22 9.28 6.97
N ASN C 167 -27.00 9.05 8.02
CA ASN C 167 -26.55 9.34 9.38
C ASN C 167 -25.74 8.19 9.98
N THR C 168 -25.24 7.28 9.16
CA THR C 168 -24.42 6.17 9.62
C THR C 168 -23.01 6.20 9.05
N SER C 169 -22.86 6.29 7.74
CA SER C 169 -21.54 6.33 7.12
C SER C 169 -21.70 6.49 5.61
N ALA C 170 -20.62 6.93 4.98
CA ALA C 170 -20.57 6.95 3.51
C ALA C 170 -20.80 5.54 3.00
N CYS C 171 -21.60 5.43 1.95
CA CYS C 171 -22.29 4.17 1.67
C CYS C 171 -21.99 3.77 0.23
N THR C 172 -21.26 2.66 0.06
CA THR C 172 -20.77 2.22 -1.24
C THR C 172 -21.78 1.32 -1.93
N GLN C 173 -21.67 1.23 -3.26
CA GLN C 173 -22.55 0.40 -4.07
C GLN C 173 -21.82 -0.82 -4.60
N ALA C 174 -22.53 -1.94 -4.67
CA ALA C 174 -21.99 -3.13 -5.31
C ALA C 174 -21.70 -2.85 -6.77
N CYS C 175 -20.61 -3.42 -7.27
CA CYS C 175 -20.18 -3.21 -8.64
C CYS C 175 -20.96 -4.16 -9.55
N PRO C 176 -21.67 -3.66 -10.58
CA PRO C 176 -22.56 -4.56 -11.33
C PRO C 176 -21.87 -5.76 -11.96
N LYS C 177 -20.65 -5.58 -12.45
CA LYS C 177 -20.01 -6.64 -13.24
C LYS C 177 -19.76 -7.88 -12.41
N VAL C 178 -19.29 -7.73 -11.18
CA VAL C 178 -18.93 -8.89 -10.36
C VAL C 178 -20.21 -9.57 -9.86
N SER C 179 -20.27 -10.89 -10.04
CA SER C 179 -21.44 -11.66 -9.65
C SER C 179 -21.41 -11.96 -8.15
N PHE C 180 -22.55 -12.43 -7.64
CA PHE C 180 -22.69 -12.78 -6.24
C PHE C 180 -22.97 -14.27 -6.03
N GLU C 181 -23.15 -15.05 -7.09
CA GLU C 181 -23.51 -16.44 -6.93
C GLU C 181 -22.39 -17.21 -6.24
N PRO C 182 -22.70 -18.06 -5.25
CA PRO C 182 -21.65 -18.85 -4.61
C PRO C 182 -20.94 -19.75 -5.60
N ILE C 183 -19.63 -19.89 -5.42
CA ILE C 183 -18.80 -20.80 -6.20
C ILE C 183 -18.10 -21.73 -5.22
N PRO C 184 -18.13 -23.04 -5.42
CA PRO C 184 -17.50 -23.94 -4.44
C PRO C 184 -16.02 -23.63 -4.25
N ILE C 185 -15.57 -23.69 -3.00
CA ILE C 185 -14.19 -23.44 -2.63
C ILE C 185 -13.70 -24.59 -1.77
N HIS C 186 -12.49 -25.06 -2.06
CA HIS C 186 -11.89 -26.19 -1.35
C HIS C 186 -10.78 -25.66 -0.45
N TYR C 187 -10.75 -26.14 0.80
CA TYR C 187 -9.72 -25.77 1.76
C TYR C 187 -8.71 -26.90 1.88
N CYS C 188 -7.45 -26.56 1.69
CA CYS C 188 -6.36 -27.54 1.69
C CYS C 188 -5.31 -27.14 2.72
N ALA C 189 -4.77 -28.14 3.41
CA ALA C 189 -3.78 -27.88 4.44
C ALA C 189 -2.38 -27.81 3.84
N PRO C 190 -1.47 -27.06 4.45
CA PRO C 190 -0.10 -27.00 3.94
C PRO C 190 0.70 -28.26 4.25
N ALA C 191 1.95 -28.31 3.81
CA ALA C 191 2.78 -29.47 4.08
C ALA C 191 3.01 -29.63 5.59
N GLY C 192 3.08 -30.88 6.03
CA GLY C 192 3.22 -31.18 7.44
C GLY C 192 1.92 -31.22 8.21
N PHE C 193 0.79 -30.93 7.55
CA PHE C 193 -0.52 -30.95 8.19
C PHE C 193 -1.44 -31.86 7.39
N ALA C 194 -2.47 -32.37 8.06
CA ALA C 194 -3.43 -33.26 7.44
C ALA C 194 -4.84 -32.90 7.89
N ILE C 195 -5.81 -33.26 7.06
CA ILE C 195 -7.23 -33.03 7.36
C ILE C 195 -7.90 -34.40 7.47
N LEU C 196 -8.63 -34.62 8.56
CA LEU C 196 -9.30 -35.88 8.83
C LEU C 196 -10.79 -35.71 8.62
N LYS C 197 -11.39 -36.62 7.85
CA LYS C 197 -12.82 -36.60 7.56
C LYS C 197 -13.50 -37.73 8.32
N CYS C 198 -14.58 -37.39 9.02
CA CYS C 198 -15.35 -38.37 9.78
C CYS C 198 -16.47 -38.91 8.89
N LYS C 199 -16.46 -40.22 8.67
CA LYS C 199 -17.42 -40.87 7.78
C LYS C 199 -18.49 -41.65 8.54
N ASP C 200 -18.62 -41.42 9.85
CA ASP C 200 -19.65 -42.08 10.63
C ASP C 200 -21.01 -41.45 10.34
N LYS C 201 -21.93 -42.23 9.78
CA LYS C 201 -23.21 -41.68 9.35
C LYS C 201 -24.03 -41.16 10.53
N LYS C 202 -23.84 -41.74 11.71
CA LYS C 202 -24.61 -41.36 12.90
C LYS C 202 -23.87 -40.34 13.75
N PHE C 203 -22.80 -39.74 13.24
CA PHE C 203 -22.01 -38.80 14.02
C PHE C 203 -22.83 -37.57 14.36
N ASN C 204 -23.02 -37.33 15.65
CA ASN C 204 -23.66 -36.10 16.12
C ASN C 204 -22.59 -35.01 16.26
N GLY C 205 -22.94 -33.92 16.94
CA GLY C 205 -22.04 -32.77 16.97
C GLY C 205 -20.66 -33.10 17.49
N THR C 206 -20.59 -33.82 18.60
CA THR C 206 -19.31 -34.13 19.24
C THR C 206 -19.27 -35.60 19.63
N GLY C 207 -18.07 -36.17 19.60
CA GLY C 207 -17.86 -37.55 19.99
C GLY C 207 -16.86 -38.26 19.10
N PRO C 208 -16.40 -39.43 19.52
CA PRO C 208 -15.46 -40.19 18.69
C PRO C 208 -16.11 -40.67 17.41
N CYS C 209 -15.29 -40.75 16.35
CA CYS C 209 -15.75 -41.19 15.03
C CYS C 209 -15.07 -42.51 14.68
N PRO C 210 -15.78 -43.65 14.76
CA PRO C 210 -15.11 -44.93 14.46
C PRO C 210 -14.51 -45.01 13.08
N SER C 211 -15.16 -44.41 12.08
CA SER C 211 -14.67 -44.44 10.70
C SER C 211 -14.03 -43.11 10.37
N VAL C 212 -12.73 -43.12 10.08
CA VAL C 212 -11.95 -41.92 9.85
C VAL C 212 -11.21 -42.05 8.53
N SER C 213 -11.12 -40.95 7.79
CA SER C 213 -10.37 -40.88 6.54
C SER C 213 -9.63 -39.55 6.49
N THR C 214 -8.57 -39.52 5.69
CA THR C 214 -7.73 -38.34 5.55
C THR C 214 -7.76 -37.85 4.12
N VAL C 215 -7.86 -36.53 3.95
CA VAL C 215 -7.87 -35.88 2.65
C VAL C 215 -6.93 -34.69 2.70
N GLN C 216 -6.48 -34.28 1.51
CA GLN C 216 -5.66 -33.08 1.38
C GLN C 216 -6.50 -31.83 1.15
N CYS C 217 -7.68 -31.98 0.58
CA CYS C 217 -8.56 -30.85 0.29
C CYS C 217 -10.00 -31.25 0.60
N THR C 218 -10.74 -30.34 1.22
CA THR C 218 -12.14 -30.59 1.52
C THR C 218 -12.98 -30.43 0.26
N HIS C 219 -14.19 -31.00 0.31
CA HIS C 219 -15.10 -30.88 -0.82
C HIS C 219 -15.58 -29.43 -0.94
N GLY C 220 -16.01 -29.08 -2.15
CA GLY C 220 -16.42 -27.72 -2.44
C GLY C 220 -17.50 -27.19 -1.50
N ILE C 221 -17.17 -26.17 -0.73
CA ILE C 221 -18.11 -25.53 0.19
C ILE C 221 -18.63 -24.26 -0.47
N LYS C 222 -19.95 -24.15 -0.57
CA LYS C 222 -20.57 -23.00 -1.22
C LYS C 222 -20.88 -21.94 -0.16
N PRO C 223 -20.33 -20.71 -0.27
CA PRO C 223 -20.61 -19.70 0.75
C PRO C 223 -22.01 -19.12 0.62
N VAL C 224 -23.02 -19.93 0.93
CA VAL C 224 -24.40 -19.48 0.91
C VAL C 224 -24.70 -18.75 2.22
N VAL C 225 -25.22 -17.53 2.12
CA VAL C 225 -25.54 -16.70 3.27
C VAL C 225 -27.05 -16.61 3.38
N SER C 226 -27.60 -17.06 4.51
CA SER C 226 -29.04 -17.05 4.72
C SER C 226 -29.31 -17.14 6.21
N THR C 227 -30.57 -16.89 6.57
CA THR C 227 -31.01 -16.93 7.96
C THR C 227 -32.29 -17.76 8.07
N GLN C 228 -32.36 -18.57 9.13
CA GLN C 228 -33.54 -19.38 9.44
C GLN C 228 -33.71 -20.56 8.51
N LEU C 229 -32.89 -20.65 7.46
CA LEU C 229 -33.00 -21.73 6.49
C LEU C 229 -31.64 -21.92 5.83
N LEU C 230 -31.22 -23.17 5.68
CA LEU C 230 -29.98 -23.51 5.01
C LEU C 230 -30.29 -23.95 3.60
N LEU C 231 -29.78 -23.21 2.61
CA LEU C 231 -30.09 -23.43 1.21
C LEU C 231 -28.86 -23.90 0.46
N ASN C 232 -29.07 -24.81 -0.50
CA ASN C 232 -28.00 -25.30 -1.35
C ASN C 232 -26.85 -25.88 -0.53
N GLY C 233 -27.19 -26.64 0.50
CA GLY C 233 -26.22 -27.28 1.36
C GLY C 233 -26.14 -28.78 1.13
N SER C 234 -25.18 -29.39 1.81
CA SER C 234 -25.01 -30.84 1.76
C SER C 234 -26.10 -31.53 2.57
N LEU C 235 -26.56 -32.67 2.07
CA LEU C 235 -27.67 -33.40 2.67
C LEU C 235 -27.15 -34.56 3.52
N ALA C 236 -27.93 -34.90 4.55
CA ALA C 236 -27.64 -36.08 5.36
C ALA C 236 -28.11 -37.33 4.62
N GLU C 237 -27.76 -38.49 5.18
CA GLU C 237 -28.06 -39.78 4.57
C GLU C 237 -28.83 -40.64 5.55
N GLU C 238 -30.01 -41.11 5.13
CA GLU C 238 -30.85 -42.10 5.78
C GLU C 238 -31.58 -41.52 7.00
N GLU C 239 -31.29 -40.31 7.45
CA GLU C 239 -31.95 -39.76 8.62
C GLU C 239 -31.74 -38.25 8.67
N VAL C 240 -32.73 -37.56 9.22
CA VAL C 240 -32.58 -36.14 9.52
C VAL C 240 -31.79 -36.01 10.82
N MET C 241 -30.71 -35.23 10.77
CA MET C 241 -29.78 -35.13 11.89
C MET C 241 -29.98 -33.82 12.63
N ILE C 242 -29.99 -33.91 13.96
CA ILE C 242 -30.12 -32.75 14.84
C ILE C 242 -28.85 -32.67 15.69
N ARG C 243 -28.20 -31.51 15.69
CA ARG C 243 -26.96 -31.32 16.41
C ARG C 243 -27.01 -30.00 17.16
N SER C 244 -26.46 -30.00 18.38
CA SER C 244 -26.38 -28.79 19.18
C SER C 244 -25.28 -28.99 20.22
N GLU C 245 -24.65 -27.88 20.62
CA GLU C 245 -23.55 -27.96 21.58
C GLU C 245 -24.03 -28.50 22.92
N ASN C 246 -25.20 -28.04 23.38
CA ASN C 246 -25.75 -28.48 24.66
C ASN C 246 -27.27 -28.42 24.51
N ILE C 247 -27.89 -29.59 24.29
CA ILE C 247 -29.31 -29.63 23.97
C ILE C 247 -30.14 -29.08 25.12
N THR C 248 -29.73 -29.35 26.36
CA THR C 248 -30.52 -28.91 27.51
C THR C 248 -30.37 -27.42 27.80
N ASN C 249 -29.47 -26.72 27.11
CA ASN C 249 -29.29 -25.28 27.28
C ASN C 249 -29.99 -24.56 26.13
N ASN C 250 -30.88 -23.63 26.48
CA ASN C 250 -31.65 -22.93 25.46
C ASN C 250 -30.83 -21.88 24.72
N ALA C 251 -29.70 -21.44 25.30
CA ALA C 251 -28.88 -20.42 24.66
C ALA C 251 -28.14 -20.93 23.44
N LYS C 252 -28.15 -22.25 23.20
CA LYS C 252 -27.45 -22.85 22.07
C LYS C 252 -28.44 -23.14 20.95
N ASN C 253 -28.10 -22.69 19.74
CA ASN C 253 -28.95 -22.94 18.58
C ASN C 253 -28.94 -24.41 18.22
N ILE C 254 -30.00 -24.85 17.56
CA ILE C 254 -30.18 -26.24 17.16
C ILE C 254 -30.06 -26.31 15.65
N LEU C 255 -29.13 -27.14 15.16
CA LEU C 255 -28.93 -27.32 13.73
C LEU C 255 -29.61 -28.60 13.28
N VAL C 256 -30.34 -28.51 12.16
CA VAL C 256 -31.06 -29.63 11.58
C VAL C 256 -30.61 -29.80 10.15
N GLN C 257 -30.44 -31.05 9.72
CA GLN C 257 -29.99 -31.39 8.37
C GLN C 257 -30.96 -32.39 7.78
N PHE C 258 -31.64 -32.00 6.70
CA PHE C 258 -32.62 -32.87 6.07
C PHE C 258 -31.94 -33.98 5.30
N ASN C 259 -32.51 -35.20 5.38
CA ASN C 259 -32.01 -36.30 4.56
C ASN C 259 -32.38 -36.12 3.10
N THR C 260 -33.55 -35.54 2.83
CA THR C 260 -34.00 -35.24 1.48
C THR C 260 -34.37 -33.76 1.39
N PRO C 261 -34.17 -33.13 0.24
CA PRO C 261 -34.41 -31.69 0.14
C PRO C 261 -35.87 -31.35 -0.12
N VAL C 262 -36.20 -30.10 0.15
CA VAL C 262 -37.50 -29.53 -0.16
C VAL C 262 -37.28 -28.26 -0.98
N GLN C 263 -37.95 -28.16 -2.12
CA GLN C 263 -37.71 -27.09 -3.07
C GLN C 263 -38.51 -25.85 -2.71
N ILE C 264 -37.92 -24.69 -2.97
CA ILE C 264 -38.55 -23.40 -2.75
C ILE C 264 -38.34 -22.53 -3.99
N ASN C 265 -39.42 -21.94 -4.49
CA ASN C 265 -39.38 -21.10 -5.69
C ASN C 265 -39.61 -19.65 -5.27
N CYS C 266 -38.61 -18.80 -5.51
CA CYS C 266 -38.70 -17.38 -5.20
C CYS C 266 -38.67 -16.56 -6.50
N THR C 267 -39.40 -15.45 -6.50
CA THR C 267 -39.51 -14.63 -7.70
C THR C 267 -39.72 -13.17 -7.32
N ARG C 268 -39.40 -12.29 -8.27
CA ARG C 268 -39.68 -10.86 -8.18
C ARG C 268 -40.43 -10.48 -9.46
N PRO C 269 -41.76 -10.58 -9.47
CA PRO C 269 -42.49 -10.43 -10.74
C PRO C 269 -42.36 -9.06 -11.37
N ASN C 270 -41.99 -8.04 -10.61
CA ASN C 270 -41.92 -6.68 -11.15
C ASN C 270 -40.89 -6.61 -12.26
N ASN C 271 -41.30 -6.11 -13.43
CA ASN C 271 -40.40 -5.92 -14.57
C ASN C 271 -39.97 -4.46 -14.58
N ASN C 272 -38.92 -4.15 -13.83
CA ASN C 272 -38.41 -2.79 -13.73
C ASN C 272 -37.19 -2.61 -14.61
N THR C 273 -36.89 -1.34 -14.91
CA THR C 273 -35.83 -0.96 -15.82
C THR C 273 -34.73 -0.21 -15.08
N ARG C 274 -33.48 -0.46 -15.46
CA ARG C 274 -32.34 0.24 -14.89
C ARG C 274 -32.12 1.55 -15.65
N LYS C 275 -31.62 2.55 -14.93
CA LYS C 275 -31.37 3.87 -15.49
C LYS C 275 -30.06 4.39 -14.90
N SER C 276 -29.04 4.51 -15.75
CA SER C 276 -27.74 4.99 -15.31
C SER C 276 -27.74 6.51 -15.25
N ILE C 277 -27.14 7.05 -14.18
CA ILE C 277 -27.02 8.49 -13.98
C ILE C 277 -25.54 8.82 -13.87
N ARG C 278 -25.08 9.74 -14.71
CA ARG C 278 -23.67 10.09 -14.80
C ARG C 278 -23.36 11.09 -13.69
N ILE C 279 -22.87 10.58 -12.57
CA ILE C 279 -22.44 11.41 -11.45
C ILE C 279 -20.92 11.47 -11.46
N GLY C 280 -20.37 12.67 -11.31
CA GLY C 280 -18.94 12.86 -11.27
C GLY C 280 -18.26 12.36 -12.52
N PRO C 281 -16.93 12.49 -12.58
CA PRO C 281 -16.17 12.06 -13.76
C PRO C 281 -15.88 10.57 -13.72
N GLY C 282 -16.44 9.83 -14.66
CA GLY C 282 -16.19 8.41 -14.78
C GLY C 282 -16.98 7.51 -13.85
N GLN C 283 -17.83 8.09 -13.00
CA GLN C 283 -18.66 7.32 -12.09
C GLN C 283 -20.11 7.32 -12.57
N ALA C 284 -20.86 6.32 -12.11
CA ALA C 284 -22.25 6.16 -12.54
C ALA C 284 -23.07 5.59 -11.40
N PHE C 285 -24.29 6.09 -11.25
CA PHE C 285 -25.26 5.60 -10.28
C PHE C 285 -26.41 4.96 -11.03
N TYR C 286 -26.69 3.69 -10.73
CA TYR C 286 -27.69 2.92 -11.46
C TYR C 286 -29.01 3.03 -10.71
N ALA C 287 -29.85 3.97 -11.14
CA ALA C 287 -31.15 4.18 -10.53
C ALA C 287 -32.18 3.24 -11.15
N THR C 288 -33.41 3.33 -10.66
CA THR C 288 -34.52 2.52 -11.14
C THR C 288 -35.53 3.41 -11.84
N GLY C 289 -35.86 3.06 -13.08
CA GLY C 289 -36.83 3.81 -13.87
C GLY C 289 -38.24 3.31 -13.67
N ASP C 290 -39.12 3.73 -14.57
CA ASP C 290 -40.51 3.33 -14.50
C ASP C 290 -40.63 1.80 -14.63
N ILE C 291 -41.53 1.23 -13.86
CA ILE C 291 -41.74 -0.22 -13.85
C ILE C 291 -42.75 -0.57 -14.95
N ILE C 292 -42.48 -1.66 -15.65
CA ILE C 292 -43.32 -2.11 -16.75
C ILE C 292 -44.38 -3.08 -16.20
N GLY C 293 -45.63 -2.80 -16.50
CA GLY C 293 -46.71 -3.68 -16.11
C GLY C 293 -47.14 -3.50 -14.66
N ASP C 294 -47.80 -4.53 -14.15
CA ASP C 294 -48.34 -4.49 -12.80
C ASP C 294 -47.22 -4.47 -11.76
N ILE C 295 -47.51 -3.85 -10.62
CA ILE C 295 -46.59 -3.76 -9.49
C ILE C 295 -47.10 -4.70 -8.42
N ARG C 296 -46.39 -5.81 -8.21
CA ARG C 296 -46.78 -6.83 -7.25
C ARG C 296 -45.58 -7.21 -6.40
N GLN C 297 -45.86 -7.58 -5.14
CA GLN C 297 -44.80 -7.90 -4.21
C GLN C 297 -44.16 -9.25 -4.54
N ALA C 298 -42.90 -9.39 -4.14
CA ALA C 298 -42.20 -10.66 -4.32
C ALA C 298 -42.71 -11.69 -3.32
N HIS C 299 -42.52 -12.96 -3.65
CA HIS C 299 -42.99 -14.04 -2.81
C HIS C 299 -42.18 -15.29 -3.12
N CYS C 300 -42.28 -16.28 -2.23
CA CYS C 300 -41.64 -17.57 -2.40
C CYS C 300 -42.66 -18.68 -2.13
N ASN C 301 -42.52 -19.77 -2.89
CA ASN C 301 -43.44 -20.90 -2.81
C ASN C 301 -42.72 -22.13 -2.29
N VAL C 302 -43.39 -22.89 -1.44
CA VAL C 302 -42.96 -24.22 -1.02
C VAL C 302 -44.19 -25.11 -0.93
N SER C 303 -44.10 -26.31 -1.47
CA SER C 303 -45.24 -27.21 -1.49
C SER C 303 -45.67 -27.55 -0.07
N LYS C 304 -46.98 -27.42 0.19
CA LYS C 304 -47.48 -27.71 1.52
C LYS C 304 -47.33 -29.19 1.87
N ALA C 305 -47.57 -30.08 0.90
CA ALA C 305 -47.49 -31.51 1.17
C ALA C 305 -46.08 -31.91 1.58
N THR C 306 -45.07 -31.40 0.88
CA THR C 306 -43.70 -31.80 1.17
C THR C 306 -43.21 -31.16 2.47
N TRP C 307 -43.57 -29.90 2.72
CA TRP C 307 -43.09 -29.22 3.92
C TRP C 307 -43.60 -29.91 5.18
N ASN C 308 -44.87 -30.32 5.18
CA ASN C 308 -45.39 -31.05 6.34
C ASN C 308 -44.70 -32.40 6.50
N GLU C 309 -44.37 -33.06 5.38
CA GLU C 309 -43.75 -34.37 5.45
C GLU C 309 -42.40 -34.30 6.15
N THR C 310 -41.58 -33.31 5.81
CA THR C 310 -40.26 -33.20 6.41
C THR C 310 -40.35 -32.82 7.89
N LEU C 311 -41.32 -31.98 8.25
CA LEU C 311 -41.48 -31.61 9.66
C LEU C 311 -41.84 -32.82 10.51
N GLY C 312 -42.57 -33.79 9.94
CA GLY C 312 -42.86 -35.01 10.68
C GLY C 312 -41.60 -35.78 11.03
N LYS C 313 -40.65 -35.86 10.09
CA LYS C 313 -39.39 -36.52 10.37
C LYS C 313 -38.57 -35.71 11.38
N VAL C 314 -38.63 -34.39 11.31
CA VAL C 314 -37.92 -33.55 12.27
C VAL C 314 -38.47 -33.78 13.67
N VAL C 315 -39.79 -33.86 13.80
CA VAL C 315 -40.40 -34.06 15.12
C VAL C 315 -39.99 -35.40 15.71
N LYS C 316 -39.83 -36.43 14.86
CA LYS C 316 -39.47 -37.74 15.37
C LYS C 316 -38.12 -37.71 16.08
N GLN C 317 -37.14 -37.01 15.51
CA GLN C 317 -35.82 -36.93 16.15
C GLN C 317 -35.88 -36.07 17.40
N LEU C 318 -36.66 -34.99 17.38
CA LEU C 318 -36.80 -34.15 18.57
C LEU C 318 -37.42 -34.94 19.71
N ARG C 319 -38.24 -35.95 19.40
CA ARG C 319 -38.80 -36.79 20.45
C ARG C 319 -37.71 -37.57 21.18
N LYS C 320 -36.65 -37.97 20.48
CA LYS C 320 -35.60 -38.75 21.10
C LYS C 320 -34.92 -37.96 22.21
N HIS C 321 -34.67 -36.68 21.99
CA HIS C 321 -33.94 -35.86 22.96
C HIS C 321 -34.85 -35.25 24.01
N PHE C 322 -36.07 -34.86 23.64
CA PHE C 322 -37.00 -34.17 24.53
C PHE C 322 -38.15 -35.06 24.97
N GLY C 323 -37.92 -36.37 25.03
CA GLY C 323 -38.96 -37.30 25.45
C GLY C 323 -39.92 -37.62 24.34
N ASN C 324 -40.30 -38.90 24.23
CA ASN C 324 -41.18 -39.37 23.17
C ASN C 324 -42.65 -39.29 23.54
N ASN C 325 -43.01 -38.40 24.47
CA ASN C 325 -44.40 -38.15 24.80
C ASN C 325 -44.71 -36.66 24.94
N THR C 326 -43.74 -35.77 24.80
CA THR C 326 -43.97 -34.35 24.91
C THR C 326 -44.58 -33.79 23.63
N ILE C 327 -45.15 -32.60 23.73
CA ILE C 327 -45.77 -31.94 22.60
C ILE C 327 -44.75 -31.04 21.94
N ILE C 328 -44.58 -31.20 20.62
CA ILE C 328 -43.65 -30.39 19.84
C ILE C 328 -44.46 -29.37 19.07
N ARG C 329 -44.15 -28.09 19.28
CA ARG C 329 -44.84 -26.99 18.63
C ARG C 329 -43.84 -26.06 17.95
N PHE C 330 -44.22 -25.54 16.79
CA PHE C 330 -43.40 -24.60 16.04
C PHE C 330 -44.08 -23.24 16.01
N ALA C 331 -43.30 -22.19 16.24
CA ALA C 331 -43.80 -20.83 16.25
C ALA C 331 -42.84 -19.93 15.47
N ASN C 332 -43.38 -18.82 14.97
CA ASN C 332 -42.58 -17.90 14.18
C ASN C 332 -41.55 -17.20 15.08
N SER C 333 -40.78 -16.30 14.48
CA SER C 333 -39.73 -15.61 15.21
C SER C 333 -40.31 -14.84 16.38
N SER C 334 -39.58 -14.85 17.51
CA SER C 334 -40.04 -14.16 18.70
C SER C 334 -40.18 -12.67 18.47
N GLY C 335 -39.23 -12.05 17.80
CA GLY C 335 -39.26 -10.62 17.53
C GLY C 335 -37.86 -10.10 17.26
N GLY C 336 -37.80 -8.99 16.55
CA GLY C 336 -36.54 -8.38 16.21
C GLY C 336 -36.66 -7.58 14.93
N ASP C 337 -35.51 -7.15 14.43
CA ASP C 337 -35.46 -6.37 13.20
C ASP C 337 -35.53 -7.29 11.98
N LEU C 338 -35.74 -6.68 10.82
CA LEU C 338 -35.98 -7.45 9.60
C LEU C 338 -34.79 -8.34 9.24
N GLU C 339 -33.59 -7.98 9.68
CA GLU C 339 -32.41 -8.74 9.30
C GLU C 339 -32.46 -10.17 9.85
N VAL C 340 -32.88 -10.34 11.10
CA VAL C 340 -32.87 -11.65 11.73
C VAL C 340 -34.26 -12.26 11.83
N THR C 341 -35.31 -11.46 12.00
CA THR C 341 -36.65 -12.01 12.17
C THR C 341 -37.21 -12.60 10.88
N THR C 342 -36.55 -12.40 9.74
CA THR C 342 -37.02 -12.89 8.46
C THR C 342 -35.94 -13.74 7.80
N HIS C 343 -36.35 -14.50 6.78
CA HIS C 343 -35.42 -15.34 6.03
C HIS C 343 -34.70 -14.46 5.01
N SER C 344 -33.48 -14.06 5.33
CA SER C 344 -32.68 -13.22 4.45
C SER C 344 -31.90 -14.08 3.47
N PHE C 345 -31.81 -13.62 2.23
CA PHE C 345 -31.04 -14.28 1.19
C PHE C 345 -31.05 -13.38 -0.03
N ASN C 346 -30.36 -13.81 -1.09
CA ASN C 346 -30.33 -13.09 -2.35
C ASN C 346 -30.66 -14.05 -3.49
N CYS C 347 -31.30 -13.49 -4.52
CA CYS C 347 -31.74 -14.27 -5.68
C CYS C 347 -31.40 -13.47 -6.92
N GLY C 348 -30.40 -13.92 -7.67
CA GLY C 348 -29.99 -13.22 -8.87
C GLY C 348 -29.50 -11.81 -8.60
N GLY C 349 -28.77 -11.60 -7.50
CA GLY C 349 -28.27 -10.29 -7.16
C GLY C 349 -29.24 -9.39 -6.43
N GLU C 350 -30.47 -9.85 -6.20
CA GLU C 350 -31.48 -9.08 -5.48
C GLU C 350 -31.69 -9.70 -4.11
N PHE C 351 -31.62 -8.87 -3.07
CA PHE C 351 -31.70 -9.35 -1.70
C PHE C 351 -33.15 -9.41 -1.24
N PHE C 352 -33.48 -10.46 -0.51
CA PHE C 352 -34.85 -10.76 -0.10
C PHE C 352 -34.96 -10.79 1.42
N TYR C 353 -36.19 -10.62 1.90
CA TYR C 353 -36.48 -10.71 3.34
C TYR C 353 -37.88 -11.29 3.47
N CYS C 354 -37.97 -12.61 3.64
CA CYS C 354 -39.23 -13.32 3.55
C CYS C 354 -39.84 -13.54 4.93
N ASN C 355 -41.16 -13.40 5.00
CA ASN C 355 -41.92 -13.62 6.24
C ASN C 355 -42.24 -15.11 6.33
N THR C 356 -41.52 -15.80 7.22
CA THR C 356 -41.65 -17.24 7.38
C THR C 356 -42.68 -17.64 8.42
N SER C 357 -43.65 -16.76 8.71
CA SER C 357 -44.66 -17.09 9.71
C SER C 357 -45.53 -18.26 9.27
N GLY C 358 -45.71 -18.44 7.96
CA GLY C 358 -46.56 -19.51 7.46
C GLY C 358 -45.95 -20.89 7.56
N LEU C 359 -44.62 -20.99 7.68
CA LEU C 359 -43.97 -22.29 7.76
C LEU C 359 -44.06 -22.87 9.16
N PHE C 360 -43.53 -22.14 10.14
CA PHE C 360 -43.45 -22.62 11.52
C PHE C 360 -44.74 -22.30 12.27
N ASN C 361 -45.83 -22.88 11.79
CA ASN C 361 -47.16 -22.69 12.36
C ASN C 361 -47.87 -24.06 12.35
N SER C 362 -47.70 -24.81 13.43
CA SER C 362 -48.28 -26.15 13.53
C SER C 362 -47.99 -26.69 14.93
N THR C 363 -48.76 -27.71 15.31
CA THR C 363 -48.60 -28.38 16.59
C THR C 363 -48.72 -29.87 16.38
N TRP C 364 -47.90 -30.64 17.10
CA TRP C 364 -47.87 -32.10 17.00
C TRP C 364 -48.08 -32.68 18.40
N ILE C 365 -49.14 -33.45 18.56
CA ILE C 365 -49.55 -33.98 19.87
C ILE C 365 -49.60 -35.51 19.78
N SER C 366 -48.78 -36.16 20.61
CA SER C 366 -48.89 -37.59 20.85
C SER C 366 -48.52 -38.45 19.65
N ASN C 367 -48.22 -37.82 18.51
CA ASN C 367 -47.91 -38.55 17.29
C ASN C 367 -46.83 -37.84 16.49
N SER C 378 -55.30 -29.91 -3.31
CA SER C 378 -54.88 -29.75 -1.92
C SER C 378 -53.43 -29.24 -1.84
N ASN C 379 -52.79 -29.08 -3.00
CA ASN C 379 -51.41 -28.58 -3.05
C ASN C 379 -51.42 -27.06 -2.96
N ASP C 380 -51.63 -26.57 -1.73
CA ASP C 380 -51.78 -25.15 -1.51
C ASP C 380 -50.52 -24.37 -1.87
N SER C 381 -49.34 -24.98 -1.71
CA SER C 381 -48.07 -24.35 -2.07
C SER C 381 -47.89 -23.04 -1.30
N ILE C 382 -47.71 -23.20 0.02
CA ILE C 382 -47.61 -22.09 0.96
C ILE C 382 -46.74 -20.98 0.37
N THR C 383 -47.27 -19.76 0.37
CA THR C 383 -46.59 -18.61 -0.22
C THR C 383 -46.12 -17.68 0.89
N LEU C 384 -44.85 -17.26 0.81
CA LEU C 384 -44.25 -16.41 1.83
C LEU C 384 -44.00 -15.02 1.25
N PRO C 385 -44.74 -13.99 1.65
CA PRO C 385 -44.43 -12.64 1.16
C PRO C 385 -43.06 -12.19 1.62
N CYS C 386 -42.36 -11.46 0.75
CA CYS C 386 -41.00 -11.04 1.01
C CYS C 386 -40.81 -9.58 0.63
N ARG C 387 -40.04 -8.87 1.45
CA ARG C 387 -39.64 -7.51 1.14
C ARG C 387 -38.35 -7.51 0.32
N ILE C 388 -37.99 -6.34 -0.18
CA ILE C 388 -36.75 -6.16 -0.94
C ILE C 388 -36.10 -4.88 -0.45
N LYS C 389 -34.77 -4.90 -0.33
CA LYS C 389 -34.01 -3.78 0.21
C LYS C 389 -32.82 -3.50 -0.70
N GLN C 390 -32.45 -2.22 -0.80
CA GLN C 390 -31.32 -1.78 -1.59
C GLN C 390 -30.06 -1.58 -0.77
N ILE C 391 -30.17 -0.93 0.39
CA ILE C 391 -29.04 -0.68 1.28
C ILE C 391 -29.06 -1.74 2.37
N ILE C 392 -27.96 -2.46 2.52
CA ILE C 392 -27.88 -3.60 3.42
C ILE C 392 -26.59 -3.55 4.22
N ASN C 393 -26.61 -4.23 5.37
CA ASN C 393 -25.42 -4.47 6.19
C ASN C 393 -25.26 -5.98 6.28
N MET C 394 -24.50 -6.55 5.35
CA MET C 394 -24.51 -8.00 5.17
C MET C 394 -23.97 -8.73 6.39
N TRP C 395 -22.85 -8.26 6.95
CA TRP C 395 -22.16 -8.96 8.03
C TRP C 395 -22.47 -8.37 9.41
N GLN C 396 -23.63 -7.74 9.57
CA GLN C 396 -24.05 -7.12 10.82
C GLN C 396 -23.11 -6.01 11.28
N ARG C 397 -22.20 -5.57 10.42
CA ARG C 397 -21.31 -4.46 10.76
C ARG C 397 -22.06 -3.14 10.63
N ILE C 398 -21.62 -2.16 11.41
CA ILE C 398 -22.21 -0.83 11.41
C ILE C 398 -21.27 0.11 10.65
N GLY C 399 -21.81 0.79 9.65
CA GLY C 399 -21.05 1.71 8.84
C GLY C 399 -20.48 1.12 7.57
N GLN C 400 -20.76 -0.14 7.26
CA GLN C 400 -20.23 -0.82 6.08
C GLN C 400 -21.41 -1.21 5.19
N CYS C 401 -21.61 -0.45 4.12
CA CYS C 401 -22.68 -0.73 3.18
C CYS C 401 -22.28 -1.71 2.09
N MET C 402 -23.30 -2.17 1.38
CA MET C 402 -23.20 -2.59 -0.02
C MET C 402 -24.54 -2.31 -0.66
N TYR C 403 -24.64 -1.22 -1.40
CA TYR C 403 -25.88 -0.83 -2.07
C TYR C 403 -26.00 -1.63 -3.36
N ALA C 404 -26.97 -2.54 -3.41
CA ALA C 404 -27.12 -3.42 -4.56
C ALA C 404 -27.81 -2.69 -5.70
N PRO C 405 -27.19 -2.56 -6.88
CA PRO C 405 -27.87 -1.90 -7.98
C PRO C 405 -29.05 -2.72 -8.46
N PRO C 406 -30.07 -2.09 -9.02
CA PRO C 406 -31.24 -2.85 -9.47
C PRO C 406 -30.87 -3.82 -10.59
N ILE C 407 -31.53 -4.97 -10.59
CA ILE C 407 -31.35 -6.00 -11.60
C ILE C 407 -32.49 -5.87 -12.60
N GLN C 408 -32.15 -5.59 -13.86
CA GLN C 408 -33.17 -5.37 -14.87
C GLN C 408 -33.89 -6.66 -15.22
N GLY C 409 -35.19 -6.56 -15.43
CA GLY C 409 -36.00 -7.70 -15.82
C GLY C 409 -36.75 -8.33 -14.67
N VAL C 410 -37.10 -9.59 -14.86
CA VAL C 410 -37.83 -10.39 -13.88
C VAL C 410 -36.89 -11.44 -13.33
N ILE C 411 -36.92 -11.64 -12.01
CA ILE C 411 -36.04 -12.56 -11.31
C ILE C 411 -36.85 -13.77 -10.88
N ARG C 412 -36.30 -14.96 -11.12
CA ARG C 412 -36.90 -16.21 -10.65
C ARG C 412 -35.79 -17.24 -10.53
N CYS C 413 -35.48 -17.65 -9.30
CA CYS C 413 -34.47 -18.67 -9.04
C CYS C 413 -35.08 -19.78 -8.19
N VAL C 414 -34.57 -20.98 -8.38
CA VAL C 414 -35.07 -22.18 -7.71
C VAL C 414 -33.95 -22.79 -6.89
N SER C 415 -34.22 -23.01 -5.61
CA SER C 415 -33.29 -23.67 -4.70
C SER C 415 -34.09 -24.53 -3.74
N ASN C 416 -33.41 -25.46 -3.08
CA ASN C 416 -34.05 -26.37 -2.15
C ASN C 416 -33.38 -26.29 -0.79
N ILE C 417 -34.20 -26.31 0.26
CA ILE C 417 -33.73 -26.19 1.63
C ILE C 417 -33.08 -27.51 2.05
N THR C 418 -32.06 -27.42 2.90
CA THR C 418 -31.35 -28.59 3.37
C THR C 418 -31.10 -28.57 4.88
N GLY C 419 -31.76 -27.68 5.61
CA GLY C 419 -31.58 -27.65 7.05
C GLY C 419 -32.29 -26.45 7.64
N LEU C 420 -32.25 -26.38 8.97
CA LEU C 420 -32.91 -25.32 9.73
C LEU C 420 -32.04 -24.93 10.92
N ILE C 421 -32.26 -23.71 11.40
CA ILE C 421 -31.66 -23.24 12.64
C ILE C 421 -32.82 -22.90 13.58
N LEU C 422 -32.84 -23.52 14.76
CA LEU C 422 -33.94 -23.40 15.69
C LEU C 422 -33.45 -22.99 17.07
N THR C 423 -34.36 -22.39 17.83
CA THR C 423 -34.09 -22.03 19.22
C THR C 423 -35.34 -22.32 20.04
N ARG C 424 -35.12 -22.59 21.34
CA ARG C 424 -36.19 -22.92 22.26
C ARG C 424 -36.49 -21.74 23.18
N ASP C 425 -37.58 -21.88 23.93
CA ASP C 425 -37.98 -20.87 24.90
C ASP C 425 -38.90 -21.52 25.93
N GLY C 426 -39.04 -20.85 27.07
CA GLY C 426 -39.93 -21.32 28.11
C GLY C 426 -39.29 -22.34 29.02
N GLY C 427 -39.89 -23.52 29.11
CA GLY C 427 -39.35 -24.57 29.97
C GLY C 427 -39.37 -24.24 31.44
N SER C 428 -40.47 -23.66 31.93
CA SER C 428 -40.58 -23.28 33.34
C SER C 428 -41.14 -24.44 34.16
N THR C 429 -40.41 -25.56 34.13
CA THR C 429 -40.70 -26.79 34.86
C THR C 429 -41.93 -27.51 34.33
N ASN C 430 -42.59 -27.00 33.29
CA ASN C 430 -43.76 -27.65 32.70
C ASN C 430 -43.28 -28.46 31.49
N SER C 431 -42.69 -29.62 31.78
CA SER C 431 -42.09 -30.47 30.75
C SER C 431 -43.17 -31.32 30.09
N THR C 432 -44.11 -30.61 29.44
CA THR C 432 -45.15 -31.25 28.65
C THR C 432 -45.39 -30.60 27.30
N THR C 433 -44.89 -29.38 27.08
CA THR C 433 -45.02 -28.70 25.79
C THR C 433 -43.69 -28.02 25.47
N GLU C 434 -43.27 -28.13 24.21
CA GLU C 434 -42.02 -27.56 23.75
C GLU C 434 -42.28 -26.65 22.56
N THR C 435 -41.52 -25.57 22.47
CA THR C 435 -41.64 -24.60 21.39
C THR C 435 -40.28 -24.38 20.75
N PHE C 436 -40.22 -24.46 19.43
CA PHE C 436 -39.00 -24.21 18.67
C PHE C 436 -39.26 -23.07 17.71
N ARG C 437 -38.35 -22.11 17.66
CA ARG C 437 -38.49 -20.94 16.82
C ARG C 437 -37.21 -20.71 16.02
N PRO C 438 -37.32 -20.06 14.85
CA PRO C 438 -36.12 -19.86 14.02
C PRO C 438 -35.11 -18.94 14.66
N GLY C 439 -33.86 -19.12 14.28
CA GLY C 439 -32.78 -18.28 14.76
C GLY C 439 -31.74 -18.07 13.69
N GLY C 440 -31.23 -16.84 13.62
CA GLY C 440 -30.20 -16.49 12.66
C GLY C 440 -29.16 -15.55 13.24
N GLY C 441 -28.97 -15.61 14.56
CA GLY C 441 -28.11 -14.64 15.21
C GLY C 441 -26.68 -14.65 14.69
N ASP C 442 -26.10 -15.83 14.55
CA ASP C 442 -24.71 -15.98 14.15
C ASP C 442 -24.63 -16.50 12.72
N MET C 443 -23.82 -15.83 11.89
CA MET C 443 -23.62 -16.25 10.51
C MET C 443 -22.79 -17.50 10.40
N ARG C 444 -21.97 -17.82 11.40
CA ARG C 444 -21.12 -19.00 11.33
C ARG C 444 -21.94 -20.28 11.30
N ASP C 445 -23.14 -20.26 11.87
CA ASP C 445 -23.97 -21.46 11.95
C ASP C 445 -24.37 -21.99 10.57
N ASN C 446 -24.41 -21.12 9.56
CA ASN C 446 -24.68 -21.59 8.20
C ASN C 446 -23.53 -22.44 7.67
N TRP C 447 -22.38 -22.42 8.33
CA TRP C 447 -21.16 -23.03 7.82
C TRP C 447 -20.63 -24.15 8.69
N ARG C 448 -21.07 -24.26 9.94
CA ARG C 448 -20.77 -25.45 10.73
C ARG C 448 -21.44 -26.69 10.12
N SER C 449 -22.60 -26.52 9.51
CA SER C 449 -23.31 -27.65 8.92
C SER C 449 -22.53 -28.31 7.80
N GLU C 450 -21.56 -27.60 7.20
CA GLU C 450 -20.75 -28.14 6.11
C GLU C 450 -19.39 -28.64 6.57
N LEU C 451 -18.79 -28.00 7.58
CA LEU C 451 -17.46 -28.35 8.05
C LEU C 451 -17.48 -29.19 9.32
N TYR C 452 -18.65 -29.72 9.71
CA TYR C 452 -18.73 -30.50 10.94
C TYR C 452 -17.88 -31.76 10.87
N LYS C 453 -17.67 -32.30 9.66
CA LYS C 453 -17.01 -33.58 9.49
C LYS C 453 -15.50 -33.48 9.32
N TYR C 454 -14.93 -32.28 9.41
CA TYR C 454 -13.51 -32.06 9.14
C TYR C 454 -12.80 -31.55 10.38
N LYS C 455 -11.52 -31.90 10.49
CA LYS C 455 -10.64 -31.34 11.51
C LYS C 455 -9.22 -31.35 10.97
N VAL C 456 -8.37 -30.51 11.57
CA VAL C 456 -7.00 -30.30 11.11
C VAL C 456 -6.05 -30.79 12.18
N VAL C 457 -5.03 -31.54 11.76
CA VAL C 457 -3.99 -32.04 12.65
C VAL C 457 -2.64 -31.82 11.99
N LYS C 458 -1.59 -31.83 12.81
CA LYS C 458 -0.22 -31.70 12.33
C LYS C 458 0.55 -32.98 12.63
N ILE C 459 1.47 -33.34 11.73
CA ILE C 459 2.20 -34.59 11.81
C ILE C 459 3.44 -34.39 12.68
N GLU C 460 3.79 -35.45 13.43
CA GLU C 460 4.97 -35.48 14.29
C GLU C 460 5.84 -36.66 13.87
N PRO C 461 6.76 -36.46 12.92
CA PRO C 461 7.49 -37.62 12.36
C PRO C 461 8.51 -38.22 13.31
N LEU C 462 8.89 -37.54 14.38
CA LEU C 462 9.93 -38.03 15.27
C LEU C 462 9.35 -38.93 16.34
N GLY C 463 10.01 -40.06 16.57
CA GLY C 463 9.60 -41.01 17.59
C GLY C 463 10.75 -41.88 18.05
N VAL C 464 10.79 -42.17 19.35
CA VAL C 464 11.84 -42.99 19.94
C VAL C 464 11.20 -44.18 20.63
N ALA C 465 11.72 -45.36 20.36
CA ALA C 465 11.20 -46.60 20.92
C ALA C 465 12.37 -47.49 21.32
N PRO C 466 12.17 -48.39 22.27
CA PRO C 466 13.26 -49.26 22.71
C PRO C 466 13.47 -50.45 21.78
N THR C 467 14.73 -50.87 21.67
CA THR C 467 15.10 -52.05 20.91
C THR C 467 16.55 -52.37 21.21
N ARG C 468 16.87 -53.66 21.25
CA ARG C 468 18.21 -54.13 21.62
C ARG C 468 19.14 -53.97 20.42
N CYS C 469 19.59 -52.74 20.21
CA CYS C 469 20.51 -52.41 19.14
C CYS C 469 21.45 -51.31 19.59
N LYS C 470 22.73 -51.44 19.23
CA LYS C 470 23.74 -50.45 19.54
C LYS C 470 24.55 -50.13 18.30
N ARG C 471 25.11 -48.92 18.26
CA ARG C 471 25.92 -48.51 17.13
C ARG C 471 27.19 -49.35 17.06
N ARG C 472 27.71 -49.49 15.83
CA ARG C 472 28.86 -50.36 15.62
C ARG C 472 30.07 -49.90 16.42
N VAL C 473 30.34 -48.59 16.40
CA VAL C 473 31.49 -48.05 17.11
C VAL C 473 31.19 -47.95 18.59
N VAL D 7 42.32 -26.95 -16.21
CA VAL D 7 41.41 -25.93 -16.79
C VAL D 7 40.11 -25.90 -16.01
N PHE D 8 39.39 -24.77 -16.09
CA PHE D 8 38.12 -24.59 -15.42
C PHE D 8 37.06 -24.21 -16.44
N LEU D 9 35.91 -24.89 -16.39
CA LEU D 9 34.86 -24.67 -17.35
C LEU D 9 33.83 -23.63 -16.90
N GLY D 10 33.58 -23.54 -15.59
CA GLY D 10 32.60 -22.60 -15.09
C GLY D 10 31.22 -23.22 -14.94
N PHE D 11 30.31 -22.42 -14.39
CA PHE D 11 28.95 -22.88 -14.16
C PHE D 11 28.30 -23.27 -15.48
N LEU D 12 27.83 -24.51 -15.55
CA LEU D 12 27.22 -25.08 -16.75
C LEU D 12 28.19 -25.10 -17.93
N GLY D 13 29.49 -24.95 -17.67
CA GLY D 13 30.47 -24.96 -18.74
C GLY D 13 30.76 -26.34 -19.29
N ALA D 14 30.32 -27.38 -18.59
CA ALA D 14 30.50 -28.76 -19.02
C ALA D 14 29.26 -29.34 -19.69
N ALA D 15 28.27 -28.49 -20.00
CA ALA D 15 27.04 -29.00 -20.61
C ALA D 15 27.32 -29.67 -21.95
N GLY D 16 28.17 -29.06 -22.78
CA GLY D 16 28.55 -29.66 -24.04
C GLY D 16 29.64 -30.70 -23.96
N SER D 17 30.31 -30.81 -22.81
CA SER D 17 31.37 -31.79 -22.65
C SER D 17 30.78 -33.18 -22.53
N THR D 18 31.64 -34.18 -22.75
CA THR D 18 31.21 -35.57 -22.64
C THR D 18 30.83 -35.90 -21.20
N MET D 19 30.05 -36.97 -21.04
CA MET D 19 29.53 -37.31 -19.72
C MET D 19 30.66 -37.57 -18.73
N GLY D 20 31.70 -38.29 -19.16
CA GLY D 20 32.80 -38.58 -18.27
C GLY D 20 33.52 -37.33 -17.81
N ALA D 21 33.83 -36.42 -18.73
CA ALA D 21 34.53 -35.20 -18.37
C ALA D 21 33.66 -34.31 -17.48
N ALA D 22 32.37 -34.18 -17.84
CA ALA D 22 31.47 -33.35 -17.05
C ALA D 22 31.22 -33.92 -15.66
N SER D 23 31.48 -35.21 -15.45
CA SER D 23 31.23 -35.83 -14.16
C SER D 23 32.15 -35.30 -13.06
N MET D 24 33.31 -34.74 -13.44
CA MET D 24 34.24 -34.20 -12.45
C MET D 24 33.94 -32.76 -12.08
N THR D 25 33.02 -32.10 -12.77
CA THR D 25 32.68 -30.70 -12.54
C THR D 25 31.31 -30.55 -11.91
N LEU D 26 30.93 -31.46 -11.02
CA LEU D 26 29.62 -31.40 -10.39
C LEU D 26 29.56 -30.31 -9.33
N THR D 27 30.68 -30.02 -8.67
CA THR D 27 30.65 -29.10 -7.53
C THR D 27 30.24 -27.69 -7.95
N VAL D 28 30.73 -27.22 -9.09
CA VAL D 28 30.45 -25.85 -9.50
C VAL D 28 28.96 -25.63 -9.66
N GLN D 29 28.26 -26.62 -10.25
CA GLN D 29 26.81 -26.52 -10.36
C GLN D 29 26.16 -26.46 -8.98
N ALA D 30 26.58 -27.35 -8.07
CA ALA D 30 25.92 -27.44 -6.77
C ALA D 30 26.00 -26.13 -6.01
N ARG D 31 27.12 -25.42 -6.13
CA ARG D 31 27.29 -24.17 -5.39
C ARG D 31 26.27 -23.13 -5.81
N ASN D 32 25.77 -23.20 -7.05
CA ASN D 32 24.91 -22.17 -7.59
C ASN D 32 23.42 -22.48 -7.48
N LEU D 33 23.04 -23.60 -6.85
CA LEU D 33 21.62 -23.90 -6.67
C LEU D 33 20.97 -23.04 -5.60
N LEU D 34 21.73 -22.29 -4.82
CA LEU D 34 21.16 -21.36 -3.86
C LEU D 34 22.13 -20.20 -3.64
N SER D 35 21.59 -19.08 -3.20
CA SER D 35 22.38 -17.87 -2.99
C SER D 35 21.71 -17.01 -1.93
N GLY D 36 22.47 -16.07 -1.40
CA GLY D 36 21.96 -15.16 -0.38
C GLY D 36 21.23 -13.98 -0.98
N THR D 58 8.09 -0.50 -5.07
CA THR D 58 7.70 -1.64 -4.27
C THR D 58 7.42 -2.87 -5.13
N VAL D 59 7.38 -2.67 -6.45
CA VAL D 59 7.18 -3.78 -7.37
C VAL D 59 8.31 -4.78 -7.27
N TRP D 60 9.49 -4.32 -6.83
CA TRP D 60 10.65 -5.19 -6.64
C TRP D 60 10.73 -5.78 -5.23
N GLY D 61 9.59 -5.93 -4.57
CA GLY D 61 9.54 -6.45 -3.22
C GLY D 61 9.17 -7.92 -3.19
N ILE D 62 7.89 -8.21 -2.95
CA ILE D 62 7.43 -9.59 -2.92
C ILE D 62 7.80 -10.34 -4.19
N LYS D 63 7.99 -9.61 -5.29
CA LYS D 63 8.42 -10.26 -6.53
C LYS D 63 9.74 -10.97 -6.35
N GLN D 64 10.71 -10.31 -5.70
CA GLN D 64 11.99 -10.94 -5.39
C GLN D 64 11.87 -11.93 -4.23
N LEU D 65 11.09 -11.58 -3.20
CA LEU D 65 10.92 -12.48 -2.07
C LEU D 65 10.26 -13.78 -2.52
N GLN D 66 9.25 -13.70 -3.39
CA GLN D 66 8.63 -14.89 -3.92
C GLN D 66 9.65 -15.79 -4.60
N ALA D 67 10.68 -15.20 -5.21
CA ALA D 67 11.72 -15.99 -5.85
C ALA D 67 12.64 -16.63 -4.82
N ARG D 68 12.98 -15.91 -3.76
CA ARG D 68 13.90 -16.45 -2.76
C ARG D 68 13.31 -17.69 -2.09
N VAL D 69 12.03 -17.64 -1.75
CA VAL D 69 11.39 -18.79 -1.11
C VAL D 69 11.36 -19.98 -2.06
N LEU D 70 11.16 -19.72 -3.35
CA LEU D 70 11.09 -20.81 -4.32
C LEU D 70 12.41 -21.58 -4.37
N ALA D 71 13.54 -20.87 -4.36
CA ALA D 71 14.83 -21.54 -4.42
C ALA D 71 15.06 -22.41 -3.20
N VAL D 72 14.69 -21.92 -2.01
CA VAL D 72 14.93 -22.67 -0.79
C VAL D 72 14.12 -23.97 -0.79
N GLU D 73 12.82 -23.86 -1.06
CA GLU D 73 11.97 -25.04 -1.05
C GLU D 73 12.34 -25.99 -2.18
N ARG D 74 12.69 -25.45 -3.34
CA ARG D 74 13.11 -26.29 -4.45
C ARG D 74 14.39 -27.05 -4.12
N TYR D 75 15.37 -26.37 -3.51
CA TYR D 75 16.62 -27.01 -3.17
C TYR D 75 16.41 -28.13 -2.16
N LEU D 76 15.54 -27.90 -1.18
CA LEU D 76 15.30 -28.90 -0.15
C LEU D 76 14.67 -30.17 -0.73
N ARG D 77 13.79 -30.02 -1.71
CA ARG D 77 13.13 -31.18 -2.30
C ARG D 77 14.15 -32.13 -2.92
N ASP D 78 15.13 -31.58 -3.65
CA ASP D 78 16.17 -32.42 -4.23
C ASP D 78 16.97 -33.13 -3.14
N GLN D 79 17.29 -32.40 -2.05
CA GLN D 79 18.09 -32.99 -0.99
C GLN D 79 17.35 -34.13 -0.31
N GLN D 80 16.06 -33.93 0.01
CA GLN D 80 15.31 -34.99 0.67
C GLN D 80 15.19 -36.22 -0.22
N LEU D 81 14.84 -36.02 -1.49
CA LEU D 81 14.75 -37.15 -2.41
C LEU D 81 16.08 -37.88 -2.51
N LEU D 82 17.17 -37.12 -2.62
CA LEU D 82 18.49 -37.73 -2.61
C LEU D 82 18.80 -38.38 -1.26
N GLY D 83 18.36 -37.76 -0.17
CA GLY D 83 18.67 -38.31 1.14
C GLY D 83 18.01 -39.65 1.41
N ILE D 84 16.74 -39.79 1.05
CA ILE D 84 16.01 -41.03 1.33
C ILE D 84 16.55 -42.21 0.52
N TRP D 85 17.41 -41.96 -0.47
CA TRP D 85 18.06 -43.03 -1.21
C TRP D 85 19.35 -43.49 -0.54
N GLY D 86 19.73 -42.89 0.59
CA GLY D 86 20.94 -43.24 1.29
C GLY D 86 22.16 -42.43 0.89
N CYS D 87 22.07 -41.62 -0.16
CA CYS D 87 23.18 -40.80 -0.62
C CYS D 87 23.04 -39.38 -0.06
N SER D 88 23.10 -39.28 1.26
CA SER D 88 22.77 -38.01 1.93
C SER D 88 23.73 -36.90 1.53
N GLY D 89 25.04 -37.14 1.65
CA GLY D 89 26.01 -36.09 1.49
C GLY D 89 26.99 -36.26 0.35
N LYS D 90 26.79 -37.26 -0.49
CA LYS D 90 27.71 -37.56 -1.57
C LYS D 90 27.16 -37.10 -2.91
N LEU D 91 28.02 -36.45 -3.70
CA LEU D 91 27.65 -36.04 -5.04
C LEU D 91 27.53 -37.22 -5.99
N ILE D 92 28.39 -38.23 -5.83
CA ILE D 92 28.35 -39.45 -6.61
C ILE D 92 28.05 -40.61 -5.67
N CYS D 93 27.05 -41.42 -6.03
CA CYS D 93 26.60 -42.50 -5.17
C CYS D 93 25.90 -43.55 -6.01
N CYS D 94 26.08 -44.82 -5.65
CA CYS D 94 25.49 -45.93 -6.37
C CYS D 94 24.67 -46.78 -5.42
N THR D 95 23.57 -47.33 -5.95
CA THR D 95 22.55 -48.01 -5.16
C THR D 95 22.42 -49.46 -5.62
N ASN D 96 21.71 -50.25 -4.81
CA ASN D 96 21.51 -51.67 -5.07
C ASN D 96 20.16 -51.89 -5.76
N VAL D 97 20.06 -51.36 -6.97
CA VAL D 97 18.87 -51.58 -7.81
C VAL D 97 19.33 -51.76 -9.26
N PRO D 98 18.96 -52.85 -9.93
CA PRO D 98 19.57 -53.17 -11.21
C PRO D 98 19.17 -52.22 -12.32
N TRP D 99 20.03 -52.15 -13.33
CA TRP D 99 19.77 -51.35 -14.52
C TRP D 99 18.96 -52.20 -15.49
N ASN D 100 17.64 -52.00 -15.50
CA ASN D 100 16.76 -52.75 -16.37
C ASN D 100 17.15 -52.52 -17.82
N SER D 101 17.58 -53.59 -18.51
CA SER D 101 18.09 -53.44 -19.87
C SER D 101 17.06 -52.81 -20.79
N SER D 102 15.77 -52.97 -20.47
CA SER D 102 14.74 -52.35 -21.28
C SER D 102 14.85 -50.82 -21.27
N TRP D 103 15.34 -50.26 -20.17
CA TRP D 103 15.50 -48.80 -20.09
C TRP D 103 16.43 -48.30 -21.19
N SER D 104 17.61 -48.91 -21.30
CA SER D 104 18.56 -48.56 -22.35
C SER D 104 19.65 -49.62 -22.45
N ASN D 105 19.85 -50.16 -23.66
CA ASN D 105 20.86 -51.17 -23.90
C ASN D 105 22.17 -50.59 -24.43
N ARG D 106 22.29 -49.27 -24.47
CA ARG D 106 23.51 -48.65 -24.98
C ARG D 106 24.71 -49.04 -24.12
N ASN D 107 25.83 -49.29 -24.78
CA ASN D 107 27.03 -49.76 -24.08
C ASN D 107 27.67 -48.63 -23.28
N LEU D 108 28.53 -49.02 -22.34
CA LEU D 108 29.24 -48.02 -21.53
C LEU D 108 30.14 -47.16 -22.39
N SER D 109 30.83 -47.76 -23.36
CA SER D 109 31.74 -47.01 -24.22
C SER D 109 31.01 -46.01 -25.11
N GLU D 110 29.69 -46.14 -25.27
CA GLU D 110 28.91 -45.22 -26.08
C GLU D 110 28.07 -44.29 -25.21
N ILE D 111 28.39 -44.17 -23.92
CA ILE D 111 27.65 -43.31 -23.00
C ILE D 111 28.62 -42.33 -22.35
N TRP D 112 29.65 -42.87 -21.69
CA TRP D 112 30.54 -42.07 -20.86
C TRP D 112 31.62 -41.34 -21.64
N ASP D 113 31.94 -41.80 -22.85
CA ASP D 113 33.10 -41.29 -23.59
C ASP D 113 32.76 -40.49 -24.82
N ASN D 114 31.49 -40.51 -25.27
CA ASN D 114 31.13 -39.81 -26.50
C ASN D 114 29.91 -38.91 -26.31
N MET D 115 29.03 -39.27 -25.38
CA MET D 115 27.77 -38.59 -25.20
C MET D 115 27.86 -37.58 -24.07
N THR D 116 26.81 -36.79 -23.89
CA THR D 116 26.72 -35.80 -22.82
C THR D 116 25.37 -35.94 -22.12
N TRP D 117 25.25 -35.27 -20.97
CA TRP D 117 24.08 -35.45 -20.12
C TRP D 117 22.81 -34.92 -20.78
N LEU D 118 22.93 -33.87 -21.60
CA LEU D 118 21.74 -33.20 -22.12
C LEU D 118 20.84 -34.15 -22.89
N GLN D 119 21.41 -35.00 -23.75
CA GLN D 119 20.61 -35.99 -24.45
C GLN D 119 20.38 -37.26 -23.64
N TRP D 120 21.20 -37.51 -22.62
CA TRP D 120 20.97 -38.67 -21.76
C TRP D 120 19.64 -38.54 -21.03
N ASP D 121 19.32 -37.35 -20.54
CA ASP D 121 18.06 -37.15 -19.83
C ASP D 121 16.87 -37.48 -20.73
N LYS D 122 16.98 -37.14 -22.02
CA LYS D 122 15.89 -37.41 -22.95
C LYS D 122 15.61 -38.91 -23.06
N GLU D 123 16.68 -39.72 -23.15
CA GLU D 123 16.50 -41.15 -23.32
C GLU D 123 15.80 -41.78 -22.12
N ILE D 124 16.20 -41.38 -20.91
CA ILE D 124 15.67 -41.99 -19.69
C ILE D 124 14.46 -41.26 -19.14
N SER D 125 14.04 -40.16 -19.77
CA SER D 125 12.90 -39.41 -19.25
C SER D 125 11.67 -40.31 -19.13
N ASN D 126 11.56 -41.33 -19.98
CA ASN D 126 10.47 -42.29 -19.86
C ASN D 126 10.55 -43.11 -18.59
N TYR D 127 11.74 -43.22 -17.97
CA TYR D 127 11.96 -44.17 -16.90
C TYR D 127 12.51 -43.54 -15.62
N THR D 128 12.65 -42.22 -15.55
CA THR D 128 13.15 -41.61 -14.32
C THR D 128 12.22 -41.89 -13.14
N GLN D 129 10.91 -41.80 -13.38
CA GLN D 129 9.95 -42.02 -12.29
C GLN D 129 10.06 -43.43 -11.74
N ILE D 130 10.18 -44.42 -12.61
CA ILE D 130 10.32 -45.81 -12.16
C ILE D 130 11.59 -45.98 -11.35
N ILE D 131 12.70 -45.42 -11.85
CA ILE D 131 13.97 -45.56 -11.15
C ILE D 131 13.91 -44.92 -9.77
N TYR D 132 13.28 -43.75 -9.68
CA TYR D 132 13.20 -43.04 -8.40
C TYR D 132 12.48 -43.89 -7.35
N GLY D 133 11.38 -44.54 -7.74
CA GLY D 133 10.65 -45.36 -6.79
C GLY D 133 11.46 -46.57 -6.33
N LEU D 134 12.18 -47.20 -7.25
CA LEU D 134 12.95 -48.38 -6.89
C LEU D 134 14.04 -48.05 -5.87
N LEU D 135 14.71 -46.91 -6.04
CA LEU D 135 15.72 -46.50 -5.07
C LEU D 135 15.11 -46.28 -3.70
N GLU D 136 13.91 -45.69 -3.65
CA GLU D 136 13.28 -45.37 -2.37
C GLU D 136 13.00 -46.63 -1.57
N GLU D 137 12.48 -47.67 -2.22
CA GLU D 137 12.14 -48.90 -1.50
C GLU D 137 13.40 -49.65 -1.08
N SER D 138 14.44 -49.63 -1.92
CA SER D 138 15.65 -50.38 -1.61
C SER D 138 16.31 -49.86 -0.34
N GLN D 139 16.39 -48.54 -0.18
CA GLN D 139 17.06 -47.97 0.99
C GLN D 139 16.35 -48.37 2.28
N ASN D 140 15.02 -48.32 2.28
CA ASN D 140 14.27 -48.66 3.49
C ASN D 140 14.55 -50.09 3.92
N GLN D 141 14.71 -51.00 2.95
CA GLN D 141 15.09 -52.37 3.29
C GLN D 141 16.47 -52.41 3.92
N GLN D 142 17.40 -51.59 3.42
CA GLN D 142 18.74 -51.57 3.99
C GLN D 142 18.73 -51.12 5.45
N GLU D 143 17.90 -50.14 5.78
CA GLU D 143 17.79 -49.71 7.17
C GLU D 143 17.31 -50.84 8.06
N LYS D 144 16.29 -51.59 7.60
CA LYS D 144 15.82 -52.73 8.37
C LYS D 144 16.91 -53.79 8.51
N ASN D 145 17.65 -54.06 7.43
CA ASN D 145 18.69 -55.07 7.48
C ASN D 145 19.79 -54.69 8.47
N GLU D 146 20.19 -53.42 8.47
CA GLU D 146 21.24 -52.97 9.37
C GLU D 146 20.84 -53.17 10.83
N GLN D 147 19.60 -52.78 11.17
CA GLN D 147 19.13 -52.94 12.53
C GLN D 147 19.08 -54.41 12.94
N ASP D 148 18.61 -55.27 12.03
CA ASP D 148 18.49 -56.69 12.33
C ASP D 148 19.85 -57.36 12.43
N LEU D 149 20.88 -56.79 11.81
CA LEU D 149 22.20 -57.43 11.77
C LEU D 149 23.01 -57.12 13.03
N LEU D 150 23.24 -55.83 13.31
CA LEU D 150 24.08 -55.46 14.44
C LEU D 150 23.46 -55.77 15.78
N ALA D 151 22.17 -56.12 15.83
CA ALA D 151 21.54 -56.42 17.11
C ALA D 151 22.21 -57.61 17.79
N LEU D 152 22.55 -58.65 17.01
CA LEU D 152 23.24 -59.81 17.54
C LEU D 152 24.36 -60.31 16.64
N ASP D 153 24.68 -59.58 15.57
CA ASP D 153 25.75 -60.00 14.65
C ASP D 153 26.48 -58.79 14.09
N ASN E 3 52.66 -31.52 8.55
CA ASN E 3 52.29 -32.56 9.54
C ASN E 3 50.84 -32.39 9.99
N LEU E 4 50.51 -31.20 10.46
CA LEU E 4 49.16 -30.92 10.92
C LEU E 4 48.21 -30.81 9.73
N TRP E 5 46.94 -31.11 9.99
CA TRP E 5 45.91 -31.12 8.96
C TRP E 5 44.77 -30.20 9.37
N VAL E 6 44.26 -29.45 8.41
CA VAL E 6 43.18 -28.50 8.67
C VAL E 6 41.91 -29.27 9.01
N THR E 7 41.17 -28.76 9.99
CA THR E 7 39.88 -29.31 10.38
C THR E 7 38.83 -28.21 10.36
N VAL E 8 37.57 -28.61 10.49
CA VAL E 8 36.44 -27.68 10.48
C VAL E 8 35.63 -27.89 11.75
N TYR E 9 35.32 -26.80 12.43
CA TYR E 9 34.48 -26.81 13.62
C TYR E 9 33.22 -26.01 13.35
N TYR E 10 32.06 -26.59 13.66
CA TYR E 10 30.77 -25.95 13.44
C TYR E 10 30.16 -25.59 14.77
N GLY E 11 29.72 -24.34 14.89
CA GLY E 11 29.13 -23.85 16.13
C GLY E 11 30.10 -23.14 17.04
N VAL E 12 31.20 -22.62 16.52
CA VAL E 12 32.21 -21.93 17.33
C VAL E 12 31.63 -20.59 17.79
N PRO E 13 32.02 -20.09 18.97
CA PRO E 13 31.50 -18.79 19.45
C PRO E 13 32.26 -17.59 18.90
N VAL E 14 31.91 -17.18 17.68
CA VAL E 14 32.49 -16.01 17.04
C VAL E 14 31.36 -15.17 16.47
N TRP E 15 31.60 -13.87 16.36
CA TRP E 15 30.59 -12.94 15.84
C TRP E 15 31.28 -11.79 15.13
N LYS E 16 30.52 -11.11 14.28
CA LYS E 16 31.00 -9.95 13.55
C LYS E 16 29.94 -8.86 13.57
N ASP E 17 30.39 -7.62 13.43
CA ASP E 17 29.46 -6.50 13.38
C ASP E 17 28.52 -6.64 12.18
N ALA E 18 27.25 -6.33 12.40
CA ALA E 18 26.26 -6.47 11.35
C ALA E 18 25.05 -5.60 11.67
N GLU E 19 24.22 -5.40 10.66
CA GLU E 19 22.97 -4.65 10.79
C GLU E 19 21.83 -5.49 10.26
N THR E 20 20.69 -5.46 10.96
CA THR E 20 19.53 -6.24 10.56
C THR E 20 18.28 -5.61 11.14
N THR E 21 17.13 -6.02 10.62
CA THR E 21 15.84 -5.48 11.04
C THR E 21 15.34 -6.27 12.24
N LEU E 22 15.51 -5.72 13.43
CA LEU E 22 14.99 -6.32 14.64
C LEU E 22 13.48 -6.16 14.71
N PHE E 23 12.80 -7.19 15.20
CA PHE E 23 11.35 -7.22 15.27
C PHE E 23 10.88 -6.93 16.69
N CYS E 24 9.61 -6.54 16.79
CA CYS E 24 9.03 -6.10 18.04
C CYS E 24 8.56 -7.27 18.90
N ALA E 25 8.49 -7.03 20.20
CA ALA E 25 7.89 -7.95 21.15
C ALA E 25 7.22 -7.13 22.26
N SER E 26 6.22 -7.73 22.90
CA SER E 26 5.41 -7.04 23.88
C SER E 26 5.19 -7.92 25.11
N ASP E 27 4.93 -7.26 26.24
CA ASP E 27 4.65 -7.96 27.48
C ASP E 27 3.19 -8.40 27.52
N ALA E 28 2.88 -9.27 28.49
CA ALA E 28 1.51 -9.76 28.62
C ALA E 28 0.54 -8.62 28.93
N LYS E 29 0.94 -7.72 29.83
CA LYS E 29 0.05 -6.60 30.19
C LYS E 29 -0.25 -5.73 28.98
N ALA E 30 0.77 -5.40 28.20
CA ALA E 30 0.57 -4.55 27.02
C ALA E 30 -0.08 -5.30 25.87
N TYR E 31 0.10 -6.62 25.81
CA TYR E 31 -0.42 -7.41 24.69
C TYR E 31 -1.87 -7.82 24.87
N GLU E 32 -2.50 -7.51 26.01
CA GLU E 32 -3.88 -7.90 26.26
C GLU E 32 -4.68 -6.77 26.89
N THR E 33 -4.33 -5.52 26.58
CA THR E 33 -5.10 -4.39 27.10
C THR E 33 -6.45 -4.28 26.40
N GLU E 34 -6.57 -4.78 25.17
CA GLU E 34 -7.80 -4.79 24.38
C GLU E 34 -8.20 -3.41 23.91
N LYS E 35 -7.34 -2.41 24.06
CA LYS E 35 -7.60 -1.06 23.57
C LYS E 35 -6.53 -0.67 22.56
N HIS E 36 -6.95 -0.01 21.48
CA HIS E 36 -6.03 0.35 20.42
C HIS E 36 -5.03 1.39 20.90
N ASN E 37 -3.85 1.39 20.27
CA ASN E 37 -2.79 2.32 20.61
C ASN E 37 -1.95 2.57 19.37
N VAL E 38 -1.19 3.67 19.40
CA VAL E 38 -0.37 4.04 18.24
C VAL E 38 0.63 2.94 17.92
N TRP E 39 1.33 2.46 18.94
CA TRP E 39 2.30 1.37 18.77
C TRP E 39 1.55 0.05 18.91
N ALA E 40 1.48 -0.68 17.80
CA ALA E 40 0.58 -1.82 17.71
C ALA E 40 0.80 -2.81 18.85
N THR E 41 -0.21 -2.94 19.71
CA THR E 41 -0.19 -4.03 20.69
C THR E 41 -0.25 -5.37 19.96
N HIS E 42 -1.07 -5.47 18.93
CA HIS E 42 -1.04 -6.62 18.04
C HIS E 42 0.19 -6.54 17.15
N ALA E 43 0.54 -7.68 16.54
CA ALA E 43 1.67 -7.85 15.64
C ALA E 43 3.01 -7.85 16.37
N CYS E 44 3.04 -7.60 17.68
CA CYS E 44 4.25 -7.71 18.48
C CYS E 44 4.16 -9.04 19.23
N VAL E 45 5.03 -9.98 18.91
CA VAL E 45 4.92 -11.32 19.48
C VAL E 45 5.07 -11.24 21.00
N PRO E 46 4.14 -11.79 21.78
CA PRO E 46 4.33 -11.80 23.23
C PRO E 46 5.58 -12.58 23.61
N THR E 47 6.25 -12.10 24.66
CA THR E 47 7.48 -12.72 25.14
C THR E 47 7.33 -13.08 26.61
N ASP E 48 7.91 -14.22 26.98
CA ASP E 48 7.86 -14.66 28.36
C ASP E 48 8.66 -13.78 29.33
N PRO E 49 8.28 -13.77 30.61
CA PRO E 49 9.01 -12.94 31.59
C PRO E 49 10.46 -13.38 31.76
N ASN E 50 11.21 -12.65 32.58
CA ASN E 50 12.60 -12.91 32.94
C ASN E 50 13.37 -13.56 31.79
N PRO E 51 13.55 -12.86 30.67
CA PRO E 51 14.28 -13.45 29.54
C PRO E 51 15.69 -13.83 29.93
N GLN E 52 16.16 -14.92 29.32
CA GLN E 52 17.46 -15.48 29.70
C GLN E 52 18.58 -14.46 29.48
N GLU E 53 19.43 -14.33 30.50
CA GLU E 53 20.62 -13.48 30.44
C GLU E 53 21.84 -14.35 30.70
N ILE E 54 22.81 -14.28 29.79
CA ILE E 54 24.04 -15.07 29.87
C ILE E 54 25.21 -14.11 29.91
N HIS E 55 26.05 -14.25 30.94
CA HIS E 55 27.22 -13.40 31.08
C HIS E 55 28.37 -13.96 30.27
N LEU E 56 29.07 -13.08 29.55
CA LEU E 56 30.20 -13.47 28.70
C LEU E 56 31.48 -13.13 29.46
N GLU E 57 31.97 -14.09 30.24
CA GLU E 57 33.18 -13.90 31.02
C GLU E 57 34.38 -13.72 30.10
N ASN E 58 35.33 -12.90 30.55
CA ASN E 58 36.60 -12.64 29.87
C ASN E 58 36.43 -11.95 28.53
N VAL E 59 35.22 -11.51 28.19
CA VAL E 59 34.91 -10.97 26.86
C VAL E 59 34.97 -9.46 26.92
N THR E 60 35.71 -8.85 26.00
CA THR E 60 35.76 -7.41 25.82
C THR E 60 35.34 -7.10 24.39
N GLU E 61 34.38 -6.19 24.23
CA GLU E 61 33.83 -5.86 22.93
C GLU E 61 33.72 -4.36 22.77
N GLU E 62 33.92 -3.89 21.55
CA GLU E 62 33.78 -2.48 21.23
C GLU E 62 32.30 -2.11 21.14
N PHE E 63 31.95 -0.99 21.76
CA PHE E 63 30.58 -0.49 21.76
C PHE E 63 30.55 0.92 21.20
N ASN E 64 29.42 1.30 20.63
CA ASN E 64 29.27 2.62 20.03
C ASN E 64 27.80 3.00 20.04
N MET E 65 27.52 4.23 20.49
CA MET E 65 26.16 4.74 20.51
C MET E 65 25.88 5.76 19.42
N TRP E 66 26.91 6.26 18.74
CA TRP E 66 26.75 7.27 17.69
C TRP E 66 26.50 6.63 16.33
N LYS E 67 27.42 5.80 15.87
CA LYS E 67 27.25 5.05 14.63
C LYS E 67 26.56 3.71 14.93
N ASN E 68 25.35 3.81 15.47
CA ASN E 68 24.55 2.67 15.86
C ASN E 68 23.34 2.57 14.94
N ASN E 69 23.10 1.38 14.40
CA ASN E 69 21.97 1.17 13.50
C ASN E 69 20.66 0.98 14.25
N MET E 70 20.71 0.59 15.52
CA MET E 70 19.47 0.36 16.27
C MET E 70 18.65 1.63 16.40
N VAL E 71 19.30 2.76 16.67
CA VAL E 71 18.58 4.02 16.83
C VAL E 71 17.96 4.46 15.50
N GLU E 72 18.67 4.22 14.40
CA GLU E 72 18.14 4.63 13.10
C GLU E 72 16.86 3.86 12.77
N GLN E 73 16.84 2.56 13.04
CA GLN E 73 15.64 1.77 12.78
C GLN E 73 14.47 2.22 13.65
N MET E 74 14.75 2.51 14.93
CA MET E 74 13.67 2.93 15.82
C MET E 74 13.03 4.23 15.36
N HIS E 75 13.84 5.17 14.86
CA HIS E 75 13.29 6.42 14.36
C HIS E 75 12.32 6.18 13.21
N THR E 76 12.70 5.32 12.26
CA THR E 76 11.81 5.03 11.14
C THR E 76 10.64 4.17 11.56
N ASP E 77 10.86 3.23 12.48
CA ASP E 77 9.78 2.35 12.92
C ASP E 77 8.68 3.16 13.62
N ILE E 78 9.05 4.08 14.50
CA ILE E 78 8.06 4.87 15.21
C ILE E 78 7.28 5.75 14.25
N ILE E 79 8.00 6.42 13.32
CA ILE E 79 7.33 7.28 12.36
C ILE E 79 6.39 6.48 11.48
N SER E 80 6.82 5.29 11.05
CA SER E 80 5.97 4.46 10.20
C SER E 80 4.69 4.07 10.93
N LEU E 81 4.80 3.75 12.22
CA LEU E 81 3.60 3.39 12.98
C LEU E 81 2.64 4.57 13.11
N TRP E 82 3.18 5.78 13.27
CA TRP E 82 2.33 6.95 13.42
C TRP E 82 1.44 7.14 12.20
N ASP E 83 2.02 7.04 11.00
CA ASP E 83 1.22 7.19 9.78
C ASP E 83 0.19 6.08 9.68
N GLN E 84 0.57 4.85 10.01
CA GLN E 84 -0.37 3.73 9.93
C GLN E 84 -1.52 3.90 10.90
N SER E 85 -1.32 4.70 11.96
CA SER E 85 -2.34 4.90 12.98
C SER E 85 -3.25 6.08 12.68
N LEU E 86 -3.08 6.73 11.52
CA LEU E 86 -3.90 7.88 11.15
C LEU E 86 -4.65 7.68 9.83
N LYS E 87 -4.44 6.56 9.15
CA LYS E 87 -5.11 6.35 7.87
C LYS E 87 -6.62 6.31 7.99
N PRO E 88 -7.23 5.54 8.89
CA PRO E 88 -8.69 5.46 8.93
C PRO E 88 -9.37 6.71 9.49
N CYS E 89 -8.64 7.58 10.17
CA CYS E 89 -9.28 8.70 10.84
C CYS E 89 -9.75 9.74 9.82
N VAL E 90 -10.72 10.55 10.24
CA VAL E 90 -11.36 11.50 9.34
C VAL E 90 -10.40 12.62 8.99
N LYS E 91 -10.36 12.97 7.71
CA LYS E 91 -9.61 14.13 7.25
C LYS E 91 -10.41 15.40 7.50
N LEU E 92 -9.73 16.45 7.95
CA LEU E 92 -10.36 17.72 8.29
C LEU E 92 -10.24 18.75 7.15
N THR E 93 -10.25 18.29 5.91
CA THR E 93 -10.20 19.23 4.79
C THR E 93 -11.36 20.22 4.76
N PRO E 94 -12.61 19.84 5.06
CA PRO E 94 -13.68 20.86 5.01
C PRO E 94 -13.51 21.99 6.00
N LEU E 95 -12.69 21.79 7.04
CA LEU E 95 -12.54 22.81 8.08
C LEU E 95 -11.83 24.07 7.58
N CYS E 96 -11.24 24.05 6.39
CA CYS E 96 -10.54 25.22 5.85
C CYS E 96 -11.57 26.20 5.29
N VAL E 97 -12.09 27.03 6.19
CA VAL E 97 -13.04 28.09 5.83
C VAL E 97 -12.75 29.30 6.71
N THR E 98 -13.32 30.44 6.32
CA THR E 98 -13.14 31.66 7.10
C THR E 98 -13.80 31.52 8.46
N LEU E 99 -13.11 31.99 9.49
CA LEU E 99 -13.59 31.94 10.86
C LEU E 99 -13.79 33.36 11.37
N GLN E 100 -14.97 33.61 11.95
CA GLN E 100 -15.27 34.88 12.60
C GLN E 100 -15.09 34.68 14.10
N CYS E 101 -14.02 35.26 14.65
CA CYS E 101 -13.61 35.00 16.01
C CYS E 101 -13.60 36.27 16.85
N THR E 102 -13.93 36.12 18.12
CA THR E 102 -13.80 37.18 19.12
C THR E 102 -13.14 36.61 20.36
N ASN E 103 -12.40 37.47 21.06
CA ASN E 103 -11.70 37.02 22.26
C ASN E 103 -12.70 36.49 23.28
N VAL E 104 -12.39 35.31 23.84
CA VAL E 104 -13.22 34.78 24.92
C VAL E 104 -12.99 35.59 26.18
N THR E 105 -14.08 35.96 26.84
CA THR E 105 -13.99 36.74 28.08
C THR E 105 -15.17 36.34 28.97
N ASN E 106 -14.92 35.35 29.84
CA ASN E 106 -15.89 34.98 30.87
C ASN E 106 -15.32 35.24 32.26
N ASN E 107 -14.20 34.62 32.61
CA ASN E 107 -13.47 34.92 33.83
C ASN E 107 -11.97 34.88 33.56
N ILE E 108 -11.55 35.47 32.44
CA ILE E 108 -10.17 35.37 32.01
C ILE E 108 -9.25 36.08 32.99
N THR E 109 -8.11 35.47 33.28
CA THR E 109 -7.07 36.09 34.09
C THR E 109 -6.25 37.05 33.22
N ASP E 110 -5.48 37.91 33.90
CA ASP E 110 -4.79 38.99 33.19
C ASP E 110 -3.80 38.44 32.15
N ASP E 111 -3.05 37.39 32.51
CA ASP E 111 -2.01 36.90 31.62
C ASP E 111 -2.54 35.96 30.54
N MET E 112 -3.79 35.53 30.62
CA MET E 112 -4.40 34.65 29.62
C MET E 112 -5.31 35.41 28.66
N ARG E 113 -5.22 36.74 28.67
CA ARG E 113 -6.05 37.56 27.80
C ARG E 113 -5.55 37.47 26.37
N GLY E 114 -6.42 37.07 25.45
CA GLY E 114 -6.07 37.01 24.04
C GLY E 114 -5.48 35.70 23.57
N GLU E 115 -5.35 34.71 24.44
CA GLU E 115 -4.78 33.41 24.07
C GLU E 115 -5.84 32.41 23.64
N LEU E 116 -7.12 32.77 23.69
CA LEU E 116 -8.20 31.89 23.26
C LEU E 116 -9.15 32.69 22.37
N LYS E 117 -9.60 32.07 21.29
CA LYS E 117 -10.49 32.72 20.32
C LYS E 117 -11.77 31.92 20.21
N ASN E 118 -12.90 32.61 20.31
CA ASN E 118 -14.23 32.01 20.16
C ASN E 118 -14.68 32.23 18.73
N CYS E 119 -14.56 31.19 17.90
CA CYS E 119 -14.79 31.29 16.47
C CYS E 119 -16.11 30.64 16.08
N SER E 120 -16.72 31.17 15.02
CA SER E 120 -17.93 30.62 14.44
C SER E 120 -17.77 30.54 12.93
N PHE E 121 -18.39 29.52 12.33
CA PHE E 121 -18.21 29.28 10.91
C PHE E 121 -19.38 28.44 10.40
N ASN E 122 -19.52 28.42 9.08
CA ASN E 122 -20.46 27.54 8.39
C ASN E 122 -19.74 26.26 8.02
N MET E 123 -20.33 25.12 8.35
CA MET E 123 -19.72 23.82 8.11
C MET E 123 -20.74 22.89 7.48
N THR E 124 -20.24 21.90 6.74
CA THR E 124 -21.10 20.94 6.07
C THR E 124 -21.83 20.08 7.11
N THR E 125 -22.74 19.25 6.62
CA THR E 125 -23.51 18.35 7.46
C THR E 125 -23.70 17.03 6.72
N GLU E 126 -24.48 16.13 7.30
CA GLU E 126 -24.69 14.82 6.68
C GLU E 126 -25.41 14.96 5.34
N LEU E 127 -26.20 16.01 5.16
CA LEU E 127 -26.90 16.27 3.91
C LEU E 127 -26.06 17.23 3.08
N ARG E 128 -25.68 16.80 1.88
CA ARG E 128 -24.80 17.59 1.02
C ARG E 128 -25.44 18.87 0.52
N ASP E 129 -26.76 19.02 0.65
CA ASP E 129 -27.46 20.20 0.16
C ASP E 129 -27.76 21.20 1.27
N LYS E 130 -27.20 21.01 2.46
CA LYS E 130 -27.48 21.88 3.60
C LYS E 130 -26.17 22.26 4.29
N LYS E 131 -26.18 23.42 4.99
CA LYS E 131 -25.03 23.88 5.78
C LYS E 131 -25.51 24.22 7.17
N GLN E 132 -24.64 24.05 8.17
CA GLN E 132 -24.93 24.32 9.56
C GLN E 132 -23.95 25.34 10.10
N LYS E 133 -24.42 26.14 11.06
CA LYS E 133 -23.59 27.15 11.71
C LYS E 133 -23.20 26.64 13.10
N VAL E 134 -21.89 26.57 13.35
CA VAL E 134 -21.35 26.05 14.60
C VAL E 134 -20.25 27.00 15.08
N TYR E 135 -19.81 26.78 16.32
CA TYR E 135 -18.78 27.60 16.94
C TYR E 135 -17.84 26.71 17.72
N SER E 136 -16.62 27.21 17.93
CA SER E 136 -15.60 26.45 18.63
C SER E 136 -14.59 27.41 19.24
N LEU E 137 -13.80 26.89 20.17
CA LEU E 137 -12.71 27.65 20.79
C LEU E 137 -11.39 27.16 20.23
N PHE E 138 -10.54 28.10 19.79
CA PHE E 138 -9.25 27.80 19.21
C PHE E 138 -8.18 28.63 19.90
N TYR E 139 -7.00 28.05 20.06
CA TYR E 139 -5.87 28.77 20.63
C TYR E 139 -5.29 29.74 19.60
N ARG E 140 -4.64 30.78 20.11
CA ARG E 140 -4.06 31.78 19.22
C ARG E 140 -3.00 31.17 18.31
N LEU E 141 -2.29 30.15 18.78
CA LEU E 141 -1.27 29.50 17.96
C LEU E 141 -1.88 28.73 16.80
N ASP E 142 -3.18 28.47 16.81
CA ASP E 142 -3.83 27.62 15.82
C ASP E 142 -4.49 28.39 14.69
N VAL E 143 -4.59 29.72 14.79
CA VAL E 143 -5.31 30.52 13.80
C VAL E 143 -4.46 31.72 13.42
N VAL E 144 -4.72 32.23 12.22
CA VAL E 144 -4.11 33.46 11.73
C VAL E 144 -5.20 34.32 11.10
N GLN E 145 -4.95 35.62 11.04
CA GLN E 145 -5.92 36.57 10.50
C GLN E 145 -5.81 36.65 8.98
N ILE E 146 -6.96 36.63 8.32
CA ILE E 146 -6.99 36.74 6.86
C ILE E 146 -6.54 38.13 6.44
N ASN E 147 -7.06 39.16 7.11
CA ASN E 147 -6.72 40.54 6.78
C ASN E 147 -5.24 40.82 7.07
N LYS E 159 -13.53 39.85 13.32
CA LYS E 159 -12.31 39.64 12.56
C LYS E 159 -12.34 38.28 11.86
N GLU E 160 -11.71 38.21 10.69
CA GLU E 160 -11.65 36.97 9.92
C GLU E 160 -10.37 36.23 10.24
N TYR E 161 -10.50 34.94 10.53
CA TYR E 161 -9.37 34.10 10.92
C TYR E 161 -9.33 32.86 10.04
N ARG E 162 -8.13 32.28 9.95
CA ARG E 162 -7.89 31.10 9.14
C ARG E 162 -6.98 30.15 9.90
N LEU E 163 -7.24 28.86 9.78
CA LEU E 163 -6.35 27.87 10.38
C LEU E 163 -4.97 27.96 9.74
N ILE E 164 -3.94 27.79 10.56
CA ILE E 164 -2.58 28.02 10.10
C ILE E 164 -2.19 27.03 9.00
N ASN E 165 -2.60 25.78 9.15
CA ASN E 165 -2.16 24.73 8.25
C ASN E 165 -2.86 24.74 6.89
N CYS E 166 -3.92 25.55 6.73
CA CYS E 166 -4.73 25.45 5.52
C CYS E 166 -3.96 25.79 4.25
N ASN E 167 -2.90 26.59 4.34
CA ASN E 167 -2.11 26.94 3.18
C ASN E 167 -0.93 26.00 2.95
N THR E 168 -0.79 24.96 3.78
CA THR E 168 0.28 23.99 3.64
C THR E 168 -0.25 22.58 3.37
N SER E 169 -1.25 22.14 4.12
CA SER E 169 -1.85 20.82 3.91
C SER E 169 -3.08 20.71 4.80
N ALA E 170 -3.78 19.58 4.66
CA ALA E 170 -4.97 19.30 5.43
C ALA E 170 -4.64 18.29 6.52
N CYS E 171 -4.96 18.63 7.77
CA CYS E 171 -4.68 17.76 8.89
C CYS E 171 -5.77 16.71 9.06
N THR E 172 -5.38 15.57 9.61
CA THR E 172 -6.30 14.47 9.90
C THR E 172 -6.54 14.40 11.39
N GLN E 173 -7.81 14.39 11.80
CA GLN E 173 -8.14 14.31 13.21
C GLN E 173 -7.63 13.00 13.79
N ALA E 174 -7.11 13.06 15.03
CA ALA E 174 -6.66 11.88 15.72
C ALA E 174 -7.85 11.08 16.24
N CYS E 175 -7.88 9.79 15.94
CA CYS E 175 -8.99 8.96 16.36
C CYS E 175 -9.04 8.89 17.89
N PRO E 176 -10.16 9.21 18.53
CA PRO E 176 -10.22 9.08 20.00
C PRO E 176 -10.02 7.66 20.49
N LYS E 177 -10.29 6.65 19.65
CA LYS E 177 -10.16 5.27 20.10
C LYS E 177 -8.72 4.94 20.48
N VAL E 178 -7.76 5.38 19.67
CA VAL E 178 -6.36 5.09 19.95
C VAL E 178 -5.84 6.04 21.03
N SER E 179 -4.70 5.65 21.63
CA SER E 179 -4.09 6.42 22.70
C SER E 179 -2.60 6.58 22.42
N PHE E 180 -2.02 7.65 22.96
CA PHE E 180 -0.64 8.02 22.72
C PHE E 180 0.29 7.62 23.86
N GLU E 181 -0.17 6.79 24.78
CA GLU E 181 0.67 6.41 25.92
C GLU E 181 1.86 5.59 25.44
N PRO E 182 3.11 5.99 25.74
CA PRO E 182 4.26 5.20 25.28
C PRO E 182 4.47 3.92 26.09
N ILE E 183 3.79 2.85 25.72
CA ILE E 183 4.01 1.54 26.34
C ILE E 183 5.39 1.05 25.92
N PRO E 184 6.04 0.19 26.70
CA PRO E 184 7.39 -0.27 26.32
C PRO E 184 7.38 -1.13 25.07
N ILE E 185 8.49 -1.09 24.34
CA ILE E 185 8.69 -1.89 23.14
C ILE E 185 10.01 -2.63 23.26
N HIS E 186 10.02 -3.90 22.88
CA HIS E 186 11.21 -4.74 22.94
C HIS E 186 11.67 -5.05 21.52
N TYR E 187 12.91 -4.70 21.21
CA TYR E 187 13.50 -4.94 19.90
C TYR E 187 14.34 -6.22 19.98
N CYS E 188 13.84 -7.29 19.36
CA CYS E 188 14.48 -8.60 19.45
C CYS E 188 14.98 -9.04 18.09
N ALA E 189 16.25 -9.46 18.05
CA ALA E 189 16.90 -9.87 16.83
C ALA E 189 16.46 -11.28 16.42
N PRO E 190 16.59 -11.63 15.16
CA PRO E 190 16.17 -12.95 14.69
C PRO E 190 17.26 -13.99 14.92
N ALA E 191 16.99 -15.21 14.49
CA ALA E 191 17.97 -16.28 14.60
C ALA E 191 19.18 -15.98 13.73
N GLY E 192 20.34 -16.45 14.18
CA GLY E 192 21.59 -16.15 13.53
C GLY E 192 22.21 -14.82 13.93
N PHE E 193 21.55 -14.07 14.81
CA PHE E 193 22.07 -12.80 15.32
C PHE E 193 21.89 -12.77 16.83
N ALA E 194 22.74 -12.00 17.50
CA ALA E 194 22.70 -11.85 18.94
C ALA E 194 22.88 -10.38 19.29
N ILE E 195 22.32 -10.00 20.45
CA ILE E 195 22.41 -8.64 20.97
C ILE E 195 23.32 -8.67 22.19
N LEU E 196 24.34 -7.81 22.19
CA LEU E 196 25.31 -7.73 23.26
C LEU E 196 25.05 -6.48 24.08
N LYS E 197 24.92 -6.65 25.39
CA LYS E 197 24.65 -5.56 26.31
C LYS E 197 25.91 -5.24 27.11
N CYS E 198 26.26 -3.96 27.20
CA CYS E 198 27.44 -3.53 27.93
C CYS E 198 27.10 -3.48 29.41
N LYS E 199 27.47 -4.54 30.14
CA LYS E 199 27.20 -4.60 31.57
C LYS E 199 27.96 -3.56 32.37
N ASP E 200 28.99 -2.94 31.79
CA ASP E 200 29.80 -1.97 32.52
C ASP E 200 28.91 -0.84 33.05
N LYS E 201 29.11 -0.48 34.30
CA LYS E 201 28.33 0.55 34.96
C LYS E 201 28.97 1.93 34.87
N LYS E 202 30.10 2.07 34.18
CA LYS E 202 30.76 3.35 34.02
C LYS E 202 31.11 3.63 32.55
N PHE E 203 30.44 2.95 31.62
CA PHE E 203 30.72 3.15 30.21
C PHE E 203 30.27 4.54 29.76
N ASN E 204 31.11 5.17 28.93
CA ASN E 204 30.86 6.53 28.45
C ASN E 204 30.39 6.54 27.00
N GLY E 205 29.79 5.44 26.53
CA GLY E 205 29.15 5.40 25.24
C GLY E 205 30.07 5.09 24.07
N THR E 206 31.37 4.99 24.29
CA THR E 206 32.29 4.67 23.21
C THR E 206 33.55 4.03 23.80
N GLY E 207 34.13 3.09 23.07
CA GLY E 207 35.32 2.41 23.51
C GLY E 207 35.00 1.01 24.02
N PRO E 208 36.03 0.28 24.46
CA PRO E 208 35.81 -1.09 24.93
C PRO E 208 34.95 -1.13 26.18
N CYS E 209 34.11 -2.15 26.26
CA CYS E 209 33.29 -2.41 27.45
C CYS E 209 33.81 -3.69 28.11
N PRO E 210 34.60 -3.61 29.18
CA PRO E 210 35.23 -4.83 29.72
C PRO E 210 34.25 -5.95 30.04
N SER E 211 33.08 -5.62 30.57
CA SER E 211 32.07 -6.62 30.93
C SER E 211 30.92 -6.56 29.94
N VAL E 212 30.65 -7.69 29.29
CA VAL E 212 29.59 -7.78 28.28
C VAL E 212 28.77 -9.02 28.57
N SER E 213 27.51 -8.98 28.12
CA SER E 213 26.59 -10.10 28.26
C SER E 213 25.71 -10.16 27.02
N THR E 214 25.08 -11.32 26.83
CA THR E 214 24.16 -11.52 25.72
C THR E 214 22.77 -11.81 26.28
N VAL E 215 21.77 -11.18 25.69
CA VAL E 215 20.38 -11.30 26.13
C VAL E 215 19.52 -11.71 24.94
N GLN E 216 18.37 -12.31 25.24
CA GLN E 216 17.43 -12.65 24.17
C GLN E 216 17.04 -11.41 23.40
N CYS E 217 16.73 -10.33 24.10
CA CYS E 217 16.57 -9.02 23.47
C CYS E 217 16.42 -7.96 24.56
N THR E 218 16.29 -6.71 24.12
CA THR E 218 16.43 -5.57 25.01
C THR E 218 15.23 -5.44 25.95
N HIS E 219 15.42 -4.63 26.99
CA HIS E 219 14.34 -4.30 27.90
C HIS E 219 13.40 -3.28 27.25
N GLY E 220 12.27 -3.06 27.90
CA GLY E 220 11.25 -2.16 27.38
C GLY E 220 11.76 -0.75 27.16
N ILE E 221 11.60 -0.23 25.94
CA ILE E 221 11.96 1.13 25.61
C ILE E 221 10.67 1.88 25.32
N LYS E 222 10.35 2.84 26.19
CA LYS E 222 9.11 3.61 26.04
C LYS E 222 9.32 4.73 25.03
N PRO E 223 8.58 4.77 23.92
CA PRO E 223 8.80 5.84 22.94
C PRO E 223 8.25 7.19 23.42
N VAL E 224 8.97 7.82 24.34
CA VAL E 224 8.57 9.11 24.87
C VAL E 224 9.17 10.21 23.98
N VAL E 225 8.32 11.12 23.52
CA VAL E 225 8.74 12.23 22.68
C VAL E 225 8.80 13.48 23.54
N SER E 226 9.98 14.10 23.59
CA SER E 226 10.18 15.29 24.40
C SER E 226 11.32 16.10 23.81
N THR E 227 11.41 17.36 24.24
CA THR E 227 12.42 18.29 23.73
C THR E 227 13.07 19.00 24.91
N GLN E 228 14.40 19.08 24.90
CA GLN E 228 15.19 19.71 25.95
C GLN E 228 15.25 18.87 27.22
N LEU E 229 14.49 17.78 27.28
CA LEU E 229 14.43 16.98 28.50
C LEU E 229 14.00 15.57 28.13
N LEU E 230 14.55 14.59 28.84
CA LEU E 230 14.19 13.19 28.67
C LEU E 230 13.34 12.77 29.86
N LEU E 231 12.13 12.30 29.59
CA LEU E 231 11.16 11.96 30.61
C LEU E 231 10.92 10.46 30.62
N ASN E 232 10.66 9.92 31.81
CA ASN E 232 10.32 8.51 32.00
C ASN E 232 11.42 7.59 31.45
N GLY E 233 12.67 8.06 31.49
CA GLY E 233 13.78 7.30 30.99
C GLY E 233 14.44 6.44 32.06
N SER E 234 15.61 5.91 31.71
CA SER E 234 16.40 5.11 32.63
C SER E 234 17.38 5.99 33.38
N LEU E 235 17.62 5.65 34.64
CA LEU E 235 18.50 6.42 35.50
C LEU E 235 19.92 5.88 35.46
N ALA E 236 20.89 6.78 35.60
CA ALA E 236 22.29 6.40 35.65
C ALA E 236 22.57 5.66 36.96
N GLU E 237 23.74 5.02 37.01
CA GLU E 237 24.11 4.16 38.13
C GLU E 237 25.22 4.83 38.93
N GLU E 238 24.86 5.31 40.13
CA GLU E 238 25.75 5.80 41.18
C GLU E 238 26.32 7.18 40.87
N GLU E 239 26.16 7.71 39.66
CA GLU E 239 26.73 9.00 39.32
C GLU E 239 26.04 9.55 38.08
N VAL E 240 25.91 10.88 38.03
CA VAL E 240 25.44 11.54 36.82
C VAL E 240 26.51 11.41 35.74
N MET E 241 26.09 11.00 34.56
CA MET E 241 27.01 10.64 33.49
C MET E 241 26.66 11.40 32.22
N ILE E 242 27.69 11.71 31.44
CA ILE E 242 27.57 12.60 30.28
C ILE E 242 28.04 11.87 29.03
N ARG E 243 27.33 12.09 27.93
CA ARG E 243 27.65 11.51 26.63
C ARG E 243 27.81 12.62 25.61
N SER E 244 28.72 12.41 24.66
CA SER E 244 28.92 13.37 23.59
C SER E 244 29.82 12.74 22.53
N GLU E 245 29.44 12.91 21.26
CA GLU E 245 30.25 12.37 20.18
C GLU E 245 31.64 13.02 20.15
N ASN E 246 31.69 14.33 20.36
CA ASN E 246 32.96 15.06 20.33
C ASN E 246 32.80 16.29 21.21
N ILE E 247 33.33 16.21 22.44
CA ILE E 247 33.23 17.33 23.37
C ILE E 247 33.98 18.53 22.84
N THR E 248 35.11 18.31 22.17
CA THR E 248 35.88 19.43 21.62
C THR E 248 35.05 20.21 20.61
N ASN E 249 34.14 19.56 19.92
CA ASN E 249 33.29 20.22 18.92
C ASN E 249 32.01 20.70 19.60
N ASN E 250 31.83 22.02 19.65
CA ASN E 250 30.64 22.59 20.28
C ASN E 250 29.37 22.27 19.50
N ALA E 251 29.49 21.95 18.21
CA ALA E 251 28.30 21.66 17.42
C ALA E 251 27.57 20.42 17.91
N LYS E 252 28.31 19.43 18.40
CA LYS E 252 27.69 18.20 18.88
C LYS E 252 26.92 18.45 20.16
N ASN E 253 25.76 17.81 20.28
CA ASN E 253 24.95 17.93 21.48
C ASN E 253 25.57 17.11 22.62
N ILE E 254 25.18 17.45 23.84
CA ILE E 254 25.64 16.77 25.04
C ILE E 254 24.44 16.14 25.73
N LEU E 255 24.54 14.84 26.01
CA LEU E 255 23.47 14.11 26.68
C LEU E 255 23.88 13.86 28.13
N VAL E 256 23.02 14.27 29.06
CA VAL E 256 23.26 14.13 30.49
C VAL E 256 22.21 13.19 31.05
N GLN E 257 22.67 12.20 31.84
CA GLN E 257 21.80 11.19 32.43
C GLN E 257 21.91 11.29 33.95
N PHE E 258 20.82 11.64 34.62
CA PHE E 258 20.83 11.77 36.06
C PHE E 258 20.77 10.39 36.72
N ASN E 259 21.57 10.21 37.76
CA ASN E 259 21.51 8.98 38.54
C ASN E 259 20.32 8.95 39.48
N THR E 260 19.74 10.10 39.79
CA THR E 260 18.52 10.20 40.58
C THR E 260 17.54 11.14 39.87
N PRO E 261 16.25 10.86 39.93
CA PRO E 261 15.29 11.67 39.17
C PRO E 261 14.87 12.92 39.92
N VAL E 262 14.26 13.83 39.17
CA VAL E 262 13.61 15.01 39.71
C VAL E 262 12.20 15.07 39.14
N GLN E 263 11.22 15.28 40.00
CA GLN E 263 9.81 15.14 39.66
C GLN E 263 9.26 16.42 39.07
N ILE E 264 8.38 16.29 38.08
CA ILE E 264 7.71 17.42 37.44
C ILE E 264 6.22 17.15 37.41
N ASN E 265 5.42 18.18 37.72
CA ASN E 265 3.97 18.08 37.80
C ASN E 265 3.37 19.07 36.81
N CYS E 266 2.78 18.56 35.73
CA CYS E 266 2.17 19.39 34.71
C CYS E 266 0.65 19.18 34.70
N THR E 267 -0.10 20.27 34.51
CA THR E 267 -1.55 20.22 34.57
C THR E 267 -2.15 21.22 33.60
N ARG E 268 -3.40 20.99 33.25
CA ARG E 268 -4.22 21.94 32.50
C ARG E 268 -5.43 22.29 33.35
N PRO E 269 -5.38 23.38 34.13
CA PRO E 269 -6.51 23.67 35.05
C PRO E 269 -7.83 23.86 34.35
N ASN E 270 -7.84 24.28 33.08
CA ASN E 270 -9.10 24.54 32.38
C ASN E 270 -9.96 23.27 32.35
N ASN E 271 -11.24 23.44 32.63
CA ASN E 271 -12.19 22.33 32.63
C ASN E 271 -12.90 22.33 31.27
N ASN E 272 -12.21 21.76 30.28
CA ASN E 272 -12.73 21.74 28.92
C ASN E 272 -13.93 20.80 28.81
N THR E 273 -14.78 21.08 27.82
CA THR E 273 -15.92 20.24 27.50
C THR E 273 -15.90 19.97 26.01
N ARG E 274 -16.01 18.70 25.63
CA ARG E 274 -15.99 18.31 24.24
C ARG E 274 -17.40 18.46 23.63
N LYS E 275 -17.44 18.77 22.34
CA LYS E 275 -18.69 18.94 21.62
C LYS E 275 -18.50 18.37 20.21
N SER E 276 -19.16 17.26 19.93
CA SER E 276 -19.05 16.61 18.64
C SER E 276 -19.90 17.32 17.60
N ILE E 277 -19.35 17.50 16.40
CA ILE E 277 -20.04 18.15 15.30
C ILE E 277 -20.06 17.18 14.13
N ARG E 278 -21.25 16.93 13.58
CA ARG E 278 -21.43 15.96 12.50
C ARG E 278 -21.23 16.67 11.17
N ILE E 279 -19.97 16.69 10.71
CA ILE E 279 -19.62 17.40 9.48
C ILE E 279 -19.80 16.56 8.23
N GLY E 280 -20.09 15.27 8.37
CA GLY E 280 -20.26 14.41 7.22
C GLY E 280 -21.00 13.13 7.58
N PRO E 281 -21.18 12.25 6.59
CA PRO E 281 -21.88 10.98 6.85
C PRO E 281 -21.04 10.01 7.66
N GLY E 282 -21.40 9.81 8.93
CA GLY E 282 -20.69 8.89 9.78
C GLY E 282 -19.33 9.36 10.25
N GLN E 283 -19.06 10.66 10.12
CA GLN E 283 -17.80 11.23 10.59
C GLN E 283 -18.09 12.57 11.26
N ALA E 284 -17.45 12.80 12.40
CA ALA E 284 -17.72 13.98 13.21
C ALA E 284 -16.41 14.63 13.63
N PHE E 285 -16.47 15.95 13.79
CA PHE E 285 -15.34 16.75 14.25
C PHE E 285 -15.57 17.14 15.70
N TYR E 286 -14.61 16.80 16.55
CA TYR E 286 -14.74 17.03 17.99
C TYR E 286 -14.25 18.44 18.32
N ALA E 287 -15.19 19.34 18.58
CA ALA E 287 -14.89 20.73 18.87
C ALA E 287 -14.89 20.97 20.38
N THR E 288 -14.48 22.18 20.76
CA THR E 288 -14.40 22.57 22.16
C THR E 288 -15.58 23.48 22.48
N GLY E 289 -16.28 23.18 23.58
CA GLY E 289 -17.39 23.98 24.04
C GLY E 289 -16.96 25.02 25.05
N ASP E 290 -17.95 25.55 25.76
CA ASP E 290 -17.68 26.54 26.80
C ASP E 290 -16.86 25.92 27.93
N ILE E 291 -15.86 26.67 28.40
CA ILE E 291 -15.00 26.17 29.46
C ILE E 291 -15.69 26.38 30.80
N ILE E 292 -15.81 25.31 31.57
CA ILE E 292 -16.51 25.34 32.85
C ILE E 292 -15.58 25.94 33.90
N GLY E 293 -16.08 26.91 34.65
CA GLY E 293 -15.32 27.51 35.74
C GLY E 293 -14.48 28.67 35.24
N ASP E 294 -13.25 28.76 35.75
CA ASP E 294 -12.33 29.84 35.40
C ASP E 294 -11.26 29.33 34.45
N ILE E 295 -10.74 30.24 33.64
CA ILE E 295 -9.72 29.92 32.64
C ILE E 295 -8.37 30.35 33.19
N ARG E 296 -7.42 29.42 33.23
CA ARG E 296 -6.10 29.67 33.80
C ARG E 296 -5.05 29.05 32.88
N GLN E 297 -3.79 29.37 33.17
CA GLN E 297 -2.68 28.93 32.34
C GLN E 297 -2.18 27.56 32.78
N ALA E 298 -1.88 26.71 31.81
CA ALA E 298 -1.24 25.44 32.08
C ALA E 298 0.23 25.66 32.44
N HIS E 299 0.73 24.90 33.40
CA HIS E 299 2.08 25.10 33.91
C HIS E 299 2.60 23.79 34.49
N CYS E 300 3.91 23.76 34.71
CA CYS E 300 4.59 22.61 35.30
C CYS E 300 5.37 23.05 36.54
N ASN E 301 5.43 22.16 37.53
CA ASN E 301 6.08 22.44 38.80
C ASN E 301 7.26 21.50 39.01
N VAL E 302 8.39 22.06 39.41
CA VAL E 302 9.56 21.30 39.82
C VAL E 302 10.15 21.94 41.07
N SER E 303 10.48 21.11 42.05
CA SER E 303 11.00 21.64 43.30
C SER E 303 12.34 22.33 43.08
N LYS E 304 12.48 23.53 43.65
CA LYS E 304 13.72 24.29 43.49
C LYS E 304 14.89 23.58 44.16
N ALA E 305 14.66 23.01 45.34
CA ALA E 305 15.76 22.37 46.08
C ALA E 305 16.33 21.20 45.30
N THR E 306 15.47 20.37 44.71
CA THR E 306 15.96 19.20 43.99
C THR E 306 16.67 19.61 42.69
N TRP E 307 16.12 20.59 41.97
CA TRP E 307 16.75 21.02 40.73
C TRP E 307 18.14 21.60 40.98
N ASN E 308 18.27 22.40 42.03
CA ASN E 308 19.58 22.93 42.38
C ASN E 308 20.56 21.80 42.71
N GLU E 309 20.09 20.79 43.44
CA GLU E 309 20.93 19.65 43.74
C GLU E 309 21.39 18.95 42.48
N THR E 310 20.47 18.74 41.53
CA THR E 310 20.84 18.07 40.29
C THR E 310 21.86 18.86 39.51
N LEU E 311 21.68 20.19 39.41
CA LEU E 311 22.64 21.02 38.71
C LEU E 311 24.00 21.01 39.42
N GLY E 312 23.98 21.00 40.75
CA GLY E 312 25.22 20.91 41.50
C GLY E 312 26.01 19.65 41.22
N LYS E 313 25.33 18.59 40.78
CA LYS E 313 26.00 17.35 40.39
C LYS E 313 26.34 17.31 38.92
N VAL E 314 25.51 17.92 38.06
CA VAL E 314 25.82 17.98 36.64
C VAL E 314 27.07 18.81 36.40
N VAL E 315 27.19 19.95 37.09
CA VAL E 315 28.35 20.81 36.90
C VAL E 315 29.63 20.10 37.33
N LYS E 316 29.55 19.29 38.39
CA LYS E 316 30.73 18.62 38.90
C LYS E 316 31.34 17.73 37.83
N GLN E 317 30.53 16.86 37.22
CA GLN E 317 31.06 15.97 36.18
C GLN E 317 31.32 16.72 34.89
N LEU E 318 30.47 17.69 34.56
CA LEU E 318 30.67 18.47 33.33
C LEU E 318 31.96 19.27 33.38
N ARG E 319 32.43 19.62 34.58
CA ARG E 319 33.66 20.39 34.70
C ARG E 319 34.90 19.55 34.40
N LYS E 320 34.79 18.23 34.43
CA LYS E 320 35.94 17.38 34.15
C LYS E 320 36.45 17.56 32.73
N HIS E 321 35.57 17.91 31.80
CA HIS E 321 35.93 18.05 30.40
C HIS E 321 36.44 19.44 30.03
N PHE E 322 36.48 20.37 30.98
CA PHE E 322 36.87 21.74 30.68
C PHE E 322 37.88 22.34 31.65
N GLY E 323 38.16 21.68 32.78
CA GLY E 323 39.13 22.19 33.73
C GLY E 323 38.52 22.54 35.07
N ASN E 324 39.20 22.15 36.16
CA ASN E 324 38.64 22.35 37.48
C ASN E 324 38.46 23.83 37.81
N ASN E 325 39.24 24.70 37.18
CA ASN E 325 39.20 26.13 37.46
C ASN E 325 38.23 26.89 36.57
N THR E 326 37.59 26.22 35.61
CA THR E 326 36.70 26.90 34.68
C THR E 326 35.33 27.12 35.31
N ILE E 327 34.64 28.17 34.83
CA ILE E 327 33.33 28.55 35.31
C ILE E 327 32.27 27.98 34.36
N ILE E 328 31.19 27.46 34.92
CA ILE E 328 30.11 26.85 34.15
C ILE E 328 28.87 27.71 34.33
N ARG E 329 28.24 28.09 33.21
CA ARG E 329 27.07 28.96 33.21
C ARG E 329 25.98 28.35 32.35
N PHE E 330 24.74 28.47 32.80
CA PHE E 330 23.58 27.96 32.09
C PHE E 330 22.71 29.12 31.62
N ALA E 331 22.15 28.98 30.43
CA ALA E 331 21.27 30.00 29.84
C ALA E 331 20.15 29.31 29.08
N ASN E 332 19.08 30.05 28.84
CA ASN E 332 17.93 29.50 28.14
C ASN E 332 18.21 29.39 26.64
N SER E 333 17.24 28.85 25.91
CA SER E 333 17.44 28.60 24.49
C SER E 333 17.63 29.90 23.72
N SER E 334 18.32 29.79 22.58
CA SER E 334 18.65 30.94 21.75
C SER E 334 17.55 31.30 20.76
N GLY E 335 16.32 30.84 21.01
CA GLY E 335 15.20 31.18 20.15
C GLY E 335 15.11 30.30 18.92
N GLY E 336 14.10 30.59 18.10
CA GLY E 336 13.83 29.83 16.90
C GLY E 336 12.39 29.37 16.84
N ASP E 337 12.15 28.22 16.21
CA ASP E 337 10.82 27.66 16.14
C ASP E 337 10.35 27.24 17.54
N LEU E 338 9.05 27.42 17.79
CA LEU E 338 8.51 27.07 19.10
C LEU E 338 8.67 25.59 19.40
N GLU E 339 8.67 24.74 18.36
CA GLU E 339 8.76 23.30 18.57
C GLU E 339 10.11 22.87 19.13
N VAL E 340 11.14 23.69 19.00
CA VAL E 340 12.49 23.29 19.39
C VAL E 340 13.00 24.13 20.55
N THR E 341 12.52 25.37 20.65
CA THR E 341 12.97 26.29 21.69
C THR E 341 12.21 26.15 23.00
N THR E 342 11.25 25.23 23.07
CA THR E 342 10.46 25.00 24.27
C THR E 342 10.37 23.51 24.55
N HIS E 343 10.18 23.18 25.83
CA HIS E 343 10.07 21.78 26.25
C HIS E 343 8.71 21.25 25.83
N SER E 344 8.67 20.58 24.69
CA SER E 344 7.44 20.02 24.16
C SER E 344 7.24 18.59 24.66
N PHE E 345 5.98 18.24 24.89
CA PHE E 345 5.59 16.89 25.30
C PHE E 345 4.07 16.82 25.20
N ASN E 346 3.51 15.69 25.63
CA ASN E 346 2.06 15.52 25.73
C ASN E 346 1.71 14.95 27.09
N CYS E 347 0.52 15.32 27.57
CA CYS E 347 0.05 14.94 28.90
C CYS E 347 -1.36 14.39 28.74
N GLY E 348 -1.48 13.06 28.63
CA GLY E 348 -2.77 12.45 28.44
C GLY E 348 -3.48 12.85 27.17
N GLY E 349 -2.73 12.96 26.07
CA GLY E 349 -3.31 13.35 24.80
C GLY E 349 -3.31 14.84 24.51
N GLU E 350 -2.95 15.66 25.49
CA GLU E 350 -2.89 17.11 25.32
C GLU E 350 -1.43 17.52 25.18
N PHE E 351 -1.11 18.20 24.08
CA PHE E 351 0.27 18.57 23.77
C PHE E 351 0.64 19.87 24.48
N PHE E 352 1.84 19.91 25.05
CA PHE E 352 2.33 21.05 25.81
C PHE E 352 3.57 21.62 25.17
N TYR E 353 3.82 22.90 25.42
CA TYR E 353 5.02 23.60 24.95
C TYR E 353 5.41 24.56 26.07
N CYS E 354 6.42 24.17 26.85
CA CYS E 354 6.72 24.83 28.11
C CYS E 354 8.01 25.64 28.01
N ASN E 355 8.00 26.79 28.67
CA ASN E 355 9.12 27.75 28.63
C ASN E 355 10.02 27.45 29.82
N THR E 356 11.13 26.77 29.55
CA THR E 356 12.04 26.30 30.58
C THR E 356 13.13 27.31 30.95
N SER E 357 12.88 28.60 30.67
CA SER E 357 13.89 29.62 30.97
C SER E 357 14.20 29.71 32.45
N GLY E 358 13.27 29.29 33.32
CA GLY E 358 13.51 29.37 34.75
C GLY E 358 14.42 28.29 35.29
N LEU E 359 14.61 27.20 34.54
CA LEU E 359 15.44 26.10 35.02
C LEU E 359 16.92 26.39 34.78
N PHE E 360 17.29 26.65 33.52
CA PHE E 360 18.68 26.87 33.13
C PHE E 360 18.99 28.36 33.23
N ASN E 361 19.09 28.83 34.48
CA ASN E 361 19.36 30.24 34.75
C ASN E 361 20.13 30.32 36.06
N SER E 362 21.46 30.29 35.97
CA SER E 362 22.33 30.31 37.13
C SER E 362 23.78 30.33 36.65
N THR E 363 24.69 30.56 37.60
CA THR E 363 26.12 30.49 37.35
C THR E 363 26.79 29.83 38.54
N TRP E 364 27.71 28.91 38.27
CA TRP E 364 28.43 28.17 39.30
C TRP E 364 29.90 28.56 39.24
N ILE E 365 30.43 29.04 40.35
CA ILE E 365 31.75 29.66 40.40
C ILE E 365 32.62 28.91 41.41
N SER E 366 33.77 28.43 40.93
CA SER E 366 34.83 27.90 41.80
C SER E 366 34.32 26.82 42.76
N ASN E 367 33.23 26.14 42.40
CA ASN E 367 32.69 25.09 43.26
C ASN E 367 31.94 24.05 42.43
N SER E 378 11.39 24.80 51.84
CA SER E 378 11.62 23.67 50.97
C SER E 378 10.47 23.49 49.98
N ASN E 379 9.31 24.07 50.30
CA ASN E 379 8.15 23.98 49.43
C ASN E 379 8.27 24.85 48.18
N ASP E 380 9.27 25.71 48.10
CA ASP E 380 9.45 26.55 46.93
C ASP E 380 9.63 25.69 45.69
N SER E 381 8.92 26.06 44.62
CA SER E 381 8.95 25.32 43.36
C SER E 381 9.08 26.28 42.20
N ILE E 382 9.66 25.79 41.11
CA ILE E 382 9.83 26.57 39.89
C ILE E 382 8.64 26.27 38.99
N THR E 383 7.86 27.30 38.66
CA THR E 383 6.67 27.15 37.83
C THR E 383 7.02 27.55 36.41
N LEU E 384 6.79 26.64 35.46
CA LEU E 384 7.09 26.88 34.06
C LEU E 384 5.80 27.13 33.30
N PRO E 385 5.53 28.35 32.84
CA PRO E 385 4.31 28.56 32.05
C PRO E 385 4.35 27.74 30.77
N CYS E 386 3.19 27.17 30.43
CA CYS E 386 3.11 26.17 29.38
C CYS E 386 1.98 26.52 28.43
N ARG E 387 2.27 26.54 27.14
CA ARG E 387 1.26 26.76 26.11
C ARG E 387 0.78 25.43 25.54
N ILE E 388 -0.35 25.49 24.84
CA ILE E 388 -1.00 24.30 24.30
C ILE E 388 -1.37 24.56 22.85
N LYS E 389 -1.19 23.53 22.01
CA LYS E 389 -1.43 23.62 20.58
C LYS E 389 -2.13 22.34 20.13
N GLN E 390 -2.88 22.44 19.03
CA GLN E 390 -3.59 21.29 18.48
C GLN E 390 -3.15 20.90 17.09
N ILE E 391 -2.48 21.78 16.35
CA ILE E 391 -1.91 21.44 15.05
C ILE E 391 -0.49 20.97 15.31
N ILE E 392 -0.22 19.68 15.11
CA ILE E 392 1.01 19.03 15.53
C ILE E 392 1.65 18.36 14.34
N ASN E 393 2.98 18.50 14.22
CA ASN E 393 3.78 17.76 13.27
C ASN E 393 4.74 16.81 13.98
N MET E 394 5.62 17.33 14.84
CA MET E 394 6.41 16.55 15.79
C MET E 394 7.51 15.73 15.11
N TRP E 395 7.51 15.68 13.77
CA TRP E 395 8.50 14.90 13.04
C TRP E 395 9.34 15.77 12.10
N GLN E 396 9.25 17.09 12.25
CA GLN E 396 9.99 18.02 11.39
C GLN E 396 9.67 17.76 9.92
N ARG E 397 8.39 17.54 9.64
CA ARG E 397 7.92 17.24 8.30
C ARG E 397 6.97 18.33 7.83
N ILE E 398 6.92 18.53 6.51
CA ILE E 398 6.06 19.52 5.88
C ILE E 398 4.95 18.77 5.14
N GLY E 399 3.70 19.16 5.42
CA GLY E 399 2.54 18.57 4.80
C GLY E 399 1.84 17.52 5.65
N GLN E 400 2.57 16.91 6.58
CA GLN E 400 1.99 15.92 7.50
C GLN E 400 1.67 16.62 8.81
N CYS E 401 0.38 16.82 9.08
CA CYS E 401 -0.07 17.45 10.31
C CYS E 401 -1.26 16.69 10.87
N MET E 402 -1.45 16.80 12.17
CA MET E 402 -2.51 16.09 12.89
C MET E 402 -3.21 17.05 13.83
N TYR E 403 -4.51 16.87 13.99
CA TYR E 403 -5.31 17.67 14.91
C TYR E 403 -5.64 16.84 16.13
N ALA E 404 -5.30 17.37 17.32
CA ALA E 404 -5.54 16.67 18.56
C ALA E 404 -6.90 17.09 19.12
N PRO E 405 -7.90 16.21 19.17
CA PRO E 405 -9.20 16.62 19.67
C PRO E 405 -9.14 16.92 21.15
N PRO E 406 -10.01 17.80 21.65
CA PRO E 406 -10.00 18.08 23.10
C PRO E 406 -10.40 16.87 23.92
N ILE E 407 -9.86 16.81 25.13
CA ILE E 407 -10.13 15.72 26.06
C ILE E 407 -10.89 16.29 27.24
N GLN E 408 -11.96 15.60 27.64
CA GLN E 408 -12.86 16.11 28.66
C GLN E 408 -12.15 16.26 30.00
N GLY E 409 -12.52 17.33 30.73
CA GLY E 409 -12.11 17.48 32.10
C GLY E 409 -10.68 17.98 32.27
N VAL E 410 -10.30 18.15 33.52
CA VAL E 410 -8.93 18.54 33.86
C VAL E 410 -8.01 17.32 33.78
N ILE E 411 -6.72 17.59 33.66
CA ILE E 411 -5.71 16.54 33.52
C ILE E 411 -4.51 16.89 34.38
N ARG E 412 -3.95 15.87 35.03
CA ARG E 412 -2.70 16.00 35.76
C ARG E 412 -1.88 14.74 35.55
N CYS E 413 -0.66 14.91 35.02
CA CYS E 413 0.27 13.81 34.82
C CYS E 413 1.60 14.18 35.46
N VAL E 414 2.10 13.31 36.32
CA VAL E 414 3.37 13.50 37.03
C VAL E 414 4.39 12.56 36.41
N SER E 415 5.58 13.10 36.12
CA SER E 415 6.55 12.38 35.32
C SER E 415 7.94 12.52 35.93
N ASN E 416 8.79 11.54 35.64
CA ASN E 416 10.22 11.63 35.94
C ASN E 416 10.91 12.58 34.98
N ILE E 417 12.06 13.09 35.41
CA ILE E 417 13.03 13.74 34.54
C ILE E 417 14.34 12.98 34.72
N THR E 418 14.74 12.23 33.69
CA THR E 418 15.88 11.33 33.78
C THR E 418 17.03 11.74 32.87
N GLY E 419 17.00 12.94 32.31
CA GLY E 419 18.06 13.34 31.41
C GLY E 419 17.94 14.80 31.03
N LEU E 420 18.87 15.23 30.19
CA LEU E 420 18.94 16.61 29.75
C LEU E 420 19.87 16.75 28.56
N ILE E 421 19.42 17.44 27.51
CA ILE E 421 20.22 17.68 26.31
C ILE E 421 20.72 19.11 26.34
N LEU E 422 22.03 19.28 26.19
CA LEU E 422 22.66 20.60 26.25
C LEU E 422 23.47 20.83 24.98
N THR E 423 23.66 22.10 24.66
CA THR E 423 24.43 22.49 23.47
C THR E 423 25.36 23.63 23.87
N ARG E 424 26.65 23.32 23.96
CA ARG E 424 27.64 24.34 24.30
C ARG E 424 27.74 25.38 23.19
N ASP E 425 28.10 26.60 23.58
CA ASP E 425 28.21 27.70 22.64
C ASP E 425 29.33 28.63 23.08
N GLY E 426 29.73 29.53 22.18
CA GLY E 426 30.76 30.50 22.45
C GLY E 426 31.71 30.68 21.30
N GLY E 427 31.88 31.93 20.85
CA GLY E 427 32.74 32.23 19.73
C GLY E 427 34.12 32.70 20.14
N SER E 428 34.30 32.99 21.42
CA SER E 428 35.59 33.47 21.89
C SER E 428 36.66 32.40 21.70
N THR E 429 37.82 32.82 21.19
CA THR E 429 38.92 31.89 20.96
C THR E 429 39.43 31.30 22.28
N ASN E 430 39.50 32.11 23.33
CA ASN E 430 39.98 31.65 24.62
C ASN E 430 39.26 32.43 25.71
N SER E 431 38.58 31.73 26.61
CA SER E 431 37.87 32.35 27.71
C SER E 431 37.81 31.40 28.89
N THR E 432 37.57 31.96 30.06
CA THR E 432 37.50 31.18 31.30
C THR E 432 36.08 30.75 31.65
N THR E 433 35.11 31.06 30.79
CA THR E 433 33.72 30.71 31.02
C THR E 433 33.17 29.93 29.84
N GLU E 434 32.28 28.98 30.13
CA GLU E 434 31.61 28.18 29.11
C GLU E 434 30.11 28.21 29.38
N THR E 435 29.35 28.68 28.39
CA THR E 435 27.90 28.76 28.51
C THR E 435 27.25 27.55 27.86
N PHE E 436 26.23 27.01 28.53
CA PHE E 436 25.48 25.86 28.04
C PHE E 436 24.01 26.23 27.92
N ARG E 437 23.37 25.79 26.85
CA ARG E 437 21.98 26.08 26.59
C ARG E 437 21.23 24.79 26.25
N PRO E 438 19.93 24.74 26.55
CA PRO E 438 19.16 23.54 26.20
C PRO E 438 18.85 23.49 24.72
N GLY E 439 18.88 22.29 24.16
CA GLY E 439 18.55 22.11 22.77
C GLY E 439 18.13 20.70 22.42
N GLY E 440 16.98 20.54 21.76
CA GLY E 440 16.56 19.25 21.26
C GLY E 440 16.93 19.07 19.81
N GLY E 441 18.05 18.38 19.55
CA GLY E 441 18.53 18.22 18.20
C GLY E 441 17.62 17.38 17.34
N ASP E 442 17.43 16.12 17.72
CA ASP E 442 16.60 15.20 16.95
C ASP E 442 16.05 14.14 17.88
N MET E 443 14.97 13.49 17.43
CA MET E 443 14.39 12.41 18.22
C MET E 443 15.35 11.24 18.39
N ARG E 444 16.33 11.10 17.50
CA ARG E 444 17.33 10.05 17.66
C ARG E 444 18.09 10.22 18.95
N ASP E 445 18.25 11.45 19.43
CA ASP E 445 18.90 11.68 20.72
C ASP E 445 18.09 11.05 21.85
N ASN E 446 16.76 11.15 21.78
CA ASN E 446 15.92 10.52 22.80
C ASN E 446 16.09 9.00 22.79
N TRP E 447 16.14 8.40 21.60
CA TRP E 447 16.27 6.95 21.51
C TRP E 447 17.65 6.48 21.94
N ARG E 448 18.70 7.15 21.45
CA ARG E 448 20.06 6.72 21.78
C ARG E 448 20.35 6.79 23.27
N SER E 449 19.59 7.61 24.02
CA SER E 449 19.74 7.62 25.46
C SER E 449 19.36 6.29 26.08
N GLU E 450 18.59 5.47 25.37
CA GLU E 450 18.20 4.14 25.84
C GLU E 450 18.88 3.01 25.11
N LEU E 451 19.22 3.20 23.83
CA LEU E 451 19.82 2.15 23.01
C LEU E 451 21.34 2.15 23.03
N TYR E 452 21.97 3.05 23.78
CA TYR E 452 23.42 3.05 23.89
C TYR E 452 23.94 1.77 24.53
N LYS E 453 23.12 1.10 25.32
CA LYS E 453 23.56 -0.04 26.12
C LYS E 453 23.62 -1.33 25.31
N TYR E 454 23.13 -1.35 24.09
CA TYR E 454 22.97 -2.58 23.32
C TYR E 454 23.74 -2.50 22.01
N LYS E 455 24.10 -3.68 21.50
CA LYS E 455 24.81 -3.80 20.23
C LYS E 455 24.41 -5.12 19.59
N VAL E 456 24.25 -5.10 18.28
CA VAL E 456 23.79 -6.26 17.52
C VAL E 456 24.95 -6.79 16.68
N VAL E 457 25.17 -8.10 16.75
CA VAL E 457 26.24 -8.77 16.01
C VAL E 457 25.67 -10.01 15.34
N LYS E 458 26.40 -10.48 14.32
CA LYS E 458 26.03 -11.66 13.55
C LYS E 458 26.97 -12.81 13.88
N ILE E 459 26.39 -13.98 14.15
CA ILE E 459 27.18 -15.13 14.60
C ILE E 459 27.89 -15.75 13.40
N GLU E 460 29.11 -16.23 13.65
CA GLU E 460 29.94 -16.91 12.65
C GLU E 460 30.19 -18.32 13.14
N PRO E 461 29.39 -19.31 12.72
CA PRO E 461 29.52 -20.65 13.31
C PRO E 461 30.67 -21.48 12.73
N LEU E 462 31.08 -21.18 11.50
CA LEU E 462 32.10 -21.98 10.83
C LEU E 462 33.49 -21.46 11.15
N GLY E 463 34.40 -22.39 11.44
CA GLY E 463 35.78 -22.04 11.72
C GLY E 463 36.67 -23.23 11.48
N VAL E 464 37.93 -22.95 11.12
CA VAL E 464 38.91 -23.97 10.80
C VAL E 464 40.14 -23.76 11.67
N ALA E 465 40.63 -24.85 12.27
CA ALA E 465 41.83 -24.82 13.08
C ALA E 465 42.65 -26.07 12.80
N PRO E 466 43.97 -26.00 12.93
CA PRO E 466 44.80 -27.18 12.66
C PRO E 466 44.88 -28.14 13.85
N THR E 467 45.11 -29.41 13.51
CA THR E 467 45.38 -30.45 14.50
C THR E 467 45.70 -31.73 13.74
N ARG E 468 46.15 -32.74 14.48
CA ARG E 468 46.53 -34.04 13.91
C ARG E 468 45.27 -34.89 13.78
N CYS E 469 44.65 -34.83 12.60
CA CYS E 469 43.44 -35.61 12.34
C CYS E 469 43.38 -35.89 10.85
N LYS E 470 43.53 -37.16 10.48
CA LYS E 470 43.35 -37.60 9.11
C LYS E 470 42.04 -38.39 9.00
N ARG E 471 41.41 -38.31 7.84
CA ARG E 471 40.14 -38.99 7.63
C ARG E 471 40.34 -40.51 7.69
N ARG E 472 39.22 -41.23 7.61
CA ARG E 472 39.26 -42.68 7.73
C ARG E 472 40.11 -43.30 6.63
N VAL E 473 39.96 -42.81 5.40
CA VAL E 473 40.72 -43.35 4.27
C VAL E 473 42.10 -42.71 4.23
N ASN F 3 24.43 -57.13 -13.99
CA ASN F 3 25.39 -56.65 -15.02
C ASN F 3 25.75 -55.18 -14.77
N LEU F 4 24.73 -54.31 -14.78
CA LEU F 4 24.90 -52.90 -14.52
C LEU F 4 23.98 -52.49 -13.37
N TRP F 5 24.37 -51.42 -12.69
CA TRP F 5 23.86 -51.10 -11.37
C TRP F 5 23.64 -49.60 -11.29
N VAL F 6 22.43 -49.20 -10.89
CA VAL F 6 22.04 -47.79 -10.95
C VAL F 6 22.99 -46.95 -10.11
N THR F 7 23.41 -45.81 -10.66
CA THR F 7 24.24 -44.84 -9.95
C THR F 7 23.67 -43.45 -10.19
N VAL F 8 23.60 -42.65 -9.12
CA VAL F 8 22.96 -41.34 -9.15
C VAL F 8 24.03 -40.28 -8.99
N TYR F 9 23.98 -39.25 -9.85
CA TYR F 9 24.89 -38.13 -9.80
C TYR F 9 24.11 -36.86 -9.49
N TYR F 10 24.68 -36.02 -8.64
CA TYR F 10 24.06 -34.77 -8.23
C TYR F 10 24.86 -33.58 -8.76
N GLY F 11 24.16 -32.60 -9.30
CA GLY F 11 24.79 -31.41 -9.85
C GLY F 11 25.19 -31.52 -11.30
N VAL F 12 24.60 -32.45 -12.05
CA VAL F 12 24.92 -32.62 -13.47
C VAL F 12 24.43 -31.41 -14.24
N PRO F 13 25.09 -31.01 -15.33
CA PRO F 13 24.64 -29.84 -16.12
C PRO F 13 23.51 -30.16 -17.09
N VAL F 14 22.29 -30.15 -16.57
CA VAL F 14 21.08 -30.38 -17.36
C VAL F 14 20.08 -29.28 -17.05
N TRP F 15 19.31 -28.90 -18.06
CA TRP F 15 18.33 -27.84 -17.91
C TRP F 15 17.14 -28.10 -18.84
N LYS F 16 16.07 -27.36 -18.61
CA LYS F 16 14.87 -27.47 -19.44
C LYS F 16 14.18 -26.11 -19.46
N ASP F 17 13.33 -25.92 -20.48
CA ASP F 17 12.60 -24.68 -20.61
C ASP F 17 11.70 -24.45 -19.41
N ALA F 18 11.59 -23.20 -18.99
CA ALA F 18 10.79 -22.87 -17.81
C ALA F 18 10.52 -21.37 -17.78
N GLU F 19 9.71 -20.97 -16.81
CA GLU F 19 9.37 -19.57 -16.58
C GLU F 19 9.40 -19.29 -15.09
N THR F 20 9.89 -18.11 -14.72
CA THR F 20 10.02 -17.74 -13.32
C THR F 20 9.89 -16.23 -13.19
N THR F 21 9.82 -15.77 -11.94
CA THR F 21 9.69 -14.36 -11.63
C THR F 21 11.09 -13.76 -11.53
N LEU F 22 11.62 -13.32 -12.67
CA LEU F 22 12.91 -12.67 -12.70
C LEU F 22 12.86 -11.39 -11.87
N PHE F 23 13.96 -11.10 -11.18
CA PHE F 23 14.05 -9.91 -10.33
C PHE F 23 15.02 -8.90 -10.95
N CYS F 24 14.76 -7.63 -10.68
CA CYS F 24 15.51 -6.55 -11.28
C CYS F 24 16.93 -6.46 -10.71
N ALA F 25 17.82 -5.85 -11.48
CA ALA F 25 19.15 -5.47 -11.03
C ALA F 25 19.55 -4.18 -11.75
N SER F 26 20.10 -3.24 -11.00
CA SER F 26 20.35 -1.90 -11.51
C SER F 26 21.82 -1.54 -11.33
N ASP F 27 22.31 -0.67 -12.22
CA ASP F 27 23.68 -0.22 -12.15
C ASP F 27 23.88 0.72 -10.96
N ALA F 28 25.15 0.96 -10.62
CA ALA F 28 25.46 1.81 -9.48
C ALA F 28 24.95 3.23 -9.69
N LYS F 29 25.06 3.75 -10.90
CA LYS F 29 24.63 5.11 -11.17
C LYS F 29 23.15 5.30 -10.83
N ALA F 30 22.30 4.40 -11.34
CA ALA F 30 20.87 4.51 -11.09
C ALA F 30 20.46 3.94 -9.73
N TYR F 31 21.32 3.15 -9.09
CA TYR F 31 21.01 2.54 -7.80
C TYR F 31 21.48 3.37 -6.62
N GLU F 32 22.15 4.50 -6.86
CA GLU F 32 22.66 5.34 -5.78
C GLU F 32 22.32 6.81 -5.90
N THR F 33 22.02 7.31 -7.11
CA THR F 33 21.63 8.71 -7.26
C THR F 33 20.34 9.00 -6.50
N GLU F 34 19.37 8.08 -6.59
CA GLU F 34 18.13 8.15 -5.80
C GLU F 34 17.30 9.39 -6.14
N LYS F 35 17.38 9.88 -7.37
CA LYS F 35 16.59 11.05 -7.77
C LYS F 35 15.24 10.64 -8.39
N HIS F 36 14.53 9.79 -7.67
CA HIS F 36 13.12 9.48 -7.93
C HIS F 36 12.86 9.20 -9.41
N ASN F 37 13.46 8.11 -9.88
CA ASN F 37 13.13 7.60 -11.21
C ASN F 37 11.82 6.83 -11.16
N VAL F 38 10.99 7.01 -12.19
CA VAL F 38 9.63 6.48 -12.16
C VAL F 38 9.64 4.97 -12.05
N TRP F 39 10.60 4.30 -12.70
CA TRP F 39 10.64 2.85 -12.71
C TRP F 39 11.20 2.27 -11.41
N ALA F 40 11.49 3.11 -10.43
CA ALA F 40 11.79 2.67 -9.06
C ALA F 40 12.97 1.70 -9.03
N THR F 41 14.13 2.19 -9.44
CA THR F 41 15.36 1.43 -9.32
C THR F 41 15.95 1.52 -7.91
N HIS F 42 15.42 2.39 -7.05
CA HIS F 42 15.87 2.41 -5.66
C HIS F 42 15.56 1.08 -4.98
N ALA F 43 14.39 0.53 -5.23
CA ALA F 43 14.05 -0.79 -4.70
C ALA F 43 14.82 -1.89 -5.43
N CYS F 44 15.16 -1.65 -6.69
CA CYS F 44 15.92 -2.64 -7.45
C CYS F 44 17.30 -2.83 -6.86
N VAL F 45 17.71 -4.09 -6.73
CA VAL F 45 18.98 -4.44 -6.09
C VAL F 45 20.13 -3.93 -6.95
N PRO F 46 21.24 -3.47 -6.38
CA PRO F 46 22.39 -3.12 -7.22
C PRO F 46 22.93 -4.35 -7.95
N THR F 47 23.41 -4.13 -9.15
CA THR F 47 23.77 -5.24 -10.03
C THR F 47 25.18 -5.75 -9.74
N ASP F 48 25.63 -6.74 -10.51
CA ASP F 48 26.95 -7.30 -10.34
C ASP F 48 28.02 -6.29 -10.76
N PRO F 49 29.23 -6.40 -10.20
CA PRO F 49 30.30 -5.46 -10.61
C PRO F 49 30.61 -5.50 -12.09
N ASN F 50 30.57 -6.68 -12.70
CA ASN F 50 30.83 -6.82 -14.13
C ASN F 50 30.20 -8.13 -14.60
N PRO F 51 29.93 -8.26 -15.90
CA PRO F 51 29.30 -9.49 -16.39
C PRO F 51 30.16 -10.72 -16.11
N GLN F 52 29.50 -11.83 -15.83
CA GLN F 52 30.14 -13.11 -15.58
C GLN F 52 29.86 -14.09 -16.71
N GLU F 53 29.91 -13.61 -17.94
CA GLU F 53 29.58 -14.43 -19.11
C GLU F 53 30.45 -15.68 -19.15
N ILE F 54 29.81 -16.82 -19.38
CA ILE F 54 30.48 -18.10 -19.54
C ILE F 54 30.02 -18.70 -20.87
N HIS F 55 30.98 -19.02 -21.74
CA HIS F 55 30.67 -19.55 -23.05
C HIS F 55 30.51 -21.07 -22.98
N LEU F 56 29.41 -21.57 -23.51
CA LEU F 56 29.12 -23.01 -23.55
C LEU F 56 29.48 -23.53 -24.93
N GLU F 57 30.49 -24.38 -25.00
CA GLU F 57 30.95 -24.93 -26.26
C GLU F 57 30.20 -26.23 -26.58
N ASN F 58 30.09 -26.52 -27.87
CA ASN F 58 29.53 -27.76 -28.41
C ASN F 58 28.03 -27.89 -28.16
N VAL F 59 27.38 -26.90 -27.57
CA VAL F 59 25.96 -26.98 -27.23
C VAL F 59 25.15 -26.23 -28.28
N THR F 60 23.98 -26.79 -28.60
CA THR F 60 23.02 -26.17 -29.50
C THR F 60 21.68 -26.10 -28.81
N GLU F 61 21.10 -24.91 -28.75
CA GLU F 61 19.84 -24.67 -28.08
C GLU F 61 18.88 -23.96 -29.02
N GLU F 62 17.58 -24.20 -28.82
CA GLU F 62 16.53 -23.64 -29.64
C GLU F 62 15.90 -22.44 -28.94
N PHE F 63 15.62 -21.39 -29.70
CA PHE F 63 15.05 -20.15 -29.19
C PHE F 63 13.76 -19.83 -29.91
N ASN F 64 12.93 -19.01 -29.27
CA ASN F 64 11.68 -18.54 -29.87
C ASN F 64 11.34 -17.21 -29.22
N MET F 65 11.56 -16.11 -29.96
CA MET F 65 11.35 -14.78 -29.42
C MET F 65 9.88 -14.37 -29.41
N TRP F 66 9.02 -15.06 -30.15
CA TRP F 66 7.61 -14.71 -30.21
C TRP F 66 6.79 -15.37 -29.11
N LYS F 67 7.23 -16.52 -28.62
CA LYS F 67 6.61 -17.18 -27.48
C LYS F 67 7.43 -17.02 -26.20
N ASN F 68 8.34 -16.04 -26.18
CA ASN F 68 9.18 -15.80 -25.02
C ASN F 68 8.36 -15.16 -23.92
N ASN F 69 8.42 -15.73 -22.72
CA ASN F 69 7.68 -15.18 -21.58
C ASN F 69 8.41 -13.99 -20.96
N MET F 70 9.66 -13.74 -21.33
CA MET F 70 10.40 -12.61 -20.77
C MET F 70 9.73 -11.30 -21.11
N VAL F 71 9.26 -11.15 -22.36
CA VAL F 71 8.61 -9.92 -22.77
C VAL F 71 7.29 -9.74 -22.02
N GLU F 72 6.55 -10.83 -21.81
CA GLU F 72 5.28 -10.73 -21.10
C GLU F 72 5.49 -10.25 -19.67
N GLN F 73 6.50 -10.79 -18.98
CA GLN F 73 6.76 -10.36 -17.61
C GLN F 73 7.23 -8.91 -17.58
N MET F 74 8.07 -8.51 -18.53
CA MET F 74 8.54 -7.13 -18.56
C MET F 74 7.37 -6.16 -18.76
N HIS F 75 6.43 -6.53 -19.63
CA HIS F 75 5.27 -5.68 -19.85
C HIS F 75 4.51 -5.44 -18.55
N THR F 76 4.22 -6.51 -17.82
CA THR F 76 3.47 -6.37 -16.58
C THR F 76 4.23 -5.51 -15.57
N ASP F 77 5.54 -5.70 -15.48
CA ASP F 77 6.34 -4.92 -14.53
C ASP F 77 6.29 -3.43 -14.85
N ILE F 78 6.34 -3.08 -16.14
CA ILE F 78 6.34 -1.67 -16.52
C ILE F 78 5.04 -1.01 -16.10
N ILE F 79 3.90 -1.68 -16.32
CA ILE F 79 2.61 -1.08 -15.96
C ILE F 79 2.54 -0.84 -14.46
N SER F 80 2.96 -1.82 -13.66
CA SER F 80 2.90 -1.67 -12.21
C SER F 80 3.77 -0.53 -11.74
N LEU F 81 4.98 -0.41 -12.28
CA LEU F 81 5.86 0.68 -11.88
C LEU F 81 5.27 2.03 -12.26
N TRP F 82 4.69 2.14 -13.45
CA TRP F 82 4.08 3.40 -13.88
C TRP F 82 2.90 3.76 -12.97
N ASP F 83 2.04 2.80 -12.68
CA ASP F 83 0.88 3.08 -11.83
C ASP F 83 1.30 3.36 -10.40
N GLN F 84 2.26 2.61 -9.87
CA GLN F 84 2.67 2.78 -8.49
C GLN F 84 3.38 4.10 -8.23
N SER F 85 3.79 4.81 -9.28
CA SER F 85 4.46 6.10 -9.12
C SER F 85 3.50 7.29 -9.20
N LEU F 86 2.21 7.05 -9.43
CA LEU F 86 1.22 8.11 -9.52
C LEU F 86 0.36 8.26 -8.27
N LYS F 87 0.39 7.27 -7.38
CA LYS F 87 -0.48 7.32 -6.20
C LYS F 87 -0.20 8.52 -5.29
N PRO F 88 1.04 8.82 -4.91
CA PRO F 88 1.26 9.79 -3.82
C PRO F 88 1.05 11.25 -4.19
N CYS F 89 0.85 11.57 -5.46
CA CYS F 89 0.76 12.96 -5.90
C CYS F 89 -0.64 13.28 -6.41
N VAL F 90 -0.88 14.58 -6.61
CA VAL F 90 -2.25 15.10 -6.65
C VAL F 90 -3.04 14.51 -7.81
N LYS F 91 -4.36 14.43 -7.60
CA LYS F 91 -5.32 14.07 -8.64
C LYS F 91 -6.12 15.30 -9.04
N LEU F 92 -6.26 15.50 -10.35
CA LEU F 92 -6.89 16.71 -10.88
C LEU F 92 -8.40 16.50 -11.11
N THR F 93 -9.10 16.11 -10.06
CA THR F 93 -10.56 15.95 -10.16
C THR F 93 -11.28 17.31 -10.17
N PRO F 94 -10.83 18.35 -9.45
CA PRO F 94 -11.58 19.62 -9.51
C PRO F 94 -11.47 20.31 -10.85
N LEU F 95 -10.53 19.92 -11.71
CA LEU F 95 -10.32 20.59 -12.98
C LEU F 95 -11.44 20.36 -13.99
N CYS F 96 -12.36 19.43 -13.72
CA CYS F 96 -13.47 19.17 -14.62
C CYS F 96 -14.56 20.20 -14.37
N VAL F 97 -14.39 21.37 -14.99
CA VAL F 97 -15.35 22.46 -14.93
C VAL F 97 -15.44 23.09 -16.31
N THR F 98 -16.49 23.89 -16.50
CA THR F 98 -16.67 24.59 -17.77
C THR F 98 -15.51 25.56 -17.99
N LEU F 99 -15.02 25.60 -19.23
CA LEU F 99 -13.89 26.43 -19.62
C LEU F 99 -14.34 27.42 -20.68
N GLN F 100 -14.01 28.69 -20.49
CA GLN F 100 -14.22 29.72 -21.49
C GLN F 100 -12.91 29.96 -22.23
N CYS F 101 -12.83 29.49 -23.47
CA CYS F 101 -11.59 29.45 -24.21
C CYS F 101 -11.67 30.34 -25.45
N THR F 102 -10.54 30.91 -25.83
CA THR F 102 -10.42 31.71 -27.03
C THR F 102 -9.07 31.43 -27.67
N ASN F 103 -8.97 31.68 -28.98
CA ASN F 103 -7.73 31.46 -29.69
C ASN F 103 -6.65 32.40 -29.20
N VAL F 104 -5.40 31.93 -29.29
CA VAL F 104 -4.23 32.78 -29.04
C VAL F 104 -3.68 33.22 -30.38
N THR F 105 -3.50 34.54 -30.55
CA THR F 105 -3.05 35.10 -31.81
C THR F 105 -2.01 36.20 -31.60
N ASN F 106 -1.19 36.08 -30.56
CA ASN F 106 -0.21 37.11 -30.26
C ASN F 106 0.89 37.16 -31.32
N ASN F 107 1.65 36.07 -31.44
CA ASN F 107 2.75 35.99 -32.39
C ASN F 107 2.71 34.63 -33.09
N ILE F 108 1.50 34.25 -33.54
CA ILE F 108 1.29 32.94 -34.14
C ILE F 108 1.92 32.88 -35.52
N THR F 109 2.65 31.79 -35.78
CA THR F 109 3.08 31.48 -37.13
C THR F 109 1.96 30.82 -37.90
N ASP F 110 2.10 30.80 -39.23
CA ASP F 110 1.01 30.32 -40.08
C ASP F 110 0.62 28.89 -39.74
N ASP F 111 1.59 28.04 -39.39
CA ASP F 111 1.27 26.64 -39.14
C ASP F 111 0.37 26.47 -37.92
N MET F 112 0.66 27.17 -36.83
CA MET F 112 -0.07 27.00 -35.57
C MET F 112 -1.20 28.03 -35.47
N ARG F 113 -2.10 27.99 -36.45
CA ARG F 113 -3.16 28.99 -36.51
C ARG F 113 -4.08 28.89 -35.30
N GLY F 114 -4.48 27.67 -34.92
CA GLY F 114 -5.44 27.50 -33.85
C GLY F 114 -5.15 26.33 -32.94
N GLU F 115 -3.88 25.97 -32.80
CA GLU F 115 -3.49 24.81 -32.01
C GLU F 115 -3.38 25.10 -30.52
N LEU F 116 -3.58 26.35 -30.10
CA LEU F 116 -3.51 26.72 -28.70
C LEU F 116 -4.75 27.49 -28.31
N LYS F 117 -5.28 27.20 -27.12
CA LYS F 117 -6.49 27.83 -26.61
C LYS F 117 -6.19 28.49 -25.27
N ASN F 118 -6.73 29.70 -25.07
CA ASN F 118 -6.55 30.45 -23.84
C ASN F 118 -7.84 30.33 -23.03
N CYS F 119 -7.82 29.46 -22.03
CA CYS F 119 -9.01 29.10 -21.27
C CYS F 119 -8.97 29.73 -19.89
N SER F 120 -10.13 30.23 -19.45
CA SER F 120 -10.29 30.82 -18.12
C SER F 120 -11.44 30.11 -17.41
N PHE F 121 -11.26 29.88 -16.10
CA PHE F 121 -12.23 29.13 -15.34
C PHE F 121 -12.15 29.52 -13.88
N ASN F 122 -13.21 29.21 -13.14
CA ASN F 122 -13.27 29.44 -11.70
C ASN F 122 -12.71 28.23 -10.97
N MET F 123 -11.78 28.48 -10.06
CA MET F 123 -11.10 27.42 -9.33
C MET F 123 -11.22 27.65 -7.84
N THR F 124 -11.09 26.57 -7.08
CA THR F 124 -11.23 26.63 -5.63
C THR F 124 -9.92 27.11 -5.00
N THR F 125 -10.03 28.11 -4.14
CA THR F 125 -8.87 28.66 -3.45
C THR F 125 -8.62 27.86 -2.17
N GLU F 126 -7.75 28.38 -1.29
CA GLU F 126 -7.42 27.68 -0.06
C GLU F 126 -8.64 27.45 0.82
N LEU F 127 -9.67 28.27 0.68
CA LEU F 127 -10.89 28.16 1.48
C LEU F 127 -11.96 27.41 0.70
N ARG F 128 -12.80 26.68 1.43
CA ARG F 128 -13.82 25.83 0.82
C ARG F 128 -15.09 26.58 0.45
N ASP F 129 -15.18 27.87 0.78
CA ASP F 129 -16.37 28.67 0.51
C ASP F 129 -16.12 29.81 -0.46
N LYS F 130 -14.90 29.97 -0.97
CA LYS F 130 -14.58 31.04 -1.90
C LYS F 130 -13.82 30.47 -3.10
N LYS F 131 -14.10 31.00 -4.27
CA LYS F 131 -13.46 30.57 -5.51
C LYS F 131 -12.92 31.79 -6.25
N GLN F 132 -11.84 31.57 -7.00
CA GLN F 132 -11.15 32.63 -7.72
C GLN F 132 -11.02 32.26 -9.18
N LYS F 133 -11.15 33.26 -10.06
CA LYS F 133 -11.01 33.05 -11.50
C LYS F 133 -9.53 32.93 -11.86
N VAL F 134 -9.21 31.90 -12.65
CA VAL F 134 -7.86 31.65 -13.12
C VAL F 134 -7.92 31.31 -14.60
N TYR F 135 -6.74 31.33 -15.25
CA TYR F 135 -6.65 31.04 -16.66
C TYR F 135 -5.41 30.19 -16.92
N SER F 136 -5.46 29.45 -18.03
CA SER F 136 -4.36 28.58 -18.44
C SER F 136 -4.45 28.36 -19.94
N LEU F 137 -3.31 28.01 -20.53
CA LEU F 137 -3.23 27.71 -21.96
C LEU F 137 -3.29 26.20 -22.14
N PHE F 138 -4.19 25.75 -23.01
CA PHE F 138 -4.39 24.34 -23.29
C PHE F 138 -4.23 24.07 -24.77
N TYR F 139 -3.58 22.96 -25.10
CA TYR F 139 -3.49 22.53 -26.49
C TYR F 139 -4.87 22.15 -27.02
N ARG F 140 -5.07 22.39 -28.31
CA ARG F 140 -6.40 22.18 -28.90
C ARG F 140 -6.86 20.74 -28.73
N LEU F 141 -5.94 19.78 -28.76
CA LEU F 141 -6.33 18.38 -28.69
C LEU F 141 -6.80 17.94 -27.32
N ASP F 142 -6.59 18.75 -26.29
CA ASP F 142 -6.93 18.38 -24.92
C ASP F 142 -8.26 18.98 -24.44
N VAL F 143 -9.00 19.63 -25.33
CA VAL F 143 -10.27 20.25 -24.97
C VAL F 143 -11.31 19.91 -26.03
N VAL F 144 -12.58 19.91 -25.63
CA VAL F 144 -13.70 19.66 -26.51
C VAL F 144 -14.83 20.61 -26.16
N GLN F 145 -15.63 20.97 -27.15
CA GLN F 145 -16.74 21.88 -26.94
C GLN F 145 -17.87 21.17 -26.20
N ILE F 146 -18.57 21.94 -25.37
CA ILE F 146 -19.74 21.43 -24.65
C ILE F 146 -21.02 21.65 -25.44
N ASN F 147 -21.19 22.86 -25.97
CA ASN F 147 -22.39 23.19 -26.74
C ASN F 147 -22.41 22.43 -28.07
N LYS F 159 -16.64 30.91 -25.96
CA LYS F 159 -17.33 29.63 -26.07
C LYS F 159 -17.17 28.84 -24.76
N GLU F 160 -17.67 27.61 -24.74
CA GLU F 160 -17.57 26.74 -23.58
C GLU F 160 -16.87 25.45 -23.99
N TYR F 161 -15.95 24.99 -23.15
CA TYR F 161 -15.10 23.84 -23.46
C TYR F 161 -14.97 22.98 -22.22
N ARG F 162 -14.44 21.77 -22.42
CA ARG F 162 -14.11 20.88 -21.32
C ARG F 162 -12.98 19.95 -21.76
N LEU F 163 -12.30 19.37 -20.79
CA LEU F 163 -11.24 18.41 -21.09
C LEU F 163 -11.84 17.13 -21.68
N ILE F 164 -11.04 16.46 -22.51
CA ILE F 164 -11.52 15.25 -23.18
C ILE F 164 -11.84 14.17 -22.15
N ASN F 165 -11.05 14.09 -21.08
CA ASN F 165 -11.13 12.98 -20.14
C ASN F 165 -12.32 13.07 -19.20
N CYS F 166 -12.92 14.25 -19.04
CA CYS F 166 -13.88 14.46 -17.97
C CYS F 166 -15.07 13.51 -18.04
N ASN F 167 -15.46 13.07 -19.24
CA ASN F 167 -16.55 12.12 -19.38
C ASN F 167 -16.07 10.67 -19.37
N THR F 168 -14.78 10.43 -19.18
CA THR F 168 -14.22 9.10 -19.11
C THR F 168 -13.65 8.77 -17.74
N SER F 169 -12.81 9.63 -17.19
CA SER F 169 -12.21 9.40 -15.88
C SER F 169 -11.42 10.65 -15.48
N ALA F 170 -11.05 10.70 -14.20
CA ALA F 170 -10.19 11.75 -13.71
C ALA F 170 -8.75 11.47 -14.08
N CYS F 171 -7.91 12.50 -13.98
CA CYS F 171 -6.51 12.43 -14.37
C CYS F 171 -5.63 12.72 -13.17
N THR F 172 -4.56 11.93 -13.02
CA THR F 172 -3.57 12.15 -11.97
C THR F 172 -2.41 12.93 -12.57
N GLN F 173 -2.13 14.10 -12.02
CA GLN F 173 -1.06 14.94 -12.54
C GLN F 173 0.27 14.22 -12.43
N ALA F 174 1.04 14.24 -13.51
CA ALA F 174 2.38 13.68 -13.48
C ALA F 174 3.21 14.40 -12.42
N CYS F 175 3.62 13.66 -11.41
CA CYS F 175 4.22 14.28 -10.23
C CYS F 175 5.52 14.99 -10.63
N PRO F 176 5.81 16.16 -10.06
CA PRO F 176 6.88 16.98 -10.63
C PRO F 176 8.28 16.50 -10.30
N LYS F 177 8.46 15.72 -9.24
CA LYS F 177 9.80 15.27 -8.86
C LYS F 177 10.21 13.97 -9.53
N VAL F 178 9.26 13.14 -9.94
CA VAL F 178 9.59 11.88 -10.58
C VAL F 178 9.98 12.13 -12.03
N SER F 179 10.98 11.38 -12.50
CA SER F 179 11.53 11.55 -13.84
C SER F 179 11.20 10.35 -14.72
N PHE F 180 11.03 10.62 -16.01
CA PHE F 180 10.66 9.60 -16.99
C PHE F 180 11.85 9.16 -17.83
N GLU F 181 13.07 9.48 -17.42
CA GLU F 181 14.23 9.11 -18.21
C GLU F 181 14.34 7.59 -18.30
N PRO F 182 14.43 7.00 -19.51
CA PRO F 182 14.55 5.53 -19.61
C PRO F 182 15.94 5.00 -19.22
N ILE F 183 16.16 4.87 -17.91
CA ILE F 183 17.41 4.34 -17.40
C ILE F 183 17.42 2.83 -17.56
N PRO F 184 18.58 2.19 -17.73
CA PRO F 184 18.60 0.75 -18.01
C PRO F 184 18.16 -0.07 -16.79
N ILE F 185 17.67 -1.27 -17.08
CA ILE F 185 17.29 -2.24 -16.07
C ILE F 185 17.74 -3.62 -16.52
N HIS F 186 18.12 -4.45 -15.56
CA HIS F 186 18.58 -5.81 -15.82
C HIS F 186 17.63 -6.79 -15.14
N TYR F 187 17.13 -7.76 -15.91
CA TYR F 187 16.25 -8.80 -15.39
C TYR F 187 17.09 -10.03 -15.09
N CYS F 188 17.26 -10.35 -13.81
CA CYS F 188 18.12 -11.44 -13.38
C CYS F 188 17.30 -12.53 -12.69
N ALA F 189 17.67 -13.78 -12.98
CA ALA F 189 16.91 -14.94 -12.53
C ALA F 189 17.33 -15.37 -11.13
N PRO F 190 16.47 -16.12 -10.42
CA PRO F 190 16.87 -16.62 -9.09
C PRO F 190 17.82 -17.80 -9.17
N ALA F 191 18.18 -18.35 -8.01
CA ALA F 191 18.99 -19.55 -7.99
C ALA F 191 18.20 -20.73 -8.54
N GLY F 192 18.91 -21.66 -9.17
CA GLY F 192 18.27 -22.78 -9.83
C GLY F 192 17.81 -22.51 -11.24
N PHE F 193 17.99 -21.29 -11.74
CA PHE F 193 17.65 -20.93 -13.10
C PHE F 193 18.83 -20.21 -13.73
N ALA F 194 18.85 -20.20 -15.06
CA ALA F 194 19.92 -19.53 -15.80
C ALA F 194 19.34 -18.91 -17.06
N ILE F 195 20.01 -17.87 -17.55
CA ILE F 195 19.60 -17.18 -18.76
C ILE F 195 20.60 -17.53 -19.85
N LEU F 196 20.09 -17.96 -21.00
CA LEU F 196 20.91 -18.35 -22.14
C LEU F 196 20.82 -17.28 -23.22
N LYS F 197 21.97 -16.82 -23.69
CA LYS F 197 22.07 -15.79 -24.72
C LYS F 197 22.50 -16.43 -26.03
N CYS F 198 21.75 -16.13 -27.09
CA CYS F 198 22.10 -16.60 -28.43
C CYS F 198 23.02 -15.57 -29.08
N LYS F 199 24.28 -15.94 -29.27
CA LYS F 199 25.28 -15.04 -29.80
C LYS F 199 25.40 -15.10 -31.32
N ASP F 200 24.57 -15.91 -31.98
CA ASP F 200 24.60 -15.96 -33.43
C ASP F 200 24.13 -14.63 -34.02
N LYS F 201 24.84 -14.17 -35.05
CA LYS F 201 24.50 -12.90 -35.67
C LYS F 201 23.39 -13.05 -36.71
N LYS F 202 23.26 -14.22 -37.33
CA LYS F 202 22.26 -14.46 -38.35
C LYS F 202 20.99 -15.10 -37.81
N PHE F 203 20.92 -15.36 -36.51
CA PHE F 203 19.72 -15.93 -35.91
C PHE F 203 18.64 -14.86 -35.83
N ASN F 204 17.52 -15.08 -36.51
CA ASN F 204 16.51 -14.03 -36.61
C ASN F 204 15.59 -14.01 -35.39
N GLY F 205 14.74 -15.02 -35.23
CA GLY F 205 13.91 -15.11 -34.05
C GLY F 205 13.53 -16.52 -33.64
N THR F 206 14.08 -17.53 -34.31
CA THR F 206 13.61 -18.89 -34.12
C THR F 206 14.65 -19.86 -34.67
N GLY F 207 14.60 -21.09 -34.20
CA GLY F 207 15.45 -22.14 -34.68
C GLY F 207 16.66 -22.36 -33.79
N PRO F 208 17.43 -23.42 -34.06
CA PRO F 208 18.61 -23.69 -33.23
C PRO F 208 19.62 -22.54 -33.31
N CYS F 209 20.28 -22.31 -32.18
CA CYS F 209 21.33 -21.30 -32.10
C CYS F 209 22.69 -21.98 -32.04
N PRO F 210 23.52 -21.89 -33.08
CA PRO F 210 24.78 -22.65 -33.07
C PRO F 210 25.67 -22.30 -31.88
N SER F 211 25.74 -21.04 -31.47
CA SER F 211 26.59 -20.62 -30.37
C SER F 211 25.72 -20.06 -29.25
N VAL F 212 25.83 -20.68 -28.07
CA VAL F 212 25.01 -20.31 -26.93
C VAL F 212 25.91 -20.13 -25.72
N SER F 213 25.63 -19.11 -24.92
CA SER F 213 26.38 -18.83 -23.70
C SER F 213 25.39 -18.55 -22.57
N THR F 214 25.83 -18.83 -21.34
CA THR F 214 25.04 -18.59 -20.15
C THR F 214 25.51 -17.33 -19.44
N VAL F 215 24.55 -16.51 -19.00
CA VAL F 215 24.84 -15.24 -18.34
C VAL F 215 24.17 -15.26 -16.97
N GLN F 216 24.78 -14.54 -16.03
CA GLN F 216 24.11 -14.33 -14.75
C GLN F 216 22.78 -13.61 -14.97
N CYS F 217 22.78 -12.58 -15.82
CA CYS F 217 21.55 -11.98 -16.29
C CYS F 217 21.88 -10.98 -17.40
N THR F 218 20.84 -10.35 -17.92
CA THR F 218 20.91 -9.63 -19.19
C THR F 218 21.57 -8.27 -19.02
N HIS F 219 21.86 -7.64 -20.16
CA HIS F 219 22.39 -6.29 -20.19
C HIS F 219 21.27 -5.28 -19.96
N GLY F 220 21.67 -4.02 -19.84
CA GLY F 220 20.71 -2.95 -19.55
C GLY F 220 19.70 -2.75 -20.66
N ILE F 221 18.44 -3.09 -20.39
CA ILE F 221 17.35 -2.86 -21.33
C ILE F 221 16.68 -1.55 -20.98
N LYS F 222 16.70 -0.61 -21.92
CA LYS F 222 16.13 0.71 -21.69
C LYS F 222 14.65 0.70 -22.07
N PRO F 223 13.73 0.95 -21.13
CA PRO F 223 12.30 0.93 -21.49
C PRO F 223 11.85 2.20 -22.22
N VAL F 224 12.28 2.31 -23.47
CA VAL F 224 11.89 3.44 -24.31
C VAL F 224 10.54 3.13 -24.94
N VAL F 225 9.59 4.04 -24.78
CA VAL F 225 8.22 3.86 -25.26
C VAL F 225 8.04 4.72 -26.51
N SER F 226 7.59 4.09 -27.59
CA SER F 226 7.38 4.79 -28.86
C SER F 226 6.52 3.93 -29.75
N THR F 227 6.19 4.47 -30.93
CA THR F 227 5.36 3.77 -31.91
C THR F 227 5.93 3.98 -33.30
N GLN F 228 5.91 2.91 -34.10
CA GLN F 228 6.35 2.93 -35.49
C GLN F 228 7.86 3.02 -35.65
N LEU F 229 8.58 3.26 -34.55
CA LEU F 229 10.01 3.44 -34.60
C LEU F 229 10.60 2.99 -33.27
N LEU F 230 11.77 2.38 -33.32
CA LEU F 230 12.50 1.97 -32.13
C LEU F 230 13.65 2.96 -31.90
N LEU F 231 13.65 3.60 -30.74
CA LEU F 231 14.58 4.67 -30.43
C LEU F 231 15.49 4.27 -29.29
N ASN F 232 16.76 4.67 -29.37
CA ASN F 232 17.75 4.39 -28.33
C ASN F 232 17.84 2.90 -28.03
N GLY F 233 17.73 2.06 -29.07
CA GLY F 233 17.82 0.63 -28.93
C GLY F 233 19.17 0.08 -29.34
N SER F 234 19.28 -1.25 -29.28
CA SER F 234 20.49 -1.95 -29.68
C SER F 234 20.51 -2.18 -31.18
N LEU F 235 21.70 -2.18 -31.75
CA LEU F 235 21.89 -2.32 -33.18
C LEU F 235 22.26 -3.76 -33.54
N ALA F 236 22.00 -4.11 -34.80
CA ALA F 236 22.39 -5.40 -35.33
C ALA F 236 23.88 -5.38 -35.67
N GLU F 237 24.39 -6.51 -36.15
CA GLU F 237 25.80 -6.67 -36.47
C GLU F 237 25.97 -6.87 -37.97
N GLU F 238 26.59 -5.89 -38.62
CA GLU F 238 27.08 -5.98 -39.99
C GLU F 238 25.99 -6.27 -41.02
N GLU F 239 24.72 -6.31 -40.59
CA GLU F 239 23.63 -6.54 -41.53
C GLU F 239 22.34 -6.03 -40.91
N VAL F 240 21.35 -5.79 -41.77
CA VAL F 240 20.02 -5.40 -41.33
C VAL F 240 19.20 -6.67 -41.13
N MET F 241 18.58 -6.80 -39.95
CA MET F 241 17.85 -8.00 -39.57
C MET F 241 16.35 -7.73 -39.66
N ILE F 242 15.65 -8.63 -40.34
CA ILE F 242 14.19 -8.57 -40.46
C ILE F 242 13.61 -9.80 -39.78
N ARG F 243 12.72 -9.59 -38.81
CA ARG F 243 12.17 -10.65 -38.00
C ARG F 243 10.65 -10.54 -37.96
N SER F 244 9.98 -11.67 -38.16
CA SER F 244 8.54 -11.72 -38.14
C SER F 244 8.10 -13.12 -37.74
N GLU F 245 6.97 -13.21 -37.03
CA GLU F 245 6.47 -14.50 -36.60
C GLU F 245 6.14 -15.38 -37.80
N ASN F 246 5.50 -14.80 -38.82
CA ASN F 246 5.18 -15.54 -40.04
C ASN F 246 5.24 -14.54 -41.19
N ILE F 247 6.36 -14.53 -41.91
CA ILE F 247 6.57 -13.56 -42.97
C ILE F 247 5.51 -13.70 -44.05
N THR F 248 5.05 -14.93 -44.31
CA THR F 248 4.03 -15.16 -45.32
C THR F 248 2.66 -14.64 -44.91
N ASN F 249 2.46 -14.29 -43.64
CA ASN F 249 1.18 -13.82 -43.14
C ASN F 249 1.20 -12.30 -43.10
N ASN F 250 0.18 -11.68 -43.70
CA ASN F 250 0.09 -10.23 -43.71
C ASN F 250 -0.32 -9.65 -42.37
N ALA F 251 -1.02 -10.43 -41.53
CA ALA F 251 -1.50 -9.94 -40.25
C ALA F 251 -0.41 -9.81 -39.20
N LYS F 252 0.78 -10.37 -39.45
CA LYS F 252 1.87 -10.32 -38.48
C LYS F 252 2.77 -9.13 -38.77
N ASN F 253 3.18 -8.44 -37.70
CA ASN F 253 4.06 -7.29 -37.84
C ASN F 253 5.48 -7.75 -38.20
N ILE F 254 6.27 -6.81 -38.69
CA ILE F 254 7.65 -7.06 -39.10
C ILE F 254 8.55 -6.15 -38.29
N LEU F 255 9.58 -6.73 -37.67
CA LEU F 255 10.54 -5.99 -36.85
C LEU F 255 11.84 -5.86 -37.64
N VAL F 256 12.24 -4.63 -37.92
CA VAL F 256 13.47 -4.33 -38.62
C VAL F 256 14.49 -3.81 -37.61
N GLN F 257 15.76 -4.16 -37.83
CA GLN F 257 16.85 -3.72 -36.97
C GLN F 257 17.96 -3.16 -37.84
N PHE F 258 18.43 -1.96 -37.50
CA PHE F 258 19.44 -1.28 -38.29
C PHE F 258 20.84 -1.57 -37.74
N ASN F 259 21.76 -1.88 -38.64
CA ASN F 259 23.15 -2.05 -38.24
C ASN F 259 23.84 -0.72 -37.99
N THR F 260 23.46 0.32 -38.72
CA THR F 260 24.00 1.66 -38.54
C THR F 260 22.87 2.61 -38.15
N PRO F 261 22.95 3.31 -37.03
CA PRO F 261 21.83 4.16 -36.61
C PRO F 261 21.68 5.39 -37.47
N VAL F 262 20.46 5.91 -37.52
CA VAL F 262 20.14 7.15 -38.20
C VAL F 262 19.60 8.12 -37.16
N GLN F 263 20.19 9.32 -37.10
CA GLN F 263 19.87 10.27 -36.05
C GLN F 263 18.67 11.12 -36.43
N ILE F 264 17.78 11.36 -35.47
CA ILE F 264 16.63 12.23 -35.64
C ILE F 264 16.64 13.25 -34.51
N ASN F 265 16.52 14.53 -34.86
CA ASN F 265 16.57 15.63 -33.92
C ASN F 265 15.17 16.19 -33.73
N CYS F 266 14.74 16.34 -32.48
CA CYS F 266 13.42 16.84 -32.14
C CYS F 266 13.54 18.02 -31.19
N THR F 267 12.57 18.92 -31.24
CA THR F 267 12.59 20.12 -30.41
C THR F 267 11.20 20.71 -30.31
N ARG F 268 11.00 21.53 -29.27
CA ARG F 268 9.81 22.36 -29.11
C ARG F 268 10.25 23.81 -29.08
N PRO F 269 10.25 24.52 -30.22
CA PRO F 269 10.83 25.88 -30.23
C PRO F 269 10.16 26.85 -29.29
N ASN F 270 8.85 26.74 -29.09
CA ASN F 270 8.14 27.73 -28.29
C ASN F 270 8.65 27.76 -26.87
N ASN F 271 8.79 28.97 -26.33
CA ASN F 271 9.30 29.20 -24.99
C ASN F 271 8.13 29.57 -24.08
N ASN F 272 7.91 28.77 -23.04
CA ASN F 272 6.76 28.95 -22.15
C ASN F 272 7.21 28.89 -20.70
N THR F 273 6.37 29.45 -19.83
CA THR F 273 6.64 29.53 -18.40
C THR F 273 5.63 28.69 -17.65
N ARG F 274 6.12 27.85 -16.74
CA ARG F 274 5.23 27.06 -15.89
C ARG F 274 4.61 27.94 -14.82
N LYS F 275 3.32 27.70 -14.56
CA LYS F 275 2.56 28.48 -13.58
C LYS F 275 1.83 27.53 -12.64
N SER F 276 1.82 27.88 -11.36
CA SER F 276 1.23 27.05 -10.32
C SER F 276 -0.09 27.65 -9.87
N ILE F 277 -1.14 26.83 -9.84
CA ILE F 277 -2.47 27.24 -9.40
C ILE F 277 -2.83 26.40 -8.18
N ARG F 278 -3.17 27.07 -7.08
CA ARG F 278 -3.48 26.40 -5.83
C ARG F 278 -4.93 25.91 -5.88
N ILE F 279 -5.10 24.61 -6.10
CA ILE F 279 -6.44 24.03 -6.16
C ILE F 279 -6.94 23.57 -4.79
N GLY F 280 -6.07 23.46 -3.80
CA GLY F 280 -6.46 23.02 -2.47
C GLY F 280 -5.33 23.17 -1.47
N PRO F 281 -5.55 22.73 -0.24
CA PRO F 281 -4.51 22.83 0.78
C PRO F 281 -3.35 21.87 0.50
N GLY F 282 -2.21 22.41 0.12
CA GLY F 282 -1.05 21.61 -0.22
C GLY F 282 -1.06 21.02 -1.61
N GLN F 283 -2.09 21.31 -2.40
CA GLN F 283 -2.21 20.79 -3.76
C GLN F 283 -2.14 21.95 -4.74
N ALA F 284 -1.32 21.80 -5.78
CA ALA F 284 -1.12 22.84 -6.78
C ALA F 284 -1.22 22.24 -8.18
N PHE F 285 -1.86 22.97 -9.08
CA PHE F 285 -1.99 22.58 -10.48
C PHE F 285 -1.02 23.39 -11.32
N TYR F 286 -0.19 22.70 -12.10
CA TYR F 286 0.88 23.35 -12.85
C TYR F 286 0.37 23.70 -14.24
N ALA F 287 -0.11 24.92 -14.39
CA ALA F 287 -0.66 25.40 -15.65
C ALA F 287 0.44 26.02 -16.52
N THR F 288 0.04 26.40 -17.73
CA THR F 288 0.92 27.11 -18.66
C THR F 288 0.56 28.58 -18.62
N GLY F 289 1.47 29.40 -18.09
CA GLY F 289 1.20 30.81 -17.94
C GLY F 289 1.11 31.58 -19.23
N ASP F 290 2.25 31.75 -19.90
CA ASP F 290 2.32 32.53 -21.14
C ASP F 290 3.43 31.97 -22.02
N ILE F 291 3.34 32.25 -23.31
CA ILE F 291 4.38 31.91 -24.27
C ILE F 291 5.24 33.15 -24.48
N ILE F 292 6.55 32.93 -24.61
CA ILE F 292 7.53 34.00 -24.75
C ILE F 292 8.07 33.97 -26.17
N GLY F 293 8.01 35.12 -26.85
CA GLY F 293 8.50 35.20 -28.20
C GLY F 293 7.54 34.59 -29.21
N ASP F 294 8.09 34.25 -30.37
CA ASP F 294 7.29 33.67 -31.44
C ASP F 294 6.78 32.29 -31.05
N ILE F 295 5.66 31.91 -31.63
CA ILE F 295 5.06 30.60 -31.43
C ILE F 295 5.25 29.81 -32.72
N ARG F 296 6.01 28.72 -32.64
CA ARG F 296 6.33 27.90 -33.80
C ARG F 296 6.00 26.45 -33.50
N GLN F 297 5.59 25.73 -34.53
CA GLN F 297 5.23 24.32 -34.37
C GLN F 297 6.44 23.47 -34.07
N ALA F 298 6.25 22.45 -33.25
CA ALA F 298 7.30 21.48 -32.99
C ALA F 298 7.52 20.60 -34.22
N HIS F 299 8.74 20.08 -34.35
CA HIS F 299 9.10 19.29 -35.51
C HIS F 299 10.31 18.43 -35.16
N CYS F 300 10.61 17.49 -36.05
CA CYS F 300 11.80 16.65 -35.93
C CYS F 300 12.50 16.59 -37.27
N ASN F 301 13.83 16.51 -37.24
CA ASN F 301 14.66 16.50 -38.44
C ASN F 301 15.34 15.16 -38.61
N VAL F 302 15.34 14.64 -39.83
CA VAL F 302 16.03 13.41 -40.19
C VAL F 302 16.85 13.68 -41.44
N SER F 303 18.12 13.27 -41.41
CA SER F 303 18.99 13.45 -42.56
C SER F 303 18.47 12.65 -43.74
N LYS F 304 18.16 13.34 -44.85
CA LYS F 304 17.60 12.66 -46.00
C LYS F 304 18.58 11.67 -46.61
N ALA F 305 19.86 12.05 -46.69
CA ALA F 305 20.84 11.17 -47.31
C ALA F 305 20.99 9.87 -46.54
N THR F 306 21.04 9.93 -45.21
CA THR F 306 21.21 8.72 -44.42
C THR F 306 19.94 7.87 -44.43
N TRP F 307 18.78 8.50 -44.27
CA TRP F 307 17.54 7.73 -44.27
C TRP F 307 17.31 7.04 -45.60
N ASN F 308 17.58 7.73 -46.71
CA ASN F 308 17.46 7.10 -48.02
C ASN F 308 18.45 5.96 -48.15
N GLU F 309 19.67 6.13 -47.63
CA GLU F 309 20.64 5.04 -47.63
C GLU F 309 20.14 3.86 -46.82
N THR F 310 19.57 4.13 -45.63
CA THR F 310 19.08 3.06 -44.78
C THR F 310 17.96 2.29 -45.47
N LEU F 311 17.03 3.00 -46.11
CA LEU F 311 15.95 2.31 -46.82
C LEU F 311 16.49 1.48 -47.97
N GLY F 312 17.63 1.87 -48.56
CA GLY F 312 18.26 1.05 -49.58
C GLY F 312 18.87 -0.22 -49.04
N LYS F 313 19.19 -0.26 -47.74
CA LYS F 313 19.66 -1.48 -47.10
C LYS F 313 18.53 -2.35 -46.61
N VAL F 314 17.44 -1.75 -46.13
CA VAL F 314 16.29 -2.53 -45.70
C VAL F 314 15.69 -3.29 -46.88
N VAL F 315 15.55 -2.62 -48.02
CA VAL F 315 14.98 -3.28 -49.20
C VAL F 315 15.87 -4.42 -49.65
N LYS F 316 17.19 -4.26 -49.52
CA LYS F 316 18.11 -5.33 -49.92
C LYS F 316 17.80 -6.62 -49.18
N GLN F 317 17.66 -6.54 -47.86
CA GLN F 317 17.34 -7.72 -47.07
C GLN F 317 15.86 -8.09 -47.20
N LEU F 318 14.99 -7.08 -47.32
CA LEU F 318 13.56 -7.36 -47.43
C LEU F 318 13.24 -8.14 -48.69
N ARG F 319 13.85 -7.78 -49.82
CA ARG F 319 13.51 -8.39 -51.09
C ARG F 319 13.79 -9.88 -51.12
N LYS F 320 14.66 -10.38 -50.22
CA LYS F 320 14.98 -11.80 -50.23
C LYS F 320 13.74 -12.64 -49.91
N HIS F 321 12.96 -12.23 -48.92
CA HIS F 321 11.80 -13.02 -48.51
C HIS F 321 10.70 -13.00 -49.55
N PHE F 322 10.46 -11.82 -50.14
CA PHE F 322 9.33 -11.63 -51.06
C PHE F 322 9.70 -11.83 -52.52
N GLY F 323 10.93 -12.23 -52.81
CA GLY F 323 11.36 -12.43 -54.19
C GLY F 323 12.18 -11.28 -54.72
N ASN F 324 13.34 -11.60 -55.29
CA ASN F 324 14.28 -10.57 -55.75
C ASN F 324 13.76 -9.76 -56.92
N ASN F 325 12.69 -10.19 -57.58
CA ASN F 325 12.13 -9.49 -58.73
C ASN F 325 10.92 -8.64 -58.38
N THR F 326 10.56 -8.53 -57.10
CA THR F 326 9.36 -7.81 -56.70
C THR F 326 9.66 -6.33 -56.50
N ILE F 327 8.63 -5.51 -56.72
CA ILE F 327 8.69 -4.07 -56.48
C ILE F 327 8.31 -3.80 -55.04
N ILE F 328 9.08 -2.96 -54.37
CA ILE F 328 8.86 -2.62 -52.97
C ILE F 328 8.46 -1.15 -52.88
N ARG F 329 7.34 -0.89 -52.21
CA ARG F 329 6.81 0.46 -52.05
C ARG F 329 6.50 0.72 -50.58
N PHE F 330 6.70 1.96 -50.16
CA PHE F 330 6.42 2.40 -48.81
C PHE F 330 5.33 3.47 -48.83
N ALA F 331 4.45 3.44 -47.83
CA ALA F 331 3.37 4.40 -47.71
C ALA F 331 3.16 4.71 -46.24
N ASN F 332 2.54 5.87 -45.99
CA ASN F 332 2.31 6.30 -44.61
C ASN F 332 1.24 5.44 -43.96
N SER F 333 0.94 5.75 -42.69
CA SER F 333 0.02 4.92 -41.92
C SER F 333 -1.35 4.86 -42.59
N SER F 334 -2.15 3.90 -42.15
CA SER F 334 -3.47 3.65 -42.72
C SER F 334 -4.56 4.49 -42.08
N GLY F 335 -4.22 5.37 -41.14
CA GLY F 335 -5.19 6.21 -40.49
C GLY F 335 -5.80 5.54 -39.26
N GLY F 336 -6.54 6.34 -38.51
CA GLY F 336 -7.16 5.90 -37.27
C GLY F 336 -6.83 6.83 -36.12
N ASP F 337 -6.58 6.24 -34.95
CA ASP F 337 -6.28 7.02 -33.76
C ASP F 337 -4.94 7.73 -33.91
N LEU F 338 -4.81 8.86 -33.21
CA LEU F 338 -3.57 9.63 -33.27
C LEU F 338 -2.39 8.83 -32.71
N GLU F 339 -2.63 8.06 -31.65
CA GLU F 339 -1.54 7.32 -31.01
C GLU F 339 -0.91 6.32 -31.96
N VAL F 340 -1.69 5.76 -32.87
CA VAL F 340 -1.18 4.72 -33.78
C VAL F 340 -0.64 5.33 -35.06
N THR F 341 -1.34 6.32 -35.63
CA THR F 341 -0.95 6.87 -36.92
C THR F 341 0.30 7.73 -36.83
N THR F 342 0.78 8.06 -35.65
CA THR F 342 1.90 8.97 -35.48
C THR F 342 2.98 8.32 -34.63
N HIS F 343 4.22 8.77 -34.83
CA HIS F 343 5.37 8.28 -34.07
C HIS F 343 5.37 8.98 -32.72
N SER F 344 4.82 8.32 -31.71
CA SER F 344 4.72 8.88 -30.37
C SER F 344 6.02 8.65 -29.60
N PHE F 345 6.36 9.62 -28.76
CA PHE F 345 7.50 9.54 -27.86
C PHE F 345 7.41 10.73 -26.92
N ASN F 346 8.46 10.93 -26.10
CA ASN F 346 8.55 12.11 -25.27
C ASN F 346 9.99 12.57 -25.18
N CYS F 347 10.24 13.82 -25.53
CA CYS F 347 11.54 14.45 -25.38
C CYS F 347 11.56 15.17 -24.04
N GLY F 348 12.44 14.73 -23.14
CA GLY F 348 12.41 15.23 -21.79
C GLY F 348 11.21 14.70 -21.03
N GLY F 349 10.23 15.56 -20.78
CA GLY F 349 9.00 15.14 -20.13
C GLY F 349 7.76 15.56 -20.89
N GLU F 350 7.94 16.01 -22.13
CA GLU F 350 6.84 16.45 -22.98
C GLU F 350 6.60 15.41 -24.06
N PHE F 351 5.35 14.97 -24.20
CA PHE F 351 4.99 13.91 -25.13
C PHE F 351 4.76 14.47 -26.54
N PHE F 352 5.30 13.79 -27.53
CA PHE F 352 5.22 14.19 -28.92
C PHE F 352 4.41 13.18 -29.72
N TYR F 353 3.82 13.64 -30.82
CA TYR F 353 3.10 12.78 -31.76
C TYR F 353 3.41 13.28 -33.16
N CYS F 354 4.44 12.71 -33.78
CA CYS F 354 5.00 13.23 -35.02
C CYS F 354 4.40 12.54 -36.24
N ASN F 355 4.21 13.33 -37.30
CA ASN F 355 3.63 12.85 -38.55
C ASN F 355 4.77 12.31 -39.41
N THR F 356 4.82 10.98 -39.53
CA THR F 356 5.88 10.30 -40.27
C THR F 356 5.51 10.05 -41.73
N SER F 357 4.64 10.86 -42.31
CA SER F 357 4.24 10.65 -43.70
C SER F 357 5.36 10.95 -44.67
N GLY F 358 6.38 11.73 -44.25
CA GLY F 358 7.47 12.05 -45.15
C GLY F 358 8.55 10.98 -45.22
N LEU F 359 8.69 10.19 -44.15
CA LEU F 359 9.71 9.15 -44.15
C LEU F 359 9.33 7.99 -45.05
N PHE F 360 8.07 7.55 -44.96
CA PHE F 360 7.60 6.37 -45.69
C PHE F 360 6.87 6.83 -46.95
N ASN F 361 7.66 7.21 -47.95
CA ASN F 361 7.10 7.64 -49.24
C ASN F 361 8.19 7.44 -50.29
N SER F 362 8.11 6.35 -51.03
CA SER F 362 9.09 6.04 -52.07
C SER F 362 8.65 4.76 -52.78
N THR F 363 9.38 4.42 -53.84
CA THR F 363 9.16 3.19 -54.59
C THR F 363 10.48 2.74 -55.18
N TRP F 364 10.76 1.44 -55.10
CA TRP F 364 12.03 0.87 -55.53
C TRP F 364 11.79 -0.08 -56.68
N ILE F 365 12.58 0.09 -57.75
CA ILE F 365 12.41 -0.71 -58.97
C ILE F 365 13.35 -1.91 -59.02
N SER F 366 14.39 -1.94 -58.18
CA SER F 366 15.36 -3.03 -58.19
C SER F 366 16.15 -3.05 -59.50
N ASN F 367 16.65 -1.89 -59.91
CA ASN F 367 17.44 -1.77 -61.13
C ASN F 367 16.69 -2.32 -62.34
N SER F 378 23.85 17.71 -48.57
CA SER F 378 24.13 16.95 -47.35
C SER F 378 23.45 17.58 -46.14
N ASN F 379 22.48 18.45 -46.39
CA ASN F 379 21.74 19.13 -45.32
C ASN F 379 20.26 19.19 -45.65
N ASP F 380 19.75 18.22 -46.42
CA ASP F 380 18.35 18.27 -46.83
C ASP F 380 17.42 18.19 -45.62
N SER F 381 17.69 17.27 -44.69
CA SER F 381 17.08 17.29 -43.37
C SER F 381 15.55 17.25 -43.45
N ILE F 382 15.05 16.09 -43.89
CA ILE F 382 13.60 15.86 -43.86
C ILE F 382 13.05 16.29 -42.51
N THR F 383 12.00 17.11 -42.54
CA THR F 383 11.38 17.64 -41.33
C THR F 383 9.98 17.04 -41.18
N LEU F 384 9.65 16.67 -39.95
CA LEU F 384 8.37 16.02 -39.64
C LEU F 384 7.58 16.87 -38.65
N PRO F 385 6.47 17.50 -39.03
CA PRO F 385 5.71 18.27 -38.04
C PRO F 385 5.18 17.36 -36.94
N CYS F 386 5.15 17.90 -35.72
CA CYS F 386 4.78 17.14 -34.54
C CYS F 386 3.78 17.93 -33.72
N ARG F 387 2.72 17.24 -33.27
CA ARG F 387 1.75 17.81 -32.35
C ARG F 387 2.01 17.29 -30.95
N ILE F 388 1.57 18.05 -29.96
CA ILE F 388 1.87 17.77 -28.55
C ILE F 388 0.57 17.71 -27.76
N LYS F 389 0.52 16.79 -26.80
CA LYS F 389 -0.64 16.61 -25.94
C LYS F 389 -0.18 16.53 -24.49
N GLN F 390 -1.07 16.92 -23.58
CA GLN F 390 -0.81 16.83 -22.15
C GLN F 390 -1.72 15.85 -21.42
N ILE F 391 -2.87 15.50 -22.00
CA ILE F 391 -3.73 14.45 -21.48
C ILE F 391 -3.51 13.22 -22.35
N ILE F 392 -2.96 12.17 -21.77
CA ILE F 392 -2.51 11.00 -22.52
C ILE F 392 -3.05 9.73 -21.89
N ASN F 393 -3.39 8.76 -22.74
CA ASN F 393 -3.71 7.40 -22.31
C ASN F 393 -2.49 6.55 -22.64
N MET F 394 -1.57 6.45 -21.66
CA MET F 394 -0.25 5.91 -21.91
C MET F 394 -0.31 4.49 -22.44
N TRP F 395 -0.88 3.58 -21.66
CA TRP F 395 -0.85 2.15 -21.96
C TRP F 395 -2.06 1.68 -22.75
N GLN F 396 -2.69 2.57 -23.50
CA GLN F 396 -3.85 2.23 -24.34
C GLN F 396 -4.99 1.66 -23.51
N ARG F 397 -5.06 2.00 -22.23
CA ARG F 397 -6.11 1.51 -21.36
C ARG F 397 -7.35 2.38 -21.50
N ILE F 398 -8.39 2.04 -20.73
CA ILE F 398 -9.64 2.79 -20.70
C ILE F 398 -9.95 3.11 -19.25
N GLY F 399 -10.29 4.37 -18.97
CA GLY F 399 -10.60 4.79 -17.62
C GLY F 399 -9.40 5.18 -16.79
N GLN F 400 -8.21 5.24 -17.37
CA GLN F 400 -7.00 5.67 -16.67
C GLN F 400 -6.38 6.83 -17.42
N CYS F 401 -5.89 7.82 -16.67
CA CYS F 401 -5.40 9.06 -17.26
C CYS F 401 -4.24 9.59 -16.45
N MET F 402 -3.42 10.41 -17.12
CA MET F 402 -2.33 11.14 -16.47
C MET F 402 -2.15 12.46 -17.20
N TYR F 403 -1.87 13.51 -16.43
CA TYR F 403 -1.68 14.86 -16.97
C TYR F 403 -0.21 15.23 -16.82
N ALA F 404 0.44 15.53 -17.93
CA ALA F 404 1.85 15.92 -17.92
C ALA F 404 1.95 17.44 -17.85
N PRO F 405 2.52 18.01 -16.79
CA PRO F 405 2.58 19.48 -16.68
C PRO F 405 3.57 20.04 -17.68
N PRO F 406 3.46 21.33 -18.02
CA PRO F 406 4.40 21.92 -18.97
C PRO F 406 5.80 22.02 -18.39
N ILE F 407 6.78 22.04 -19.29
CA ILE F 407 8.18 22.20 -18.93
C ILE F 407 8.61 23.60 -19.36
N GLN F 408 9.00 24.42 -18.38
CA GLN F 408 9.41 25.78 -18.68
C GLN F 408 10.67 25.79 -19.53
N GLY F 409 10.71 26.68 -20.51
CA GLY F 409 11.84 26.79 -21.41
C GLY F 409 11.71 25.86 -22.61
N VAL F 410 12.56 26.10 -23.61
CA VAL F 410 12.57 25.28 -24.80
C VAL F 410 13.25 23.95 -24.49
N ILE F 411 12.86 22.91 -25.23
CA ILE F 411 13.40 21.57 -25.06
C ILE F 411 13.80 21.02 -26.43
N ARG F 412 14.95 20.35 -26.49
CA ARG F 412 15.40 19.71 -27.71
C ARG F 412 16.30 18.54 -27.32
N CYS F 413 16.29 17.50 -28.15
CA CYS F 413 17.08 16.31 -27.88
C CYS F 413 17.42 15.62 -29.18
N VAL F 414 18.51 14.86 -29.16
CA VAL F 414 18.98 14.07 -30.29
C VAL F 414 18.74 12.61 -29.95
N SER F 415 18.18 11.87 -30.90
CA SER F 415 17.72 10.50 -30.64
C SER F 415 18.50 9.52 -31.51
N ASN F 416 18.07 8.26 -31.47
CA ASN F 416 18.87 7.13 -31.94
C ASN F 416 17.92 6.08 -32.50
N ILE F 417 17.68 6.14 -33.81
CA ILE F 417 16.76 5.21 -34.45
C ILE F 417 17.49 3.92 -34.75
N THR F 418 16.91 2.79 -34.33
CA THR F 418 17.55 1.49 -34.52
C THR F 418 16.58 0.40 -34.96
N GLY F 419 15.43 0.75 -35.53
CA GLY F 419 14.52 -0.26 -36.01
C GLY F 419 13.18 0.35 -36.40
N LEU F 420 12.37 -0.47 -37.04
CA LEU F 420 11.04 -0.07 -37.50
C LEU F 420 10.05 -1.18 -37.20
N ILE F 421 8.78 -0.79 -37.04
CA ILE F 421 7.70 -1.75 -36.86
C ILE F 421 6.77 -1.65 -38.07
N LEU F 422 7.01 -2.47 -39.07
CA LEU F 422 6.29 -2.42 -40.33
C LEU F 422 5.17 -3.45 -40.37
N THR F 423 4.12 -3.12 -41.12
CA THR F 423 3.03 -4.05 -41.41
C THR F 423 2.79 -4.06 -42.90
N ARG F 424 2.54 -5.25 -43.45
CA ARG F 424 2.38 -5.44 -44.89
C ARG F 424 0.93 -5.46 -45.36
N ASP F 425 0.68 -4.49 -46.22
CA ASP F 425 -0.67 -4.32 -46.74
C ASP F 425 -0.89 -5.54 -47.62
N GLY F 426 -2.07 -6.15 -47.57
CA GLY F 426 -2.26 -7.44 -48.26
C GLY F 426 -2.53 -7.33 -49.74
N GLY F 427 -1.50 -7.53 -50.57
CA GLY F 427 -1.70 -7.56 -52.03
C GLY F 427 -1.28 -8.90 -52.62
N SER F 428 -2.16 -9.55 -53.39
CA SER F 428 -1.87 -10.92 -53.91
C SER F 428 -0.86 -10.91 -55.05
N THR F 429 -0.31 -12.09 -55.40
CA THR F 429 0.68 -12.19 -56.50
C THR F 429 0.06 -11.63 -57.78
N ASN F 430 -1.26 -11.48 -57.82
CA ASN F 430 -1.92 -10.82 -58.98
C ASN F 430 -1.35 -9.40 -59.03
N SER F 431 -0.46 -9.08 -58.09
CA SER F 431 0.25 -7.78 -58.13
C SER F 431 1.75 -8.05 -57.90
N THR F 432 2.60 -7.44 -58.72
CA THR F 432 4.05 -7.53 -58.46
C THR F 432 4.37 -6.29 -57.63
N THR F 433 3.90 -6.25 -56.38
CA THR F 433 4.10 -5.04 -55.59
C THR F 433 3.84 -5.37 -54.12
N GLU F 434 4.67 -4.83 -53.23
CA GLU F 434 4.58 -5.14 -51.79
C GLU F 434 4.47 -3.82 -51.03
N THR F 435 3.25 -3.47 -50.65
CA THR F 435 3.02 -2.26 -49.85
C THR F 435 3.19 -2.28 -48.34
N PHE F 436 4.33 -1.78 -47.85
CA PHE F 436 4.66 -1.79 -46.43
C PHE F 436 4.37 -0.42 -45.83
N ARG F 437 3.70 -0.42 -44.68
CA ARG F 437 3.34 0.79 -43.96
C ARG F 437 3.73 0.64 -42.50
N PRO F 438 3.96 1.75 -41.79
CA PRO F 438 4.29 1.65 -40.38
C PRO F 438 3.13 1.12 -39.55
N GLY F 439 3.47 0.46 -38.45
CA GLY F 439 2.47 -0.11 -37.55
C GLY F 439 2.86 -0.01 -36.10
N GLY F 440 2.77 -1.12 -35.38
CA GLY F 440 3.20 -1.17 -34.00
C GLY F 440 2.19 -0.61 -33.01
N GLY F 441 1.03 -1.27 -32.90
CA GLY F 441 0.05 -0.89 -31.91
C GLY F 441 0.35 -1.48 -30.55
N ASP F 442 0.59 -2.79 -30.51
CA ASP F 442 0.98 -3.44 -29.26
C ASP F 442 2.34 -2.94 -28.80
N MET F 443 2.49 -2.75 -27.49
CA MET F 443 3.69 -2.16 -26.92
C MET F 443 4.77 -3.20 -26.61
N ARG F 444 4.44 -4.49 -26.62
CA ARG F 444 5.42 -5.51 -26.30
C ARG F 444 6.52 -5.57 -27.36
N ASP F 445 6.15 -5.39 -28.63
CA ASP F 445 7.13 -5.50 -29.71
C ASP F 445 8.28 -4.51 -29.53
N ASN F 446 8.04 -3.39 -28.84
CA ASN F 446 9.12 -2.43 -28.61
C ASN F 446 10.23 -3.04 -27.80
N TRP F 447 9.89 -3.78 -26.74
CA TRP F 447 10.87 -4.46 -25.91
C TRP F 447 11.26 -5.83 -26.46
N ARG F 448 10.39 -6.46 -27.25
CA ARG F 448 10.74 -7.73 -27.87
C ARG F 448 11.96 -7.60 -28.78
N SER F 449 12.21 -6.40 -29.30
CA SER F 449 13.36 -6.18 -30.18
C SER F 449 14.69 -6.41 -29.46
N GLU F 450 14.72 -6.29 -28.13
CA GLU F 450 15.94 -6.44 -27.35
C GLU F 450 16.00 -7.73 -26.56
N LEU F 451 14.86 -8.33 -26.22
CA LEU F 451 14.81 -9.56 -25.44
C LEU F 451 14.78 -10.81 -26.31
N TYR F 452 15.03 -10.66 -27.62
CA TYR F 452 15.01 -11.82 -28.51
C TYR F 452 16.18 -12.77 -28.26
N LYS F 453 17.30 -12.26 -27.74
CA LYS F 453 18.48 -13.09 -27.53
C LYS F 453 18.37 -14.00 -26.31
N TYR F 454 17.56 -13.63 -25.32
CA TYR F 454 17.59 -14.26 -24.00
C TYR F 454 16.48 -15.28 -23.84
N LYS F 455 16.79 -16.36 -23.13
CA LYS F 455 15.82 -17.39 -22.77
C LYS F 455 16.11 -17.84 -21.34
N VAL F 456 15.07 -18.35 -20.68
CA VAL F 456 15.17 -18.78 -19.29
C VAL F 456 14.91 -20.28 -19.22
N VAL F 457 15.75 -20.99 -18.47
CA VAL F 457 15.65 -22.45 -18.32
C VAL F 457 15.75 -22.81 -16.84
N LYS F 458 15.29 -24.01 -16.53
CA LYS F 458 15.30 -24.55 -15.16
C LYS F 458 16.37 -25.64 -15.06
N ILE F 459 17.22 -25.53 -14.05
CA ILE F 459 18.30 -26.50 -13.85
C ILE F 459 17.75 -27.74 -13.16
N GLU F 460 18.21 -28.91 -13.61
CA GLU F 460 17.79 -30.20 -13.08
C GLU F 460 19.04 -30.96 -12.66
N PRO F 461 19.52 -30.78 -11.44
CA PRO F 461 20.80 -31.38 -11.04
C PRO F 461 20.74 -32.87 -10.73
N LEU F 462 19.59 -33.51 -10.81
CA LEU F 462 19.44 -34.92 -10.50
C LEU F 462 19.52 -35.75 -11.77
N GLY F 463 20.37 -36.76 -11.76
CA GLY F 463 20.51 -37.65 -12.91
C GLY F 463 20.98 -39.01 -12.47
N VAL F 464 20.59 -40.03 -13.22
CA VAL F 464 20.95 -41.43 -12.94
C VAL F 464 21.58 -42.03 -14.19
N ALA F 465 22.71 -42.68 -14.03
CA ALA F 465 23.44 -43.31 -15.12
C ALA F 465 23.92 -44.67 -14.67
N PRO F 466 24.16 -45.59 -15.61
CA PRO F 466 24.64 -46.92 -15.25
C PRO F 466 26.16 -47.01 -15.18
N THR F 467 26.63 -47.81 -14.24
CA THR F 467 28.05 -48.12 -14.10
C THR F 467 28.19 -49.26 -13.11
N ARG F 468 29.38 -49.86 -13.08
CA ARG F 468 29.67 -50.99 -12.21
C ARG F 468 30.05 -50.46 -10.84
N CYS F 469 29.05 -50.35 -9.96
CA CYS F 469 29.28 -49.81 -8.62
C CYS F 469 28.30 -50.48 -7.66
N LYS F 470 28.83 -51.05 -6.59
CA LYS F 470 28.05 -51.55 -5.47
C LYS F 470 28.22 -50.65 -4.26
N ARG F 471 27.38 -50.88 -3.25
CA ARG F 471 27.65 -50.34 -1.94
C ARG F 471 28.54 -51.32 -1.16
N ARG F 472 29.17 -50.81 -0.11
CA ARG F 472 30.14 -51.62 0.63
C ARG F 472 29.48 -52.87 1.22
N VAL F 473 28.29 -52.72 1.79
CA VAL F 473 27.59 -53.85 2.38
C VAL F 473 27.12 -54.78 1.26
N GLU G 1 -12.43 55.07 3.49
CA GLU G 1 -13.81 55.48 3.11
C GLU G 1 -13.78 56.94 2.69
N ARG G 2 -12.58 57.53 2.63
CA ARG G 2 -12.45 58.95 2.25
C ARG G 2 -11.56 59.06 1.03
N LEU G 3 -12.08 59.65 -0.03
CA LEU G 3 -11.27 59.87 -1.25
C LEU G 3 -10.87 61.34 -1.27
N VAL G 4 -9.56 61.64 -1.26
CA VAL G 4 -9.06 63.00 -1.25
C VAL G 4 -8.54 63.33 -2.64
N GLU G 5 -9.00 64.44 -3.21
CA GLU G 5 -8.58 64.89 -4.53
C GLU G 5 -7.69 66.11 -4.40
N SER G 6 -7.08 66.49 -5.52
CA SER G 6 -6.19 67.64 -5.57
C SER G 6 -5.92 67.96 -7.04
N GLY G 7 -5.28 69.10 -7.27
CA GLY G 7 -4.90 69.53 -8.59
C GLY G 7 -5.69 70.72 -9.13
N GLY G 8 -6.49 71.39 -8.31
CA GLY G 8 -7.26 72.52 -8.79
C GLY G 8 -6.37 73.70 -9.15
N GLY G 9 -6.90 74.54 -10.02
CA GLY G 9 -6.17 75.73 -10.45
C GLY G 9 -6.86 76.38 -11.64
N VAL G 10 -6.18 77.38 -12.19
CA VAL G 10 -6.66 78.14 -13.33
C VAL G 10 -5.66 77.97 -14.47
N VAL G 11 -6.17 77.59 -15.64
CA VAL G 11 -5.33 77.38 -16.82
C VAL G 11 -5.99 78.03 -18.03
N GLN G 12 -5.18 78.27 -19.05
CA GLN G 12 -5.66 78.87 -20.28
C GLN G 12 -6.25 77.79 -21.20
N PRO G 13 -7.07 78.19 -22.17
CA PRO G 13 -7.60 77.21 -23.13
C PRO G 13 -6.46 76.49 -23.85
N GLY G 14 -6.65 75.20 -24.06
CA GLY G 14 -5.66 74.38 -24.72
C GLY G 14 -4.53 73.89 -23.82
N SER G 15 -4.57 74.22 -22.53
CA SER G 15 -3.52 73.80 -21.62
C SER G 15 -3.70 72.33 -21.25
N SER G 16 -2.74 71.82 -20.49
CA SER G 16 -2.75 70.44 -20.01
C SER G 16 -2.63 70.43 -18.50
N LEU G 17 -3.34 69.51 -17.84
CA LEU G 17 -3.35 69.43 -16.40
C LEU G 17 -3.65 67.99 -15.98
N ARG G 18 -3.35 67.69 -14.73
CA ARG G 18 -3.58 66.37 -14.16
C ARG G 18 -4.37 66.50 -12.86
N LEU G 19 -5.33 65.59 -12.68
CA LEU G 19 -6.12 65.51 -11.46
C LEU G 19 -5.69 64.27 -10.68
N SER G 20 -5.38 64.45 -9.40
CA SER G 20 -4.86 63.39 -8.56
C SER G 20 -5.85 63.09 -7.43
N CYS G 21 -6.03 61.80 -7.16
CA CYS G 21 -6.90 61.35 -6.08
C CYS G 21 -6.17 60.31 -5.23
N ALA G 22 -6.48 60.31 -3.94
CA ALA G 22 -5.91 59.37 -3.00
C ALA G 22 -7.03 58.67 -2.24
N ALA G 23 -6.81 57.41 -1.90
CA ALA G 23 -7.81 56.57 -1.24
C ALA G 23 -7.22 55.96 0.01
N SER G 24 -8.09 55.73 0.99
CA SER G 24 -7.69 55.12 2.25
C SER G 24 -8.90 54.48 2.91
N GLY G 25 -8.64 53.55 3.82
CA GLY G 25 -9.69 52.89 4.57
C GLY G 25 -10.29 51.67 3.91
N PHE G 26 -9.87 51.34 2.69
CA PHE G 26 -10.41 50.19 1.99
C PHE G 26 -9.38 49.68 1.00
N ASP G 27 -9.57 48.45 0.54
CA ASP G 27 -8.65 47.83 -0.41
C ASP G 27 -8.83 48.46 -1.79
N PHE G 28 -7.99 49.46 -2.10
CA PHE G 28 -8.10 50.15 -3.38
C PHE G 28 -7.78 49.25 -4.56
N SER G 29 -7.11 48.12 -4.33
CA SER G 29 -6.65 47.26 -5.41
C SER G 29 -7.73 46.32 -5.95
N ARG G 30 -8.93 46.31 -5.35
CA ARG G 30 -9.98 45.38 -5.74
C ARG G 30 -11.16 46.05 -6.44
N GLN G 31 -11.39 47.34 -6.23
CA GLN G 31 -12.60 48.00 -6.69
C GLN G 31 -12.27 49.01 -7.79
N GLY G 32 -13.16 49.09 -8.78
CA GLY G 32 -13.01 50.08 -9.84
C GLY G 32 -13.32 51.47 -9.34
N MET G 33 -12.98 52.45 -10.18
CA MET G 33 -13.10 53.86 -9.82
C MET G 33 -13.79 54.62 -10.94
N HIS G 34 -14.40 55.75 -10.57
CA HIS G 34 -15.10 56.62 -11.50
C HIS G 34 -14.58 58.04 -11.37
N TRP G 35 -14.77 58.82 -12.43
CA TRP G 35 -14.59 60.26 -12.42
C TRP G 35 -15.89 60.91 -12.86
N VAL G 36 -16.40 61.85 -12.07
CA VAL G 36 -17.65 62.54 -12.36
C VAL G 36 -17.42 64.03 -12.17
N ARG G 37 -17.84 64.82 -13.16
CA ARG G 37 -17.69 66.27 -13.11
C ARG G 37 -19.07 66.92 -13.14
N GLN G 38 -19.25 67.95 -12.32
CA GLN G 38 -20.50 68.69 -12.22
C GLN G 38 -20.22 70.18 -12.34
N ALA G 39 -21.14 70.89 -12.97
CA ALA G 39 -21.04 72.32 -13.20
C ALA G 39 -22.23 73.02 -12.56
N PRO G 40 -22.11 74.32 -12.25
CA PRO G 40 -23.22 75.05 -11.62
C PRO G 40 -24.48 74.99 -12.47
N GLY G 41 -25.52 74.36 -11.92
CA GLY G 41 -26.80 74.27 -12.58
C GLY G 41 -26.89 73.21 -13.66
N GLN G 42 -25.86 72.40 -13.85
CA GLN G 42 -25.84 71.36 -14.87
C GLN G 42 -25.87 69.99 -14.22
N GLY G 43 -26.49 69.04 -14.91
CA GLY G 43 -26.59 67.70 -14.39
C GLY G 43 -25.25 66.99 -14.36
N LEU G 44 -25.20 65.92 -13.56
CA LEU G 44 -23.98 65.14 -13.43
C LEU G 44 -23.57 64.55 -14.78
N GLU G 45 -22.29 64.67 -15.10
CA GLU G 45 -21.73 64.14 -16.35
C GLU G 45 -20.65 63.13 -16.00
N TRP G 46 -20.76 61.94 -16.58
CA TRP G 46 -19.79 60.89 -16.34
C TRP G 46 -18.56 61.10 -17.22
N VAL G 47 -17.39 60.80 -16.66
CA VAL G 47 -16.13 60.98 -17.39
C VAL G 47 -15.62 59.62 -17.87
N ALA G 48 -15.28 58.74 -16.93
CA ALA G 48 -14.67 57.47 -17.30
C ALA G 48 -14.70 56.50 -16.12
N PHE G 49 -14.51 55.22 -16.44
CA PHE G 49 -14.41 54.14 -15.46
C PHE G 49 -13.19 53.31 -15.77
N ILE G 50 -12.51 52.84 -14.73
CA ILE G 50 -11.30 52.03 -14.86
C ILE G 50 -11.45 50.79 -13.99
N LYS G 51 -11.12 49.64 -14.56
CA LYS G 51 -11.21 48.39 -13.81
C LYS G 51 -10.26 48.43 -12.61
N TYR G 52 -10.47 47.49 -11.68
CA TYR G 52 -9.70 47.47 -10.46
C TYR G 52 -8.20 47.33 -10.72
N ASP G 53 -7.80 46.76 -11.85
CA ASP G 53 -6.40 46.62 -12.20
C ASP G 53 -6.00 47.45 -13.41
N GLY G 54 -6.91 48.22 -13.99
CA GLY G 54 -6.60 49.03 -15.14
C GLY G 54 -6.61 48.30 -16.46
N SER G 55 -6.89 47.00 -16.47
CA SER G 55 -6.89 46.24 -17.72
C SER G 55 -7.99 46.69 -18.67
N GLU G 56 -9.05 47.33 -18.17
CA GLU G 56 -10.14 47.81 -19.00
C GLU G 56 -10.44 49.26 -18.64
N LYS G 57 -10.72 50.07 -19.66
CA LYS G 57 -11.05 51.47 -19.47
C LYS G 57 -12.24 51.83 -20.35
N TYR G 58 -12.99 52.84 -19.92
CA TYR G 58 -14.15 53.32 -20.66
C TYR G 58 -14.21 54.84 -20.51
N HIS G 59 -14.42 55.53 -21.63
CA HIS G 59 -14.47 56.98 -21.65
C HIS G 59 -15.75 57.43 -22.36
N ALA G 60 -16.37 58.47 -21.81
CA ALA G 60 -17.61 58.97 -22.39
C ALA G 60 -17.36 59.55 -23.78
N ASP G 61 -18.40 59.48 -24.62
CA ASP G 61 -18.27 59.99 -25.98
C ASP G 61 -18.01 61.49 -26.00
N SER G 62 -18.63 62.22 -25.07
CA SER G 62 -18.50 63.68 -25.06
C SER G 62 -17.07 64.13 -24.82
N VAL G 63 -16.22 63.30 -24.23
CA VAL G 63 -14.86 63.69 -23.86
C VAL G 63 -13.85 62.70 -24.41
N TRP G 64 -14.24 61.93 -25.42
CA TRP G 64 -13.32 60.95 -25.99
C TRP G 64 -12.17 61.67 -26.71
N GLY G 65 -10.95 61.18 -26.48
CA GLY G 65 -9.77 61.71 -27.12
C GLY G 65 -9.15 62.90 -26.40
N ARG G 66 -9.83 63.46 -25.41
CA ARG G 66 -9.31 64.60 -24.66
C ARG G 66 -8.97 64.28 -23.22
N LEU G 67 -9.62 63.30 -22.61
CA LEU G 67 -9.40 62.93 -21.23
C LEU G 67 -9.13 61.44 -21.13
N SER G 68 -8.23 61.06 -20.23
CA SER G 68 -7.87 59.66 -20.02
C SER G 68 -7.83 59.36 -18.53
N ILE G 69 -8.07 58.10 -18.19
CA ILE G 69 -8.12 57.63 -16.81
C ILE G 69 -7.00 56.64 -16.59
N SER G 70 -6.30 56.78 -15.46
CA SER G 70 -5.22 55.87 -15.11
C SER G 70 -5.17 55.73 -13.59
N ARG G 71 -4.56 54.64 -13.13
CA ARG G 71 -4.47 54.35 -11.71
C ARG G 71 -3.19 53.58 -11.45
N ASP G 72 -2.78 53.58 -10.18
CA ASP G 72 -1.58 52.87 -9.74
C ASP G 72 -1.89 52.23 -8.38
N ASN G 73 -2.17 50.93 -8.40
CA ASN G 73 -2.50 50.23 -7.16
C ASN G 73 -1.35 50.25 -6.17
N SER G 74 -0.11 50.34 -6.64
CA SER G 74 1.04 50.39 -5.73
C SER G 74 1.06 51.67 -4.91
N LYS G 75 0.41 52.74 -5.38
CA LYS G 75 0.37 54.00 -4.66
C LYS G 75 -1.00 54.33 -4.09
N ASP G 76 -2.02 53.51 -4.35
CA ASP G 76 -3.37 53.77 -3.88
C ASP G 76 -3.85 55.15 -4.33
N THR G 77 -3.59 55.47 -5.59
CA THR G 77 -3.95 56.76 -6.16
C THR G 77 -4.65 56.57 -7.50
N LEU G 78 -5.49 57.54 -7.85
CA LEU G 78 -6.21 57.56 -9.12
C LEU G 78 -5.91 58.88 -9.82
N TYR G 79 -5.67 58.79 -11.13
CA TYR G 79 -5.24 59.94 -11.92
C TYR G 79 -6.15 60.12 -13.12
N LEU G 80 -6.25 61.37 -13.58
CA LEU G 80 -7.02 61.72 -14.76
C LEU G 80 -6.28 62.82 -15.51
N GLN G 81 -5.92 62.56 -16.76
CA GLN G 81 -5.12 63.50 -17.53
C GLN G 81 -6.03 64.47 -18.27
N MET G 82 -5.95 65.75 -17.92
CA MET G 82 -6.69 66.81 -18.60
C MET G 82 -5.78 67.38 -19.69
N ASN G 83 -6.14 67.13 -20.95
CA ASN G 83 -5.36 67.59 -22.09
C ASN G 83 -6.23 68.45 -22.99
N SER G 84 -5.69 69.60 -23.39
CA SER G 84 -6.38 70.52 -24.29
C SER G 84 -7.73 70.94 -23.73
N LEU G 85 -7.67 71.61 -22.58
CA LEU G 85 -8.89 72.07 -21.92
C LEU G 85 -9.55 73.18 -22.75
N ARG G 86 -10.85 73.34 -22.54
CA ARG G 86 -11.62 74.38 -23.22
C ARG G 86 -12.57 75.01 -22.21
N VAL G 87 -13.31 76.03 -22.68
CA VAL G 87 -14.16 76.81 -21.78
C VAL G 87 -15.22 75.93 -21.14
N GLU G 88 -15.78 74.98 -21.89
CA GLU G 88 -16.85 74.13 -21.37
C GLU G 88 -16.34 73.10 -20.36
N ASP G 89 -15.03 72.94 -20.21
CA ASP G 89 -14.49 71.93 -19.31
C ASP G 89 -14.53 72.34 -17.84
N THR G 90 -14.77 73.62 -17.55
CA THR G 90 -14.80 74.07 -16.16
C THR G 90 -15.91 73.34 -15.40
N ALA G 91 -15.54 72.72 -14.28
CA ALA G 91 -16.48 71.95 -13.48
C ALA G 91 -15.74 71.41 -12.27
N THR G 92 -16.50 70.85 -11.33
CA THR G 92 -15.93 70.22 -10.15
C THR G 92 -15.90 68.71 -10.36
N TYR G 93 -14.71 68.13 -10.30
CA TYR G 93 -14.51 66.71 -10.57
C TYR G 93 -14.50 65.93 -9.27
N PHE G 94 -15.24 64.82 -9.24
CA PHE G 94 -15.38 63.99 -8.05
C PHE G 94 -14.69 62.66 -8.25
N CYS G 95 -13.87 62.26 -7.28
CA CYS G 95 -13.21 60.96 -7.29
C CYS G 95 -14.11 59.98 -6.56
N VAL G 96 -14.65 59.01 -7.30
CA VAL G 96 -15.72 58.15 -6.81
C VAL G 96 -15.29 56.69 -6.89
N ARG G 97 -15.91 55.87 -6.06
CA ARG G 97 -15.65 54.44 -5.98
C ARG G 97 -16.82 53.66 -6.55
N GLU G 98 -16.51 52.58 -7.27
CA GLU G 98 -17.51 51.70 -7.84
C GLU G 98 -17.84 50.61 -6.82
N ALA G 99 -19.05 50.66 -6.27
CA ALA G 99 -19.46 49.67 -5.28
C ALA G 99 -19.51 48.29 -5.94
N GLY G 100 -18.97 47.30 -5.25
CA GLY G 100 -18.93 45.96 -5.79
C GLY G 100 -18.52 44.96 -4.73
N GLY G 101 -18.53 43.69 -5.13
CA GLY G 101 -18.19 42.61 -4.23
C GLY G 101 -18.32 41.25 -4.90
N PRO G 102 -18.11 40.19 -4.13
CA PRO G 102 -18.21 38.84 -4.70
C PRO G 102 -19.61 38.54 -5.21
N ASP G 103 -19.67 37.72 -6.25
CA ASP G 103 -20.94 37.29 -6.83
C ASP G 103 -21.36 35.98 -6.18
N TYR G 104 -22.43 36.03 -5.39
CA TYR G 104 -22.90 34.84 -4.68
C TYR G 104 -23.65 33.94 -5.66
N ARG G 105 -23.21 32.70 -5.76
CA ARG G 105 -23.82 31.74 -6.69
C ARG G 105 -23.48 30.33 -6.25
N ASN G 106 -24.49 29.45 -6.21
CA ASN G 106 -24.30 28.05 -5.85
C ASN G 106 -23.69 27.89 -4.46
N GLY G 107 -23.90 28.88 -3.59
CA GLY G 107 -23.36 28.83 -2.25
C GLY G 107 -21.90 29.18 -2.12
N TYR G 108 -21.29 29.68 -3.19
CA TYR G 108 -19.87 30.05 -3.20
C TYR G 108 -19.71 31.54 -3.47
N TYR G 109 -18.55 32.06 -3.14
CA TYR G 109 -18.22 33.46 -3.40
C TYR G 109 -17.22 33.56 -4.55
N TYS G 110 -17.60 34.21 -5.65
CA TYS G 110 -16.80 34.22 -6.89
CB TYS G 110 -17.66 33.76 -8.05
CG TYS G 110 -18.06 32.32 -8.05
CD1 TYS G 110 -19.33 31.95 -7.68
CD2 TYS G 110 -17.20 31.33 -8.46
CE1 TYS G 110 -19.71 30.63 -7.67
CE2 TYS G 110 -17.57 30.00 -8.46
CZ TYS G 110 -18.84 29.68 -8.09
OH TYS G 110 -19.28 28.32 -8.05
S TYS G 110 -19.06 27.32 -9.24
O1 TYS G 110 -19.75 26.14 -8.83
O2 TYS G 110 -17.65 27.16 -9.34
O3 TYS G 110 -19.65 28.00 -10.34
C TYS G 110 -16.17 35.57 -7.04
O TYS G 110 -16.93 36.49 -7.06
N TYS G 111 -14.84 35.64 -7.06
CA TYS G 111 -14.08 36.91 -7.18
CB TYS G 111 -13.10 36.99 -6.04
CG TYS G 111 -13.66 37.11 -4.65
CD1 TYS G 111 -13.98 35.99 -3.92
CD2 TYS G 111 -13.83 38.35 -4.05
CE1 TYS G 111 -14.50 36.08 -2.64
CE2 TYS G 111 -14.34 38.45 -2.76
CZ TYS G 111 -14.64 37.31 -2.09
OH TYS G 111 -15.20 37.40 -0.77
S TYS G 111 -14.79 38.53 0.26
O1 TYS G 111 -15.55 38.23 1.45
O2 TYS G 111 -13.37 38.31 0.39
O3 TYS G 111 -15.15 39.79 -0.34
C TYS G 111 -13.34 36.91 -8.51
O TYS G 111 -12.83 35.86 -8.77
N ASP G 112 -13.13 38.04 -9.18
CA ASP G 112 -12.59 38.18 -10.52
C ASP G 112 -11.13 37.73 -10.55
N PHE G 113 -10.40 38.13 -11.59
CA PHE G 113 -8.99 37.80 -11.69
C PHE G 113 -8.22 38.43 -10.54
N TYR G 114 -7.33 37.64 -9.94
CA TYR G 114 -6.55 38.07 -8.78
C TYR G 114 -7.46 38.55 -7.65
N ASP G 115 -8.55 37.83 -7.42
CA ASP G 115 -9.45 38.11 -6.30
C ASP G 115 -10.08 39.49 -6.40
N GLY G 116 -10.32 39.95 -7.63
CA GLY G 116 -10.95 41.24 -7.82
C GLY G 116 -12.45 41.19 -7.58
N TYR G 117 -13.02 42.39 -7.43
CA TYR G 117 -14.45 42.52 -7.14
C TYR G 117 -15.25 42.66 -8.43
N TYR G 118 -16.46 42.10 -8.41
CA TYR G 118 -17.43 42.35 -9.46
C TYR G 118 -18.22 43.62 -9.14
N ASN G 119 -18.78 44.22 -10.19
CA ASN G 119 -19.43 45.51 -10.07
C ASN G 119 -20.90 45.35 -9.71
N TYR G 120 -21.34 46.09 -8.71
CA TYR G 120 -22.76 46.19 -8.35
C TYR G 120 -23.46 47.34 -9.05
N HIS G 121 -22.72 48.17 -9.78
CA HIS G 121 -23.30 49.20 -10.64
C HIS G 121 -23.96 50.32 -9.82
N TYR G 122 -23.28 50.77 -8.77
CA TYR G 122 -23.70 51.97 -8.07
C TYR G 122 -22.51 52.54 -7.32
N MET G 123 -22.61 53.82 -6.97
CA MET G 123 -21.54 54.55 -6.29
C MET G 123 -21.94 54.79 -4.84
N ASP G 124 -21.01 54.51 -3.92
CA ASP G 124 -21.27 54.57 -2.49
C ASP G 124 -20.52 55.70 -1.79
N VAL G 125 -19.20 55.79 -1.99
CA VAL G 125 -18.38 56.79 -1.32
C VAL G 125 -17.86 57.77 -2.36
N TRP G 126 -17.98 59.06 -2.05
CA TRP G 126 -17.56 60.13 -2.94
C TRP G 126 -16.55 61.02 -2.24
N GLY G 127 -15.58 61.51 -2.99
CA GLY G 127 -14.65 62.50 -2.46
C GLY G 127 -15.25 63.90 -2.49
N LYS G 128 -14.62 64.80 -1.73
CA LYS G 128 -15.10 66.17 -1.67
C LYS G 128 -14.98 66.88 -3.02
N GLY G 129 -14.09 66.40 -3.90
CA GLY G 129 -13.98 66.93 -5.24
C GLY G 129 -12.98 68.07 -5.36
N THR G 130 -12.61 68.34 -6.61
CA THR G 130 -11.71 69.44 -6.93
C THR G 130 -12.27 70.20 -8.13
N THR G 131 -11.93 71.48 -8.20
CA THR G 131 -12.47 72.39 -9.22
C THR G 131 -11.35 72.92 -10.09
N VAL G 132 -11.61 72.97 -11.40
CA VAL G 132 -10.70 73.56 -12.36
C VAL G 132 -11.51 74.46 -13.28
N THR G 133 -10.96 75.63 -13.61
CA THR G 133 -11.62 76.62 -14.45
C THR G 133 -10.68 77.04 -15.58
N VAL G 134 -11.28 77.41 -16.71
CA VAL G 134 -10.54 77.85 -17.88
C VAL G 134 -10.93 79.30 -18.17
N SER G 135 -9.93 80.15 -18.34
CA SER G 135 -10.16 81.57 -18.62
C SER G 135 -9.05 82.07 -19.54
N SER G 136 -9.36 83.12 -20.28
CA SER G 136 -8.40 83.73 -21.20
C SER G 136 -7.48 84.70 -20.47
N SER H 2 -25.77 61.94 -24.26
CA SER H 2 -27.23 62.03 -24.21
C SER H 2 -27.75 61.55 -22.86
N ALA H 3 -27.91 62.49 -21.92
CA ALA H 3 -28.39 62.14 -20.60
C ALA H 3 -29.86 61.75 -20.63
N LEU H 4 -30.27 60.98 -19.63
CA LEU H 4 -31.65 60.54 -19.54
C LEU H 4 -32.57 61.73 -19.25
N THR H 5 -33.78 61.67 -19.80
CA THR H 5 -34.74 62.76 -19.63
C THR H 5 -35.43 62.66 -18.28
N GLN H 6 -35.51 63.78 -17.59
CA GLN H 6 -36.18 63.87 -16.30
C GLN H 6 -37.00 65.15 -16.27
N PRO H 7 -38.06 65.18 -15.46
CA PRO H 7 -38.82 66.43 -15.31
C PRO H 7 -37.95 67.53 -14.71
N ALA H 8 -38.17 68.76 -15.17
CA ALA H 8 -37.36 69.88 -14.69
C ALA H 8 -37.56 70.10 -13.20
N SER H 9 -38.79 70.06 -12.72
CA SER H 9 -39.09 70.31 -11.32
C SER H 9 -40.33 69.52 -10.90
N VAL H 10 -40.36 69.15 -9.62
CA VAL H 10 -41.50 68.45 -9.02
C VAL H 10 -41.74 69.07 -7.65
N SER H 11 -43.02 69.27 -7.32
CA SER H 11 -43.41 69.92 -6.07
C SER H 11 -44.49 69.10 -5.38
N GLY H 12 -44.55 69.26 -4.06
CA GLY H 12 -45.55 68.56 -3.25
C GLY H 12 -45.50 68.97 -1.80
N SER H 13 -46.67 69.22 -1.21
CA SER H 13 -46.73 69.66 0.18
C SER H 13 -46.45 68.49 1.12
N PRO H 14 -46.09 68.77 2.37
CA PRO H 14 -45.84 67.68 3.33
C PRO H 14 -47.05 66.79 3.49
N GLY H 15 -46.80 65.49 3.65
CA GLY H 15 -47.85 64.51 3.82
C GLY H 15 -48.35 63.90 2.53
N GLN H 16 -47.93 64.41 1.37
CA GLN H 16 -48.35 63.89 0.10
C GLN H 16 -47.32 62.87 -0.42
N SER H 17 -47.72 62.12 -1.44
CA SER H 17 -46.87 61.16 -2.12
C SER H 17 -46.65 61.61 -3.55
N ILE H 18 -45.39 61.58 -3.99
CA ILE H 18 -45.00 62.07 -5.31
C ILE H 18 -44.13 61.00 -5.98
N THR H 19 -43.97 61.16 -7.29
CA THR H 19 -43.15 60.25 -8.08
C THR H 19 -42.31 61.07 -9.06
N ILE H 20 -41.05 60.68 -9.22
CA ILE H 20 -40.12 61.32 -10.14
C ILE H 20 -39.84 60.33 -11.28
N SER H 21 -39.99 60.80 -12.51
CA SER H 21 -39.89 59.94 -13.68
C SER H 21 -38.53 60.12 -14.36
N CYS H 22 -37.97 59.00 -14.81
CA CYS H 22 -36.73 59.00 -15.58
C CYS H 22 -36.90 58.04 -16.76
N GLN H 23 -36.56 58.52 -17.96
CA GLN H 23 -36.78 57.77 -19.18
C GLN H 23 -35.47 57.72 -19.97
N GLY H 24 -35.23 56.57 -20.60
CA GLY H 24 -34.04 56.37 -21.41
C GLY H 24 -34.34 55.69 -22.73
N THR H 25 -33.62 54.61 -23.02
CA THR H 25 -33.81 53.85 -24.25
C THR H 25 -33.70 52.37 -23.93
N SER H 26 -34.01 51.54 -24.93
CA SER H 26 -33.88 50.10 -24.77
C SER H 26 -32.44 49.68 -24.60
N ASN H 27 -31.49 50.48 -25.07
CA ASN H 27 -30.08 50.11 -24.97
C ASN H 27 -29.58 50.17 -23.52
N ASP H 28 -30.07 51.11 -22.73
CA ASP H 28 -29.58 51.34 -21.38
C ASP H 28 -30.61 51.00 -20.31
N VAL H 29 -31.80 51.59 -20.37
CA VAL H 29 -32.77 51.39 -19.31
C VAL H 29 -33.49 50.06 -19.48
N GLY H 30 -33.89 49.72 -20.71
CA GLY H 30 -34.60 48.49 -20.97
C GLY H 30 -33.74 47.26 -21.10
N GLY H 31 -32.42 47.40 -21.00
CA GLY H 31 -31.52 46.28 -21.17
C GLY H 31 -31.17 45.57 -19.88
N TYR H 32 -31.09 46.33 -18.78
CA TYR H 32 -30.68 45.77 -17.50
C TYR H 32 -31.50 46.41 -16.39
N GLU H 33 -31.56 45.71 -15.26
CA GLU H 33 -32.18 46.23 -14.05
C GLU H 33 -31.24 47.11 -13.23
N SER H 34 -29.99 47.26 -13.67
CA SER H 34 -28.99 48.04 -12.93
C SER H 34 -29.22 49.53 -13.17
N VAL H 35 -30.22 50.06 -12.48
CA VAL H 35 -30.55 51.48 -12.52
C VAL H 35 -30.48 52.02 -11.11
N SER H 36 -29.88 53.20 -10.96
CA SER H 36 -29.63 53.78 -9.65
C SER H 36 -30.20 55.19 -9.57
N TRP H 37 -30.56 55.59 -8.36
CA TRP H 37 -31.04 56.93 -8.07
C TRP H 37 -30.18 57.54 -6.97
N TYR H 38 -29.90 58.83 -7.08
CA TYR H 38 -29.02 59.52 -6.16
C TYR H 38 -29.66 60.80 -5.66
N GLN H 39 -29.39 61.15 -4.42
CA GLN H 39 -29.88 62.37 -3.79
C GLN H 39 -28.69 63.28 -3.50
N GLN H 40 -28.83 64.57 -3.80
CA GLN H 40 -27.75 65.52 -3.65
C GLN H 40 -28.26 66.78 -2.97
N HIS H 41 -27.37 67.43 -2.22
CA HIS H 41 -27.61 68.73 -1.61
C HIS H 41 -26.44 69.65 -1.95
N PRO H 42 -26.66 70.96 -1.94
CA PRO H 42 -25.57 71.88 -2.31
C PRO H 42 -24.40 71.73 -1.36
N GLY H 43 -23.19 71.81 -1.92
CA GLY H 43 -21.97 71.73 -1.14
C GLY H 43 -21.53 70.33 -0.78
N LYS H 44 -22.20 69.30 -1.26
CA LYS H 44 -21.84 67.93 -0.96
C LYS H 44 -22.14 67.04 -2.15
N ALA H 45 -21.41 65.93 -2.24
CA ALA H 45 -21.59 65.01 -3.36
C ALA H 45 -22.88 64.21 -3.20
N PRO H 46 -23.40 63.66 -4.30
CA PRO H 46 -24.64 62.88 -4.21
C PRO H 46 -24.44 61.58 -3.44
N LYS H 47 -25.55 61.08 -2.88
CA LYS H 47 -25.58 59.79 -2.21
C LYS H 47 -26.64 58.91 -2.88
N VAL H 48 -26.32 57.63 -3.00
CA VAL H 48 -27.19 56.66 -3.66
C VAL H 48 -28.32 56.28 -2.70
N VAL H 49 -29.55 56.27 -3.20
CA VAL H 49 -30.71 55.92 -2.40
C VAL H 49 -31.36 54.61 -2.87
N ILE H 50 -31.36 54.35 -4.18
CA ILE H 50 -31.95 53.12 -4.72
C ILE H 50 -30.94 52.48 -5.66
N TYR H 51 -30.12 51.56 -5.13
CA TYR H 51 -28.99 51.05 -5.91
C TYR H 51 -29.43 50.04 -6.96
N ASP H 52 -30.41 49.21 -6.66
CA ASP H 52 -31.04 48.34 -7.65
C ASP H 52 -32.40 48.89 -8.03
N VAL H 53 -33.09 48.17 -8.92
CA VAL H 53 -34.35 48.68 -9.45
C VAL H 53 -35.37 48.90 -8.34
N SER H 54 -35.47 47.95 -7.41
CA SER H 54 -36.48 47.98 -6.35
C SER H 54 -35.85 47.60 -5.01
N LYS H 55 -34.69 48.17 -4.71
CA LYS H 55 -34.01 47.92 -3.44
C LYS H 55 -33.26 49.17 -3.01
N ARG H 56 -32.97 49.24 -1.72
CA ARG H 56 -32.32 50.39 -1.11
C ARG H 56 -31.17 49.94 -0.23
N PRO H 57 -30.19 50.79 0.01
CA PRO H 57 -29.07 50.42 0.90
C PRO H 57 -29.48 50.60 2.36
N SER H 58 -28.51 50.37 3.24
CA SER H 58 -28.74 50.52 4.67
C SER H 58 -28.58 51.97 5.10
N GLY H 59 -29.41 52.40 6.04
CA GLY H 59 -29.35 53.73 6.59
C GLY H 59 -30.35 54.72 6.01
N VAL H 60 -31.00 54.38 4.90
CA VAL H 60 -31.97 55.28 4.28
C VAL H 60 -33.36 54.93 4.79
N SER H 61 -34.26 55.91 4.76
CA SER H 61 -35.61 55.72 5.27
C SER H 61 -36.38 54.74 4.39
N ASN H 62 -37.38 54.09 5.00
CA ASN H 62 -38.20 53.12 4.30
C ASN H 62 -39.21 53.76 3.36
N ARG H 63 -39.36 55.09 3.40
CA ARG H 63 -40.35 55.75 2.56
C ARG H 63 -40.00 55.70 1.08
N PHE H 64 -38.73 55.55 0.73
CA PHE H 64 -38.33 55.53 -0.66
C PHE H 64 -38.84 54.28 -1.36
N SER H 65 -39.06 54.39 -2.66
CA SER H 65 -39.53 53.28 -3.47
C SER H 65 -39.18 53.55 -4.93
N GLY H 66 -38.86 52.48 -5.67
CA GLY H 66 -38.52 52.61 -7.06
C GLY H 66 -39.20 51.52 -7.88
N SER H 67 -39.34 51.80 -9.17
CA SER H 67 -40.00 50.87 -10.09
C SER H 67 -39.49 51.13 -11.50
N LYS H 68 -39.69 50.13 -12.36
CA LYS H 68 -39.32 50.23 -13.76
C LYS H 68 -40.45 49.67 -14.62
N SER H 69 -40.58 50.22 -15.83
CA SER H 69 -41.63 49.79 -16.76
C SER H 69 -41.09 49.93 -18.17
N GLY H 70 -40.57 48.84 -18.71
CA GLY H 70 -40.09 48.85 -20.09
C GLY H 70 -38.94 49.82 -20.27
N ASN H 71 -39.21 50.91 -20.98
CA ASN H 71 -38.20 51.90 -21.32
C ASN H 71 -38.22 53.09 -20.36
N THR H 72 -38.96 52.98 -19.25
CA THR H 72 -39.09 54.08 -18.31
C THR H 72 -38.91 53.55 -16.89
N ALA H 73 -38.47 54.45 -16.00
CA ALA H 73 -38.29 54.14 -14.60
C ALA H 73 -38.69 55.36 -13.78
N SER H 74 -39.01 55.14 -12.51
CA SER H 74 -39.49 56.21 -11.66
C SER H 74 -39.05 55.96 -10.22
N LEU H 75 -39.04 57.03 -9.44
CA LEU H 75 -38.71 57.00 -8.02
C LEU H 75 -39.86 57.62 -7.24
N THR H 76 -40.30 56.93 -6.20
CA THR H 76 -41.46 57.34 -5.41
C THR H 76 -41.03 57.61 -3.98
N ILE H 77 -41.51 58.73 -3.43
CA ILE H 77 -41.28 59.11 -2.04
C ILE H 77 -42.64 59.34 -1.39
N SER H 78 -42.88 58.68 -0.27
CA SER H 78 -44.14 58.78 0.45
C SER H 78 -43.97 59.62 1.71
N GLY H 79 -45.05 60.29 2.11
CA GLY H 79 -45.02 61.13 3.29
C GLY H 79 -43.96 62.21 3.21
N LEU H 80 -44.14 63.17 2.30
CA LEU H 80 -43.14 64.21 2.09
C LEU H 80 -42.85 64.96 3.38
N GLN H 81 -41.57 65.22 3.62
CA GLN H 81 -41.12 65.94 4.80
C GLN H 81 -40.18 67.07 4.36
N ALA H 82 -39.86 67.94 5.30
CA ALA H 82 -39.07 69.13 4.98
C ALA H 82 -37.68 68.75 4.46
N GLU H 83 -37.03 67.78 5.09
CA GLU H 83 -35.67 67.42 4.71
C GLU H 83 -35.58 66.77 3.34
N ASP H 84 -36.71 66.34 2.76
CA ASP H 84 -36.69 65.70 1.45
C ASP H 84 -36.37 66.67 0.32
N GLU H 85 -36.44 67.96 0.56
CA GLU H 85 -36.16 68.93 -0.49
C GLU H 85 -34.72 68.80 -0.97
N GLY H 86 -34.52 68.85 -2.28
CA GLY H 86 -33.19 68.73 -2.85
C GLY H 86 -33.28 68.36 -4.31
N ASP H 87 -32.15 67.86 -4.83
CA ASP H 87 -32.03 67.45 -6.22
C ASP H 87 -31.81 65.95 -6.29
N TYR H 88 -32.35 65.32 -7.33
CA TYR H 88 -32.25 63.88 -7.53
C TYR H 88 -31.84 63.58 -8.97
N TYR H 89 -31.08 62.51 -9.13
CA TYR H 89 -30.57 62.09 -10.43
C TYR H 89 -30.79 60.60 -10.61
N CYS H 90 -30.98 60.19 -11.85
CA CYS H 90 -31.16 58.78 -12.21
C CYS H 90 -29.99 58.32 -13.07
N LYS H 91 -29.48 57.12 -12.76
CA LYS H 91 -28.38 56.52 -13.49
C LYS H 91 -28.80 55.14 -13.98
N SER H 92 -28.24 54.74 -15.12
CA SER H 92 -28.57 53.45 -15.72
C SER H 92 -27.37 52.94 -16.49
N LEU H 93 -27.20 51.62 -16.47
CA LEU H 93 -26.14 50.98 -17.26
C LEU H 93 -26.50 51.01 -18.73
N THR H 94 -25.48 51.00 -19.58
CA THR H 94 -25.64 51.05 -21.02
C THR H 94 -25.18 49.73 -21.63
N SER H 95 -25.59 49.51 -22.88
CA SER H 95 -25.26 48.27 -23.56
C SER H 95 -23.76 48.08 -23.75
N ARG H 96 -23.00 49.19 -23.80
CA ARG H 96 -21.55 49.13 -24.01
C ARG H 96 -20.77 49.43 -22.73
N SER H 97 -21.30 48.98 -21.59
CA SER H 97 -20.63 49.02 -20.29
C SER H 97 -20.41 50.44 -19.77
N HIS H 98 -21.02 51.44 -20.38
CA HIS H 98 -20.90 52.81 -19.92
C HIS H 98 -22.04 53.17 -18.96
N ARG H 99 -21.83 54.25 -18.21
CA ARG H 99 -22.82 54.76 -17.28
C ARG H 99 -23.32 56.12 -17.78
N VAL H 100 -24.63 56.32 -17.71
CA VAL H 100 -25.26 57.56 -18.17
C VAL H 100 -26.14 58.09 -17.05
N PHE H 101 -26.01 59.39 -16.77
CA PHE H 101 -26.86 60.06 -15.80
C PHE H 101 -28.05 60.72 -16.49
N GLY H 102 -29.02 61.15 -15.68
CA GLY H 102 -30.15 61.90 -16.18
C GLY H 102 -29.95 63.39 -16.11
N THR H 103 -30.92 64.13 -16.63
CA THR H 103 -30.86 65.59 -16.60
C THR H 103 -31.03 66.14 -15.18
N GLY H 104 -31.63 65.37 -14.30
CA GLY H 104 -31.85 65.81 -12.93
C GLY H 104 -33.24 66.39 -12.74
N THR H 105 -33.73 66.30 -11.50
CA THR H 105 -35.05 66.81 -11.14
C THR H 105 -34.93 67.62 -9.86
N LYS H 106 -35.61 68.76 -9.81
CA LYS H 106 -35.64 69.60 -8.61
C LYS H 106 -36.90 69.27 -7.82
N LEU H 107 -36.71 68.86 -6.57
CA LEU H 107 -37.82 68.53 -5.68
C LEU H 107 -38.01 69.68 -4.70
N THR H 108 -39.23 70.21 -4.66
CA THR H 108 -39.58 71.32 -3.78
C THR H 108 -40.68 70.85 -2.82
N VAL H 109 -40.50 71.12 -1.54
CA VAL H 109 -41.47 70.78 -0.50
C VAL H 109 -42.21 72.06 -0.14
N LEU H 110 -43.50 72.10 -0.44
CA LEU H 110 -44.30 73.29 -0.19
C LEU H 110 -44.53 73.48 1.31
C1 NAG I . -32.93 21.49 -6.80
C2 NAG I . -34.22 21.32 -6.01
C3 NAG I . -35.23 22.40 -6.40
C4 NAG I . -34.61 23.79 -6.27
C5 NAG I . -33.28 23.85 -7.02
C6 NAG I . -32.54 25.15 -6.81
C7 NAG I . -34.91 19.09 -5.25
C8 NAG I . -35.51 17.77 -5.66
N2 NAG I . -34.79 20.00 -6.23
O3 NAG I . -36.38 22.30 -5.58
O4 NAG I . -35.48 24.76 -6.80
O5 NAG I . -32.41 22.80 -6.57
O6 NAG I . -31.25 25.11 -7.41
O7 NAG I . -34.56 19.31 -4.10
C1 NAG I . -35.72 25.78 -5.82
C2 NAG I . -36.52 26.91 -6.47
C3 NAG I . -36.84 27.99 -5.44
C4 NAG I . -37.53 27.38 -4.23
C5 NAG I . -36.71 26.22 -3.67
C6 NAG I . -37.39 25.49 -2.55
C7 NAG I . -36.26 27.53 -8.83
C8 NAG I . -35.37 28.15 -9.87
N2 NAG I . -35.78 27.48 -7.59
O3 NAG I . -37.68 28.97 -6.04
O4 NAG I . -37.70 28.37 -3.22
O5 NAG I . -36.46 25.26 -4.71
O6 NAG I . -36.48 24.71 -1.79
O7 NAG I . -37.38 27.10 -9.12
C1 NAG J . -30.07 7.42 12.26
C2 NAG J . -29.87 7.21 13.76
C3 NAG J . -30.78 6.09 14.26
C4 NAG J . -32.22 6.37 13.87
C5 NAG J . -32.33 6.61 12.36
C6 NAG J . -33.72 7.00 11.92
C7 NAG J . -27.59 7.88 14.35
C8 NAG J . -26.20 7.41 14.65
N2 NAG J . -28.48 6.93 14.07
O3 NAG J . -30.66 5.99 15.67
O4 NAG J . -33.04 5.25 14.21
O5 NAG J . -31.45 7.68 11.98
O6 NAG J . -33.94 8.39 12.11
O7 NAG J . -27.89 9.07 14.38
C1 NAG J . -33.99 5.62 15.25
C2 NAG J . -35.06 4.53 15.30
C3 NAG J . -36.07 4.84 16.41
C4 NAG J . -35.34 5.04 17.73
C5 NAG J . -34.26 6.10 17.59
C6 NAG J . -33.41 6.25 18.83
C7 NAG J . -35.31 3.60 13.04
C8 NAG J . -36.13 3.60 11.79
N2 NAG J . -35.74 4.40 14.02
O3 NAG J . -36.99 3.76 16.52
O4 NAG J . -36.27 5.45 18.74
O5 NAG J . -33.35 5.72 16.53
O6 NAG J . -32.24 7.02 18.57
O7 NAG J . -34.31 2.91 13.16
C1 NAG K . -28.95 -22.60 -5.39
C2 NAG K . -29.03 -21.09 -5.63
C3 NAG K . -29.81 -20.80 -6.91
C4 NAG K . -29.21 -21.56 -8.08
C5 NAG K . -29.13 -23.05 -7.74
C6 NAG K . -28.44 -23.86 -8.81
C7 NAG K . -28.96 -19.59 -3.69
C8 NAG K . -29.76 -18.97 -2.57
N2 NAG K . -29.64 -20.41 -4.50
O3 NAG K . -29.79 -19.40 -7.17
O4 NAG K . -29.99 -21.38 -9.25
O5 NAG K . -28.39 -23.24 -6.53
O6 NAG K . -27.04 -23.58 -8.86
O7 NAG K . -27.78 -19.35 -3.85
C1 NAG K . -29.30 -20.56 -10.22
C2 NAG K . -29.85 -20.89 -11.61
C3 NAG K . -29.17 -20.01 -12.66
C4 NAG K . -29.29 -18.54 -12.29
C5 NAG K . -28.79 -18.32 -10.87
C6 NAG K . -29.01 -16.90 -10.38
C7 NAG K . -30.67 -23.17 -12.00
C8 NAG K . -30.29 -24.58 -12.33
N2 NAG K . -29.66 -22.30 -11.92
O3 NAG K . -29.79 -20.24 -13.92
O4 NAG K . -28.50 -17.75 -13.17
O5 NAG K . -29.48 -19.18 -9.94
O6 NAG K . -29.30 -16.87 -8.99
O7 NAG K . -31.84 -22.84 -11.80
C1 BMA K . -29.30 -17.08 -14.17
C2 BMA K . -28.40 -16.00 -14.78
C3 BMA K . -29.06 -15.35 -15.99
C4 BMA K . -29.64 -16.41 -16.95
C5 BMA K . -30.55 -17.38 -16.18
C6 BMA K . -31.10 -18.49 -17.06
O2 BMA K . -27.18 -16.56 -15.23
O3 BMA K . -28.14 -14.52 -16.71
O4 BMA K . -30.40 -15.77 -17.97
O5 BMA K . -29.77 -17.99 -15.14
O6 BMA K . -30.04 -19.37 -17.38
C1 MAN K . -28.24 -13.13 -16.30
C2 MAN K . -27.30 -12.28 -17.20
C3 MAN K . -25.84 -12.53 -16.81
C4 MAN K . -25.64 -12.29 -15.32
C5 MAN K . -26.55 -13.23 -14.53
C6 MAN K . -26.46 -13.01 -13.04
O2 MAN K . -27.51 -10.88 -16.99
O3 MAN K . -24.93 -11.73 -17.57
O4 MAN K . -24.29 -12.54 -14.97
O5 MAN K . -27.93 -12.98 -14.91
O6 MAN K . -25.08 -12.89 -12.70
C1 MAN K . -27.40 -10.15 -18.23
C2 MAN K . -27.37 -8.63 -17.88
C3 MAN K . -28.75 -8.15 -17.46
C4 MAN K . -29.81 -8.54 -18.50
C5 MAN K . -29.79 -10.07 -18.68
C6 MAN K . -30.78 -10.55 -19.74
O2 MAN K . -27.01 -7.84 -19.02
O3 MAN K . -28.78 -6.75 -17.23
O4 MAN K . -31.10 -8.14 -18.06
O5 MAN K . -28.48 -10.47 -19.12
O6 MAN K . -30.35 -10.05 -21.00
C1 MAN K . -30.45 -20.27 -18.43
C2 MAN K . -29.59 -21.56 -18.34
C3 MAN K . -28.16 -21.27 -18.79
C4 MAN K . -28.15 -20.58 -20.16
C5 MAN K . -28.99 -19.30 -20.09
C6 MAN K . -29.07 -18.57 -21.42
O2 MAN K . -30.07 -22.57 -19.20
O3 MAN K . -27.37 -22.45 -18.83
O4 MAN K . -26.82 -20.25 -20.53
O5 MAN K . -30.34 -19.63 -19.70
O6 MAN K . -27.74 -18.36 -21.89
C1 NAG L . -25.95 -27.55 29.52
C2 NAG L . -24.84 -28.12 30.42
C3 NAG L . -25.40 -28.37 31.82
C4 NAG L . -26.07 -27.13 32.37
C5 NAG L . -27.10 -26.59 31.37
C6 NAG L . -27.71 -25.27 31.79
C7 NAG L . -23.02 -29.71 30.02
C8 NAG L . -22.62 -31.00 29.37
N2 NAG L . -24.29 -29.34 29.86
O3 NAG L . -24.33 -28.77 32.68
O4 NAG L . -26.73 -27.44 33.60
O5 NAG L . -26.48 -26.37 30.10
O6 NAG L . -26.72 -24.30 32.03
O7 NAG L . -22.22 -29.03 30.66
C1 NAG L . -26.51 -26.42 34.59
C2 NAG L . -27.60 -26.52 35.64
C3 NAG L . -27.38 -25.48 36.72
C4 NAG L . -25.98 -25.61 37.31
C5 NAG L . -24.94 -25.56 36.19
C6 NAG L . -23.53 -25.80 36.68
C7 NAG L . -29.73 -27.35 34.68
C8 NAG L . -29.23 -28.75 34.93
N2 NAG L . -28.91 -26.35 35.04
O3 NAG L . -28.35 -25.64 37.76
O4 NAG L . -25.73 -24.54 38.22
O5 NAG L . -25.22 -26.57 35.21
O6 NAG L . -23.07 -24.73 37.48
O7 NAG L . -30.83 -27.15 34.17
C1 NAG M . -41.02 -24.69 -8.67
C2 NAG M . -42.41 -25.30 -8.82
C3 NAG M . -42.32 -26.73 -9.35
C4 NAG M . -41.50 -26.76 -10.63
C5 NAG M . -40.16 -26.04 -10.43
C6 NAG M . -39.37 -25.89 -11.72
C7 NAG M . -42.94 -25.64 -6.37
C8 NAG M . -41.59 -26.25 -6.16
N2 NAG M . -43.24 -25.22 -7.62
O3 NAG M . -43.64 -27.22 -9.61
O4 NAG M . -41.25 -28.10 -11.02
O5 NAG M . -40.37 -24.71 -9.93
O6 NAG M . -38.34 -24.94 -11.59
O7 NAG M . -43.74 -25.50 -5.44
C1 NAG M . -41.92 -28.41 -12.25
C2 NAG M . -41.53 -29.83 -12.65
C3 NAG M . -42.26 -30.22 -13.94
C4 NAG M . -43.76 -30.02 -13.78
C5 NAG M . -44.05 -28.59 -13.34
C6 NAG M . -45.51 -28.35 -13.03
C7 NAG M . -39.38 -29.28 -13.70
C8 NAG M . -37.91 -29.55 -13.72
N2 NAG M . -40.09 -29.97 -12.81
O3 NAG M . -41.99 -31.60 -14.24
O4 NAG M . -44.42 -30.26 -15.02
O5 NAG M . -43.34 -28.31 -12.12
O6 NAG M . -46.34 -28.76 -14.13
O7 NAG M . -39.90 -28.46 -14.46
C1 NAG N . -45.45 -13.91 14.69
C2 NAG N . -45.37 -12.53 14.07
C3 NAG N . -46.04 -11.50 14.96
C4 NAG N . -47.46 -11.94 15.32
C5 NAG N . -47.46 -13.38 15.85
C6 NAG N . -48.85 -13.92 16.06
C7 NAG N . -43.46 -12.04 12.59
C8 NAG N . -42.02 -11.65 12.52
N2 NAG N . -43.98 -12.15 13.82
O3 NAG N . -46.08 -10.24 14.30
O4 NAG N . -47.97 -11.09 16.34
O5 NAG N . -46.82 -14.25 14.92
O6 NAG N . -48.86 -15.00 16.98
O7 NAG N . -44.13 -12.25 11.57
C1 NAG N . -49.14 -10.38 15.86
C2 NAG N . -49.59 -9.44 16.98
C3 NAG N . -50.80 -8.64 16.53
C4 NAG N . -50.51 -7.91 15.22
C5 NAG N . -50.01 -8.92 14.18
C6 NAG N . -49.58 -8.25 12.89
C7 NAG N . -49.00 -10.38 19.18
C8 NAG N . -49.49 -11.17 20.36
N2 NAG N . -49.89 -10.19 18.20
O3 NAG N . -51.14 -7.69 17.54
O4 NAG N . -51.68 -7.27 14.74
O5 NAG N . -48.87 -9.62 14.68
O6 NAG N . -48.27 -7.70 13.00
O7 NAG N . -47.86 -9.93 19.12
C1 NAG O . -45.98 -12.17 8.70
C2 NAG O . -46.27 -10.76 9.23
C3 NAG O . -47.34 -10.81 10.31
C4 NAG O . -48.58 -11.53 9.80
C5 NAG O . -48.18 -12.91 9.28
C6 NAG O . -49.34 -13.66 8.67
C7 NAG O . -44.58 -8.98 9.30
C8 NAG O . -43.32 -8.48 9.94
N2 NAG O . -45.05 -10.15 9.73
O3 NAG O . -47.68 -9.48 10.69
O4 NAG O . -49.53 -11.66 10.85
O5 NAG O . -47.19 -12.78 8.25
O6 NAG O . -48.90 -14.82 7.98
O7 NAG O . -45.15 -8.34 8.41
C1 NAG O . -50.84 -11.29 10.38
C2 NAG O . -51.88 -11.77 11.39
C3 NAG O . -53.28 -11.36 10.96
C4 NAG O . -53.34 -9.86 10.70
C5 NAG O . -52.24 -9.45 9.71
C6 NAG O . -52.15 -7.96 9.50
C7 NAG O . -50.97 -13.79 12.46
C8 NAG O . -51.02 -15.29 12.52
N2 NAG O . -51.81 -13.21 11.58
O3 NAG O . -54.21 -11.71 11.97
O4 NAG O . -54.61 -9.51 10.15
O5 NAG O . -50.96 -9.87 10.20
O6 NAG O . -51.39 -7.64 8.35
O7 NAG O . -50.21 -13.14 13.17
C1 NAG P . 1.13 29.97 5.39
C2 NAG P . 2.51 30.19 4.76
C3 NAG P . 3.52 30.59 5.83
C4 NAG P . 3.01 31.79 6.62
C5 NAG P . 1.63 31.48 7.18
C6 NAG P . 1.02 32.67 7.90
C7 NAG P . 2.73 28.83 2.73
C8 NAG P . 3.26 27.54 2.16
N2 NAG P . 2.95 29.01 4.04
O3 NAG P . 4.76 30.90 5.21
O4 NAG P . 3.91 32.08 7.69
O5 NAG P . 0.73 31.14 6.12
O6 NAG P . 0.89 33.79 7.04
O7 NAG P . 2.12 29.64 2.05
C1 NAG P . 4.24 33.48 7.69
C2 NAG P . 4.88 33.83 9.02
C3 NAG P . 5.31 35.30 9.04
C4 NAG P . 6.18 35.61 7.83
C5 NAG P . 5.49 35.18 6.54
C6 NAG P . 6.35 35.35 5.31
C7 NAG P . 4.04 32.43 10.84
C8 NAG P . 3.03 32.30 11.95
N2 NAG P . 3.99 33.55 10.13
O3 NAG P . 6.01 35.58 10.24
O4 NAG P . 6.45 37.01 7.77
O5 NAG P . 5.14 33.79 6.61
O6 NAG P . 5.58 35.29 4.13
O7 NAG P . 4.86 31.54 10.62
C1 NAG Q . 5.43 9.24 32.04
C2 NAG Q . 4.28 9.31 31.02
C3 NAG Q . 3.00 9.81 31.68
C4 NAG Q . 2.66 8.93 32.88
C5 NAG Q . 3.84 8.90 33.83
C6 NAG Q . 3.62 7.98 35.01
C7 NAG Q . 4.81 11.37 29.66
C8 NAG Q . 4.63 12.23 30.87
N2 NAG Q . 4.62 10.04 29.80
O3 NAG Q . 1.93 9.78 30.73
O4 NAG Q . 1.52 9.44 33.55
O5 NAG Q . 5.03 8.44 33.17
O6 NAG Q . 3.55 6.62 34.59
O7 NAG Q . 5.10 11.85 28.57
C1 NAG Q . 0.36 8.60 33.32
C2 NAG Q . -0.68 8.92 34.40
C3 NAG Q . -1.94 8.09 34.17
C4 NAG Q . -2.46 8.30 32.75
C5 NAG Q . -1.35 8.01 31.74
C6 NAG Q . -1.76 8.32 30.32
C7 NAG Q . -0.07 9.62 36.67
C8 NAG Q . 0.52 9.19 37.99
N2 NAG Q . -0.14 8.68 35.73
O3 NAG Q . -2.94 8.46 35.12
O4 NAG Q . -3.55 7.41 32.50
O5 NAG Q . -0.20 8.84 32.03
O6 NAG Q . -2.11 9.68 30.16
O7 NAG Q . -0.44 10.77 36.47
C1 BMA Q . -4.78 8.15 32.32
C2 BMA Q . -5.80 7.17 31.73
C3 BMA Q . -7.18 7.83 31.63
C4 BMA Q . -7.57 8.53 32.94
C5 BMA Q . -6.44 9.44 33.45
C6 BMA Q . -6.73 10.00 34.83
O2 BMA Q . -5.96 6.03 32.56
O3 BMA Q . -8.18 6.88 31.28
O4 BMA Q . -8.74 9.31 32.75
O5 BMA Q . -5.24 8.66 33.55
O6 BMA Q . -6.92 8.89 35.70
C1 MAN Q . -9.07 7.41 30.27
C2 MAN Q . -10.32 6.50 30.26
C3 MAN Q . -9.96 5.13 29.68
C4 MAN Q . -9.26 5.28 28.33
C5 MAN Q . -8.03 6.19 28.48
C6 MAN Q . -7.31 6.45 27.17
O2 MAN Q . -11.35 7.02 29.39
O3 MAN Q . -11.09 4.28 29.55
O4 MAN Q . -8.84 4.01 27.85
O5 MAN Q . -8.45 7.46 29.01
O6 MAN Q . -7.05 5.19 26.56
C1 MAN Q . -12.66 6.76 29.95
C2 MAN Q . -13.67 6.63 28.76
C3 MAN Q . -13.94 8.00 28.14
C4 MAN Q . -14.33 9.02 29.22
C5 MAN Q . -13.22 9.10 30.26
C6 MAN Q . -13.52 10.07 31.39
O2 MAN Q . -14.93 6.14 29.21
O3 MAN Q . -14.96 7.93 27.15
O4 MAN Q . -14.53 10.29 28.64
O5 MAN Q . -13.03 7.80 30.86
O6 MAN Q . -14.52 9.49 32.21
C1 MAN Q . -7.22 9.35 37.04
C2 MAN Q . -6.69 8.28 38.03
C3 MAN Q . -7.53 7.01 37.92
C4 MAN Q . -9.02 7.35 38.09
C5 MAN Q . -9.44 8.40 37.05
C6 MAN Q . -10.88 8.83 37.20
O2 MAN Q . -6.80 8.71 39.38
O3 MAN Q . -7.13 6.03 38.87
O4 MAN Q . -9.80 6.17 37.90
O5 MAN Q . -8.61 9.57 37.20
O6 MAN Q . -11.70 7.67 37.22
C1 NAG R . 4.22 16.74 42.53
C2 NAG R . 4.34 17.44 43.88
C3 NAG R . 4.77 16.45 44.96
C4 NAG R . 3.82 15.26 44.97
C5 NAG R . 3.69 14.67 43.57
C6 NAG R . 2.65 13.57 43.50
C7 NAG R . 6.46 18.75 43.44
C8 NAG R . 7.12 17.52 42.88
N2 NAG R . 5.19 18.64 43.87
O3 NAG R . 4.74 17.11 46.22
O4 NAG R . 4.31 14.26 45.87
O5 NAG R . 3.28 15.68 42.64
O6 NAG R . 1.39 14.07 43.08
O7 NAG R . 7.06 19.82 43.49
C1 NAG R . 3.41 14.10 46.97
C2 NAG R . 3.82 12.84 47.74
C3 NAG R . 2.93 12.65 48.97
C4 NAG R . 2.93 13.91 49.81
C5 NAG R . 2.54 15.12 48.97
C6 NAG R . 2.63 16.43 49.72
C7 NAG R . 2.68 11.21 46.31
C8 NAG R . 2.84 9.98 45.47
N2 NAG R . 3.79 11.67 46.90
O3 NAG R . 3.41 11.55 49.73
O4 NAG R . 1.99 13.78 50.88
O5 NAG R . 3.43 15.23 47.84
O6 NAG R . 1.82 16.41 50.88
O7 NAG R . 1.59 11.77 46.44
C1 NAG S . 15.57 33.76 27.22
C2 NAG S . 14.33 33.93 26.36
C3 NAG S . 14.26 35.35 25.81
C4 NAG S . 14.37 36.36 26.95
C5 NAG S . 15.62 36.08 27.79
C6 NAG S . 15.71 36.97 29.01
C7 NAG S . 13.31 32.06 25.14
C8 NAG S . 13.43 31.14 23.96
N2 NAG S . 14.29 32.97 25.28
O3 NAG S . 13.03 35.54 25.11
O4 NAG S . 14.47 37.68 26.41
O5 NAG S . 15.59 34.73 28.26
O6 NAG S . 16.81 36.60 29.83
O7 NAG S . 12.36 32.00 25.91
C1 NAG S . 13.20 38.37 26.48
C2 NAG S . 13.44 39.84 26.14
C3 NAG S . 12.12 40.60 26.16
C4 NAG S . 11.12 39.93 25.23
C5 NAG S . 10.97 38.45 25.60
C6 NAG S . 10.08 37.70 24.64
C7 NAG S . 15.71 40.48 26.84
C8 NAG S . 16.53 41.13 27.90
N2 NAG S . 14.39 40.44 27.07
O3 NAG S . 12.35 41.94 25.73
O4 NAG S . 9.85 40.56 25.35
O5 NAG S . 12.25 37.81 25.56
O6 NAG S . 9.98 36.33 25.00
O7 NAG S . 16.20 40.01 25.82
C1 NAG T . 10.10 32.60 29.11
C2 NAG T . 9.69 33.70 28.15
C3 NAG T . 10.54 34.94 28.36
C4 NAG T . 10.47 35.38 29.83
C5 NAG T . 10.87 34.22 30.73
C6 NAG T . 10.72 34.53 32.20
C7 NAG T . 8.87 33.56 25.84
C8 NAG T . 9.12 33.01 24.47
N2 NAG T . 9.78 33.25 26.77
O3 NAG T . 10.07 35.99 27.53
O4 NAG T . 11.36 36.47 30.06
O5 NAG T . 10.03 33.08 30.47
O6 NAG T . 10.53 33.35 32.96
O7 NAG T . 7.89 34.26 26.09
C1 NAG T . 10.64 37.63 30.52
C2 NAG T . 11.63 38.55 31.23
C3 NAG T . 10.92 39.83 31.68
C4 NAG T . 10.21 40.49 30.52
C5 NAG T . 9.28 39.49 29.84
C6 NAG T . 8.62 40.05 28.59
C7 NAG T . 13.52 38.06 32.70
C8 NAG T . 14.00 37.28 33.89
N2 NAG T . 12.25 37.88 32.35
O3 NAG T . 11.89 40.72 32.24
O4 NAG T . 9.44 41.60 30.99
O5 NAG T . 10.02 38.33 29.43
O6 NAG T . 8.03 39.02 27.82
O7 NAG T . 14.27 38.81 32.08
C1 NAG U . 10.38 7.30 38.15
C2 NAG U . 9.88 7.71 39.52
C3 NAG U . 10.27 6.63 40.54
C4 NAG U . 9.87 5.23 40.07
C5 NAG U . 10.19 5.00 38.58
C6 NAG U . 9.51 3.77 38.03
C7 NAG U . 9.77 9.83 40.76
C8 NAG U . 10.46 11.12 41.07
N2 NAG U . 10.41 8.99 39.93
O3 NAG U . 9.66 6.91 41.79
O4 NAG U . 10.64 4.28 40.79
O5 NAG U . 9.77 6.10 37.78
O6 NAG U . 9.06 3.99 36.70
O7 NAG U . 8.67 9.55 41.23
C1 NAG U . 9.88 3.29 41.51
C2 NAG U . 10.66 1.97 41.44
C3 NAG U . 9.94 0.90 42.26
C4 NAG U . 9.70 1.39 43.68
C5 NAG U . 8.97 2.72 43.66
C6 NAG U . 8.81 3.32 45.02
C7 NAG U . 12.02 1.18 39.55
C8 NAG U . 12.01 0.75 38.11
N2 NAG U . 10.83 1.54 40.06
O3 NAG U . 10.73 -0.28 42.28
O4 NAG U . 8.93 0.43 44.39
O5 NAG U . 9.70 3.67 42.87
O6 NAG U . 9.99 3.99 45.43
O7 NAG U . 13.04 1.21 40.22
C1 NAG V . -22.09 31.79 7.70
C2 NAG V . -21.23 33.06 7.57
C3 NAG V . -22.06 34.29 7.90
C4 NAG V . -23.32 34.32 7.03
C5 NAG V . -24.09 33.01 7.18
C6 NAG V . -25.28 32.92 6.24
C7 NAG V . -18.82 32.86 7.95
C8 NAG V . -17.73 32.79 8.99
N2 NAG V . -20.07 32.98 8.43
O3 NAG V . -21.29 35.45 7.67
O4 NAG V . -24.16 35.40 7.44
O5 NAG V . -23.23 31.90 6.85
O6 NAG V . -24.89 32.48 4.95
O7 NAG V . -18.57 32.80 6.75
C1 NAG V . -24.33 36.36 6.39
C2 NAG V . -25.52 37.26 6.75
C3 NAG V . -25.72 38.35 5.69
C4 NAG V . -24.43 39.13 5.51
C5 NAG V . -23.27 38.17 5.20
C6 NAG V . -21.94 38.87 5.12
C7 NAG V . -27.53 35.86 6.17
C8 NAG V . -27.15 35.85 4.72
N2 NAG V . -26.75 36.53 7.03
O3 NAG V . -26.77 39.22 6.09
O4 NAG V . -24.56 40.07 4.45
O5 NAG V . -23.16 37.17 6.22
O6 NAG V . -21.59 39.48 6.36
O7 NAG V . -28.55 35.27 6.56
C1 BMA V . -24.55 41.41 4.96
C2 BMA V . -24.56 42.38 3.76
C3 BMA V . -24.67 43.82 4.26
C4 BMA V . -25.84 43.97 5.25
C5 BMA V . -25.73 42.95 6.38
C6 BMA V . -26.90 43.00 7.34
O2 BMA V . -25.68 42.15 2.93
O3 BMA V . -24.84 44.75 3.18
O4 BMA V . -25.84 45.29 5.80
O5 BMA V . -25.68 41.64 5.80
O6 BMA V . -28.07 42.61 6.62
C1 MAN V . -23.66 45.56 2.94
C2 MAN V . -24.12 46.81 2.15
C3 MAN V . -24.50 46.43 0.72
C4 MAN V . -23.38 45.62 0.05
C5 MAN V . -23.05 44.39 0.92
C6 MAN V . -21.91 43.57 0.35
O2 MAN V . -23.06 47.76 2.02
O3 MAN V . -24.82 47.56 -0.07
O4 MAN V . -23.79 45.19 -1.23
O5 MAN V . -22.67 44.82 2.24
O6 MAN V . -20.77 44.42 0.21
C1 MAN V . -29.27 43.08 7.28
C2 MAN V . -29.64 42.10 8.43
C3 MAN V . -30.16 40.78 7.84
C4 MAN V . -31.28 41.05 6.83
C5 MAN V . -30.76 41.99 5.73
C6 MAN V . -31.82 42.34 4.70
O2 MAN V . -30.71 42.61 9.23
O3 MAN V . -30.61 39.89 8.85
O4 MAN V . -31.70 39.83 6.23
O5 MAN V . -30.32 43.22 6.34
O6 MAN V . -31.26 43.24 3.75
C1 NAG W . -16.73 11.47 -24.28
C2 NAG W . -17.39 10.22 -24.86
C3 NAG W . -16.84 9.92 -26.26
C4 NAG W . -16.99 11.15 -27.15
C5 NAG W . -16.31 12.34 -26.49
C6 NAG W . -16.49 13.63 -27.27
C7 NAG W . -18.09 8.71 -23.06
C8 NAG W . -17.74 7.50 -22.24
N2 NAG W . -17.20 9.08 -23.98
O3 NAG W . -17.55 8.82 -26.82
O4 NAG W . -16.38 10.90 -28.41
O5 NAG W . -16.89 12.57 -25.19
O6 NAG W . -17.83 14.09 -27.22
O7 NAG W . -19.15 9.32 -22.89
C1 NAG W . -17.34 11.13 -29.47
C2 NAG W . -16.58 11.22 -30.79
C3 NAG W . -17.56 11.39 -31.95
C4 NAG W . -18.62 10.30 -31.93
C5 NAG W . -19.28 10.24 -30.56
C6 NAG W . -20.26 9.08 -30.43
C7 NAG W . -14.34 12.15 -30.38
C8 NAG W . -13.49 13.39 -30.42
N2 NAG W . -15.61 12.30 -30.77
O3 NAG W . -16.85 11.37 -33.18
O4 NAG W . -19.60 10.55 -32.92
O5 NAG W . -18.30 10.07 -29.54
O6 NAG W . -20.88 9.07 -29.15
O7 NAG W . -13.91 11.07 -30.02
C1 NAG X . 17.81 8.83 -26.14
C2 NAG X . 16.67 9.67 -25.56
C3 NAG X . 17.07 11.14 -25.51
C4 NAG X . 18.39 11.31 -24.77
C5 NAG X . 19.44 10.42 -25.39
C6 NAG X . 20.76 10.45 -24.64
C7 NAG X . 14.38 8.83 -25.88
C8 NAG X . 13.21 8.76 -26.82
N2 NAG X . 15.45 9.50 -26.33
O3 NAG X . 16.04 11.89 -24.87
O4 NAG X . 18.81 12.67 -24.84
O5 NAG X . 19.00 9.06 -25.39
O6 NAG X . 20.60 10.03 -23.30
O7 NAG X . 14.36 8.32 -24.77
C1 NAG X . 18.95 13.22 -23.52
C2 NAG X . 19.65 14.57 -23.63
C3 NAG X . 19.78 15.21 -22.25
C4 NAG X . 18.43 15.29 -21.57
C5 NAG X . 17.76 13.91 -21.55
C6 NAG X . 16.35 13.95 -21.02
C7 NAG X . 21.15 14.59 -25.57
C8 NAG X . 22.57 14.41 -26.04
N2 NAG X . 20.96 14.44 -24.26
O3 NAG X . 20.33 16.53 -22.38
O4 NAG X . 18.58 15.71 -20.22
O5 NAG X . 17.68 13.40 -22.89
O6 NAG X . 15.52 13.01 -21.67
O7 NAG X . 20.25 14.87 -26.34
C1 BMA X . 18.43 17.14 -20.06
C2 BMA X . 18.15 17.39 -18.56
C3 BMA X . 18.15 18.88 -18.26
C4 BMA X . 19.37 19.59 -18.87
C5 BMA X . 19.51 19.25 -20.35
C6 BMA X . 20.77 19.83 -20.96
O2 BMA X . 19.17 16.80 -17.77
O3 BMA X . 18.14 19.10 -16.84
O4 BMA X . 19.22 21.00 -18.71
O5 BMA X . 19.58 17.83 -20.49
O6 BMA X . 21.88 19.15 -20.38
C1 MAN X . 16.90 19.69 -16.39
C2 MAN X . 17.07 20.08 -14.91
C3 MAN X . 17.18 18.83 -14.05
C4 MAN X . 15.97 17.92 -14.29
C5 MAN X . 15.89 17.57 -15.79
C6 MAN X . 14.66 16.73 -16.11
O2 MAN X . 15.92 20.77 -14.42
O3 MAN X . 17.30 19.15 -12.66
O4 MAN X . 16.12 16.72 -13.53
O5 MAN X . 15.82 18.78 -16.56
O6 MAN X . 14.46 16.80 -17.53
C1 MAN X . 16.33 21.93 -13.64
C2 MAN X . 15.07 22.45 -12.91
C3 MAN X . 14.10 23.08 -13.91
C4 MAN X . 14.82 24.12 -14.78
C5 MAN X . 16.03 23.47 -15.47
C6 MAN X . 16.83 24.45 -16.30
O2 MAN X . 15.40 23.49 -11.98
O3 MAN X . 12.98 23.67 -13.27
O4 MAN X . 13.93 24.63 -15.75
O5 MAN X . 16.90 22.92 -14.47
O6 MAN X . 17.43 25.39 -15.42
C1 MAN X . 23.12 19.78 -20.81
C2 MAN X . 24.17 18.65 -21.00
C3 MAN X . 24.59 18.08 -19.65
C4 MAN X . 25.01 19.21 -18.69
C5 MAN X . 23.86 20.22 -18.55
C6 MAN X . 24.22 21.39 -17.66
O2 MAN X . 25.37 19.16 -21.59
O3 MAN X . 25.63 17.13 -19.78
O4 MAN X . 25.32 18.66 -17.41
O5 MAN X . 23.54 20.74 -19.85
O6 MAN X . 24.63 20.89 -16.39
C1 NAG Y . 1.80 -18.44 -42.23
C2 NAG Y . 1.42 -19.86 -41.81
C3 NAG Y . 0.84 -20.63 -42.99
C4 NAG Y . -0.31 -19.85 -43.62
C5 NAG Y . 0.14 -18.43 -43.96
C6 NAG Y . -0.98 -17.56 -44.47
C7 NAG Y . 2.81 -20.67 -39.95
C8 NAG Y . 4.05 -21.43 -39.57
N2 NAG Y . 2.58 -20.56 -41.26
O3 NAG Y . 0.39 -21.90 -42.55
O4 NAG Y . -0.74 -20.51 -44.81
O5 NAG Y . 0.66 -17.79 -42.79
O6 NAG Y . -2.05 -17.49 -43.54
O7 NAG Y . 2.07 -20.17 -39.11
C1 NAG Y . -2.18 -20.58 -44.84
C2 NAG Y . -2.60 -20.85 -46.29
C3 NAG Y . -4.12 -20.98 -46.38
C4 NAG Y . -4.62 -22.03 -45.40
C5 NAG Y . -4.11 -21.72 -44.00
C6 NAG Y . -4.47 -22.79 -42.98
C7 NAG Y . -0.96 -19.89 -47.85
C8 NAG Y . -0.63 -18.71 -48.71
N2 NAG Y . -2.12 -19.81 -47.18
O3 NAG Y . -4.48 -21.35 -47.71
O4 NAG Y . -6.04 -22.04 -45.39
O5 NAG Y . -2.68 -21.62 -43.99
O6 NAG Y . -3.88 -24.03 -43.32
O7 NAG Y . -0.23 -20.86 -47.75
C1 NAG Z . 21.18 16.79 -35.26
C2 NAG Z . 21.77 17.53 -36.47
C3 NAG Z . 23.25 17.22 -36.62
C4 NAG Z . 23.98 17.51 -35.32
C5 NAG Z . 23.30 16.77 -34.17
C6 NAG Z . 23.90 17.10 -32.82
C7 NAG Z . 20.71 16.16 -38.31
C8 NAG Z . 21.11 14.88 -37.62
N2 NAG Z . 21.04 17.32 -37.72
O3 NAG Z . 23.80 18.03 -37.67
O4 NAG Z . 25.34 17.11 -35.40
O5 NAG Z . 21.91 17.13 -34.09
O6 NAG Z . 23.15 18.11 -32.15
O7 NAG Z . 20.09 16.13 -39.37
C1 NAG Z . 26.21 18.17 -35.82
C2 NAG Z . 27.60 17.91 -35.23
C3 NAG Z . 28.57 18.99 -35.68
C4 NAG Z . 28.57 19.10 -37.20
C5 NAG Z . 27.15 19.30 -37.71
C6 NAG Z . 27.06 19.30 -39.23
C7 NAG Z . 27.15 18.86 -33.00
C8 NAG Z . 27.17 18.60 -31.53
N2 NAG Z . 27.55 17.85 -33.77
O3 NAG Z . 29.89 18.67 -35.22
O4 NAG Z . 29.38 20.20 -37.61
O5 NAG Z . 26.30 18.25 -37.24
O6 NAG Z . 27.77 20.40 -39.79
O7 NAG Z . 26.80 19.94 -33.48
C1 NAG AA . -1.20 9.67 -45.59
C2 NAG AA . -2.03 10.44 -44.57
C3 NAG AA . -3.33 10.93 -45.21
C4 NAG AA . -3.04 11.73 -46.47
C5 NAG AA . -2.16 10.91 -47.42
C6 NAG AA . -1.73 11.68 -48.63
C7 NAG AA . -1.84 9.91 -42.18
C8 NAG AA . -2.23 8.96 -41.09
N2 NAG AA . -2.30 9.63 -43.40
O3 NAG AA . -4.05 11.72 -44.28
O4 NAG AA . -4.24 12.08 -47.12
O5 NAG AA . -0.96 10.49 -46.74
O6 NAG AA . -0.57 11.11 -49.23
O7 NAG AA . -1.13 10.89 -41.96
C1 NAG AA . -4.68 13.43 -46.82
C2 NAG AA . -5.59 13.89 -47.94
C3 NAG AA . -6.12 15.30 -47.66
C4 NAG AA . -6.78 15.33 -46.29
C5 NAG AA . -5.82 14.80 -45.22
C6 NAG AA . -6.46 14.70 -43.86
C7 NAG AA . -5.21 13.03 -50.21
C8 NAG AA . -4.38 13.14 -51.47
N2 NAG AA . -4.89 13.86 -49.23
O3 NAG AA . -7.05 15.67 -48.66
O4 NAG AA . -7.13 16.67 -45.96
O5 NAG AA . -5.39 13.48 -45.58
O6 NAG AA . -7.57 13.82 -43.87
O7 NAG AA . -6.12 12.21 -50.12
C1 BMA AA . -8.53 16.76 -45.64
C2 BMA AA . -8.82 18.20 -45.15
C3 BMA AA . -10.33 18.41 -44.96
C4 BMA AA . -11.13 17.91 -46.16
C5 BMA AA . -10.75 16.46 -46.48
C6 BMA AA . -11.48 15.92 -47.70
O2 BMA AA . -8.39 19.15 -46.11
O3 BMA AA . -10.65 19.79 -44.74
O4 BMA AA . -12.53 17.96 -45.88
O5 BMA AA . -9.34 16.42 -46.76
O6 BMA AA . -10.80 14.77 -48.18
C1 MAN AA . -10.06 20.29 -43.52
C2 MAN AA . -11.06 21.29 -42.88
C3 MAN AA . -11.13 22.57 -43.70
C4 MAN AA . -9.72 23.13 -43.94
C5 MAN AA . -8.86 22.07 -44.62
C6 MAN AA . -7.43 22.52 -44.86
O2 MAN AA . -10.65 21.67 -41.58
O3 MAN AA . -11.95 23.55 -43.08
O4 MAN AA . -9.79 24.28 -44.77
O5 MAN AA . -8.81 20.89 -43.78
O6 MAN AA . -6.78 22.59 -43.60
C1 MAN AA . -11.47 14.27 -49.35
C2 MAN AA . -10.75 12.98 -49.82
C3 MAN AA . -9.39 13.32 -50.43
C4 MAN AA . -9.53 14.42 -51.50
C5 MAN AA . -10.21 15.65 -50.88
C6 MAN AA . -10.42 16.76 -51.88
O2 MAN AA . -11.48 12.32 -50.84
O3 MAN AA . -8.75 12.18 -50.98
O4 MAN AA . -8.25 14.78 -51.99
O5 MAN AA . -11.50 15.26 -50.38
O6 MAN AA . -11.04 17.85 -51.21
C1 NAG BA . 0.79 14.28 -42.37
C2 NAG BA . -0.67 14.77 -42.27
C3 NAG BA . -1.32 14.81 -43.64
C4 NAG BA . -0.47 15.64 -44.60
C5 NAG BA . 0.92 15.05 -44.66
C6 NAG BA . 1.86 15.85 -45.55
C7 NAG BA . -2.23 14.42 -40.41
C8 NAG BA . -2.94 13.40 -39.56
N2 NAG BA . -1.43 13.93 -41.36
O3 NAG BA . -2.62 15.37 -43.54
O4 NAG BA . -1.05 15.65 -45.90
O5 NAG BA . 1.50 15.07 -43.35
O6 NAG BA . 3.19 15.37 -45.45
O7 NAG BA . -2.38 15.63 -40.24
C1 NAG BA . -1.14 17.02 -46.36
C2 NAG BA . -1.51 17.04 -47.84
C3 NAG BA . -1.65 18.47 -48.33
C4 NAG BA . -2.62 19.24 -47.45
C5 NAG BA . -2.21 19.14 -45.99
C6 NAG BA . -3.21 19.78 -45.04
C7 NAG BA . -0.84 15.40 -49.55
C8 NAG BA . 0.31 14.77 -50.26
N2 NAG BA . -0.51 16.32 -48.62
O3 NAG BA . -2.11 18.47 -49.68
O4 NAG BA . -2.64 20.61 -47.83
O5 NAG BA . -2.11 17.76 -45.60
O6 NAG BA . -2.91 19.47 -43.69
O7 NAG BA . -2.00 15.10 -49.79
C1 NAG CA . 23.38 5.80 -31.07
C2 NAG CA . 24.39 6.82 -31.60
C3 NAG CA . 25.79 6.21 -31.67
C4 NAG CA . 26.18 5.60 -30.33
C5 NAG CA . 25.11 4.61 -29.88
C6 NAG CA . 25.36 4.04 -28.51
C7 NAG CA . 24.33 8.53 -33.36
C8 NAG CA . 23.83 8.88 -34.73
N2 NAG CA . 23.99 7.32 -32.90
O3 NAG CA . 26.72 7.21 -32.04
O4 NAG CA . 27.42 4.91 -30.44
O5 NAG CA . 23.83 5.26 -29.83
O6 NAG CA . 24.40 4.51 -27.58
O7 NAG CA . 25.00 9.31 -32.69
C1 NAG CA . 28.56 5.78 -30.24
C2 NAG CA . 29.40 5.23 -29.09
C3 NAG CA . 30.65 6.08 -28.90
C4 NAG CA . 31.41 6.21 -30.20
C5 NAG CA . 30.49 6.71 -31.31
C6 NAG CA . 31.15 6.75 -32.67
C7 NAG CA . 28.93 4.34 -26.85
C8 NAG CA . 28.03 4.41 -25.66
N2 NAG CA . 28.63 5.17 -27.86
O3 NAG CA . 31.49 5.48 -27.91
O4 NAG CA . 32.50 7.12 -30.05
O5 NAG CA . 29.34 5.84 -31.43
O6 NAG CA . 30.82 5.59 -33.43
O7 NAG CA . 29.89 3.58 -26.90
C1 NAG DA . -4.59 34.63 -22.11
C2 NAG DA . -3.42 35.49 -22.57
C3 NAG DA . -2.88 36.30 -21.39
C4 NAG DA . -4.01 37.08 -20.72
C5 NAG DA . -5.16 36.15 -20.36
C6 NAG DA . -6.37 36.88 -19.83
C7 NAG DA . -2.18 34.59 -24.48
C8 NAG DA . -1.05 33.70 -24.91
N2 NAG DA . -2.37 34.69 -23.16
O3 NAG DA . -1.89 37.21 -21.87
O4 NAG DA . -3.52 37.69 -19.52
O5 NAG DA . -5.60 35.45 -21.53
O6 NAG DA . -6.76 37.93 -20.70
O7 NAG DA . -2.89 35.18 -25.29
C1 NAG DA . -3.83 39.09 -19.49
C2 NAG DA . -3.37 39.65 -18.13
C3 NAG DA . -3.62 41.15 -18.06
C4 NAG DA . -2.94 41.84 -19.25
C5 NAG DA . -3.45 41.23 -20.54
C6 NAG DA . -2.77 41.81 -21.76
C7 NAG DA . -5.37 38.98 -16.86
C8 NAG DA . -5.87 38.22 -15.67
N2 NAG DA . -4.05 38.97 -17.04
O3 NAG DA . -3.10 41.67 -16.84
O4 NAG DA . -3.20 43.24 -19.22
O5 NAG DA . -3.18 39.82 -20.55
O6 NAG DA . -3.46 41.45 -22.96
O7 NAG DA . -6.12 39.58 -17.62
C1 BMA DA . -1.95 43.95 -19.25
C2 BMA DA . -2.23 45.40 -19.71
C3 BMA DA . -0.94 46.20 -19.64
C4 BMA DA . -0.30 46.09 -18.26
C5 BMA DA . -0.05 44.62 -17.93
C6 BMA DA . 0.57 44.40 -16.57
O2 BMA DA . -3.17 46.02 -18.83
O3 BMA DA . -1.15 47.59 -19.98
O4 BMA DA . 0.93 46.80 -18.24
O5 BMA DA . -1.33 43.94 -17.98
O6 BMA DA . -0.31 44.92 -15.58
C1 MAN DA . -0.91 47.84 -21.39
C2 MAN DA . -0.74 49.38 -21.57
C3 MAN DA . -2.07 50.10 -21.49
C4 MAN DA . -3.10 49.45 -22.41
C5 MAN DA . -3.25 47.97 -22.02
C6 MAN DA . -4.26 47.23 -22.87
O2 MAN DA . -0.22 49.69 -22.87
O3 MAN DA . -1.95 51.49 -21.81
O4 MAN DA . -4.36 50.10 -22.29
O5 MAN DA . -1.97 47.32 -22.18
O6 MAN DA . -3.71 47.09 -24.17
C1 MAN DA . 0.42 45.27 -14.37
C2 MAN DA . 0.63 43.96 -13.52
C3 MAN DA . -0.68 43.55 -12.84
C4 MAN DA . -1.30 44.72 -12.10
C5 MAN DA . -1.55 45.88 -13.08
C6 MAN DA . -2.16 47.10 -12.41
O2 MAN DA . 1.56 44.19 -12.45
O3 MAN DA . -0.47 42.45 -11.96
O4 MAN DA . -2.54 44.33 -11.51
O5 MAN DA . -0.28 46.28 -13.64
O6 MAN DA . -1.18 47.65 -11.53
C1 NAG EA . -16.86 32.07 -13.29
C2 NAG EA . -17.55 31.71 -14.60
C3 NAG EA . -18.18 32.96 -15.21
C4 NAG EA . -19.11 33.63 -14.21
C5 NAG EA . -18.37 33.91 -12.91
C6 NAG EA . -19.25 34.47 -11.84
C7 NAG EA . -16.88 30.00 -16.23
C8 NAG EA . -15.79 29.51 -17.14
N2 NAG EA . -16.60 31.11 -15.53
O3 NAG EA . -18.92 32.59 -16.38
O4 NAG EA . -19.60 34.85 -14.74
O5 NAG EA . -17.81 32.69 -12.40
O6 NAG EA . -19.37 33.57 -10.73
O7 NAG EA . -17.96 29.42 -16.13
C1 NAG EA . -20.99 34.75 -15.14
C2 NAG EA . -21.57 36.16 -15.19
C3 NAG EA . -23.03 36.09 -15.66
C4 NAG EA . -23.15 35.32 -16.96
C5 NAG EA . -22.46 33.97 -16.85
C6 NAG EA . -22.42 33.21 -18.16
C7 NAG EA . -20.63 37.83 -13.68
C8 NAG EA . -20.67 38.40 -12.29
N2 NAG EA . -21.47 36.82 -13.91
O3 NAG EA . -23.53 37.42 -15.83
O4 NAG EA . -24.52 35.10 -17.27
O5 NAG EA . -21.10 34.13 -16.42
O6 NAG EA . -21.14 32.62 -18.38
O7 NAG EA . -19.89 38.29 -14.54
C1 BMA EA . -25.10 36.10 -18.14
C2 BMA EA . -26.20 35.40 -18.95
C3 BMA EA . -27.03 36.42 -19.73
C4 BMA EA . -27.47 37.58 -18.83
C5 BMA EA . -26.24 38.20 -18.18
C6 BMA EA . -26.59 39.38 -17.28
O2 BMA EA . -27.10 34.73 -18.07
O3 BMA EA . -28.18 35.81 -20.34
O4 BMA EA . -28.15 38.56 -19.60
O5 BMA EA . -25.60 37.20 -17.39
O6 BMA EA . -25.37 39.94 -16.80
C1 MAN EA . -25.65 41.20 -16.14
C2 MAN EA . -24.28 41.91 -15.92
C3 MAN EA . -23.50 41.24 -14.78
C4 MAN EA . -24.38 41.10 -13.55
C5 MAN EA . -25.64 40.28 -13.89
C6 MAN EA . -26.56 40.10 -12.71
O2 MAN EA . -24.46 43.26 -15.50
O3 MAN EA . -22.31 41.95 -14.44
O4 MAN EA . -23.67 40.45 -12.51
O5 MAN EA . -26.36 40.99 -14.93
O6 MAN EA . -26.20 41.04 -11.71
C1 MAN EA . -27.23 41.14 -10.71
C2 MAN EA . -28.22 42.24 -11.15
C3 MAN EA . -27.49 43.58 -11.15
C4 MAN EA . -26.87 43.85 -9.77
C5 MAN EA . -25.94 42.69 -9.37
C6 MAN EA . -25.40 42.83 -7.97
O2 MAN EA . -29.27 42.40 -10.19
O3 MAN EA . -28.35 44.65 -11.52
O4 MAN EA . -26.13 45.06 -9.81
O5 MAN EA . -26.67 41.44 -9.44
O6 MAN EA . -24.65 41.66 -7.67
C1 MAN EA . -30.27 41.37 -10.35
C2 MAN EA . -31.59 42.06 -10.76
C3 MAN EA . -32.11 42.89 -9.60
C4 MAN EA . -32.23 42.03 -8.32
C5 MAN EA . -30.85 41.39 -8.00
C6 MAN EA . -30.91 40.45 -6.82
O2 MAN EA . -32.61 41.10 -11.05
O3 MAN EA . -33.37 43.49 -9.89
O4 MAN EA . -32.64 42.83 -7.23
O5 MAN EA . -30.41 40.63 -9.15
O6 MAN EA . -32.10 40.72 -6.08
C1 MAN EA . -21.22 41.66 -15.33
C2 MAN EA . -19.92 41.97 -14.55
C3 MAN EA . -19.78 43.47 -14.34
C4 MAN EA . -19.92 44.22 -15.67
C5 MAN EA . -21.25 43.87 -16.34
C6 MAN EA . -21.42 44.51 -17.70
O2 MAN EA . -18.76 41.59 -15.29
O3 MAN EA . -18.55 43.80 -13.71
O4 MAN EA . -19.88 45.62 -15.44
O5 MAN EA . -21.31 42.44 -16.52
O6 MAN EA . -22.71 44.18 -18.19
C1 MAN EA . -27.77 34.91 -21.40
C2 MAN EA . -28.69 35.19 -22.63
C3 MAN EA . -30.10 34.65 -22.36
C4 MAN EA . -30.06 33.19 -21.92
C5 MAN EA . -29.17 33.06 -20.68
C6 MAN EA . -29.02 31.62 -20.22
O2 MAN EA . -28.22 34.48 -23.79
O3 MAN EA . -30.94 34.81 -23.50
O4 MAN EA . -31.36 32.74 -21.63
O5 MAN EA . -27.85 33.56 -20.97
O6 MAN EA . -30.17 30.89 -20.64
C1 MAN EA . -28.00 35.36 -24.98
C2 MAN EA . -26.75 34.77 -25.90
C3 MAN EA . -26.19 35.89 -26.74
C4 MAN EA . -27.31 36.82 -27.20
C5 MAN EA . -27.82 37.69 -26.01
C6 MAN EA . -29.19 38.29 -26.27
O2 MAN EA . -27.18 33.77 -26.81
O3 MAN EA . -25.46 35.40 -27.86
O4 MAN EA . -26.84 37.68 -28.23
O5 MAN EA . -27.92 36.90 -24.80
O6 MAN EA . -30.17 37.38 -25.79
C1 NAG FA . 15.83 -43.58 35.46
C2 NAG FA . 17.16 -43.11 36.06
C3 NAG FA . 17.01 -42.87 37.56
C4 NAG FA . 15.85 -41.91 37.83
C5 NAG FA . 14.58 -42.42 37.16
C6 NAG FA . 13.42 -41.47 37.28
C7 NAG FA . 19.07 -43.97 34.78
C8 NAG FA . 20.10 -45.06 34.66
N2 NAG FA . 18.22 -44.07 35.81
O3 NAG FA . 18.22 -42.32 38.07
O4 NAG FA . 15.63 -41.80 39.23
O5 NAG FA . 14.81 -42.63 35.76
O6 NAG FA . 12.27 -41.94 36.60
O7 NAG FA . 19.01 -43.04 33.98
C1 NAG GA . 2.07 -36.59 32.39
C2 NAG GA . 1.44 -37.65 33.29
C3 NAG GA . 0.03 -37.24 33.69
C4 NAG GA . 0.03 -35.85 34.31
C5 NAG GA . 0.71 -34.86 33.38
C6 NAG GA . 0.87 -33.48 33.98
C7 NAG GA . 2.38 -39.87 32.81
C8 NAG GA . 2.21 -41.15 32.05
N2 NAG GA . 1.43 -38.95 32.63
O3 NAG GA . -0.49 -38.19 34.62
O4 NAG GA . -1.31 -35.43 34.55
O5 NAG GA . 2.04 -35.32 33.07
O6 NAG GA . 1.56 -32.60 33.10
O7 NAG GA . 3.34 -39.67 33.55
C1 NAG HA . 5.20 -58.44 30.10
C2 NAG HA . 5.02 -59.95 29.97
C3 NAG HA . 4.65 -60.54 31.33
C4 NAG HA . 5.66 -60.13 32.39
C5 NAG HA . 5.83 -58.61 32.40
C6 NAG HA . 6.91 -58.14 33.34
C7 NAG HA . 4.31 -60.83 27.79
C8 NAG HA . 3.15 -61.10 26.89
N2 NAG HA . 4.02 -60.28 28.98
O3 NAG HA . 4.59 -61.96 31.23
O4 NAG HA . 5.23 -60.56 33.67
O5 NAG HA . 6.19 -58.15 31.09
O6 NAG HA . 8.20 -58.52 32.88
O7 NAG HA . 5.46 -61.10 27.48
C1 NAG IA . 52.10 -21.66 2.13
C2 NAG IA . 52.31 -22.46 0.85
C3 NAG IA . 53.34 -21.77 -0.05
C4 NAG IA . 52.94 -20.32 -0.30
C5 NAG IA . 52.70 -19.60 1.02
C6 NAG IA . 52.18 -18.20 0.85
C7 NAG IA . 52.09 -24.90 0.69
C8 NAG IA . 52.65 -26.23 1.11
N2 NAG IA . 52.72 -23.83 1.15
O3 NAG IA . 53.43 -22.47 -1.28
O4 NAG IA . 53.98 -19.65 -1.00
O5 NAG IA . 51.71 -20.32 1.80
O6 NAG IA . 51.90 -17.59 2.11
O7 NAG IA . 51.09 -24.82 -0.04
C1 NAG JA . 44.71 -9.39 6.10
C2 NAG JA . 46.13 -9.08 6.55
C3 NAG JA . 46.19 -7.72 7.24
C4 NAG JA . 45.59 -6.64 6.36
C5 NAG JA . 44.19 -7.05 5.90
C6 NAG JA . 43.59 -6.09 4.92
C7 NAG JA . 47.45 -11.10 7.02
C8 NAG JA . 47.88 -12.09 8.06
N2 NAG JA . 46.64 -10.12 7.43
O3 NAG JA . 47.54 -7.40 7.56
O4 NAG JA . 45.51 -5.41 7.07
O5 NAG JA . 44.24 -8.34 5.26
O6 NAG JA . 42.32 -6.55 4.45
O7 NAG JA . 47.83 -11.18 5.85
C1 NAG KA . -6.61 -53.75 11.94
C2 NAG KA . -5.22 -54.18 11.47
C3 NAG KA . -5.30 -55.54 10.77
C4 NAG KA . -5.97 -56.56 11.67
C5 NAG KA . -7.33 -56.03 12.15
C6 NAG KA . -7.99 -56.94 13.15
C7 NAG KA . -5.17 -52.81 9.43
C8 NAG KA . -4.41 -51.77 8.66
N2 NAG KA . -4.63 -53.19 10.59
O3 NAG KA . -3.98 -55.97 10.44
O4 NAG KA . -6.16 -57.78 10.97
O5 NAG KA . -7.16 -54.75 12.79
O6 NAG KA . -7.82 -58.31 12.81
O7 NAG KA . -6.21 -53.29 9.01
C1 NAG LA . -48.62 7.58 0.65
C2 NAG LA . -50.02 8.06 1.02
C3 NAG LA . -50.11 8.30 2.53
C4 NAG LA . -49.66 7.05 3.28
C5 NAG LA . -48.29 6.61 2.81
C6 NAG LA . -47.84 5.31 3.43
C7 NAG LA . -50.92 9.25 -0.93
C8 NAG LA . -51.22 10.59 -1.53
N2 NAG LA . -50.37 9.27 0.29
O3 NAG LA . -51.45 8.62 2.88
O4 NAG LA . -49.62 7.33 4.69
O5 NAG LA . -48.30 6.40 1.39
O6 NAG LA . -48.60 4.21 2.94
O7 NAG LA . -51.15 8.21 -1.52
C1 NAG MA . -41.98 9.18 -10.91
C2 NAG MA . -42.83 8.53 -12.00
C3 NAG MA . -42.49 9.13 -13.37
C4 NAG MA . -42.59 10.64 -13.32
C5 NAG MA . -41.74 11.19 -12.18
C6 NAG MA . -41.89 12.69 -12.00
C7 NAG MA . -43.60 6.23 -11.57
C8 NAG MA . -43.24 4.78 -11.66
N2 NAG MA . -42.66 7.09 -12.02
O3 NAG MA . -43.39 8.60 -14.34
O4 NAG MA . -42.14 11.20 -14.55
O5 NAG MA . -42.14 10.60 -10.94
O6 NAG MA . -42.82 13.00 -10.98
O7 NAG MA . -44.67 6.62 -11.12
C1 NAG NA . -23.32 -36.86 20.99
C2 NAG NA . -24.10 -36.40 22.23
C3 NAG NA . -23.28 -36.68 23.49
C4 NAG NA . -22.88 -38.15 23.54
C5 NAG NA . -22.17 -38.55 22.25
C6 NAG NA . -21.85 -40.02 22.18
C7 NAG NA . -25.56 -34.47 22.62
C8 NAG NA . -25.74 -32.99 22.45
N2 NAG NA . -24.43 -34.99 22.15
O3 NAG NA . -24.06 -36.35 24.64
O4 NAG NA . -22.01 -38.37 24.65
O5 NAG NA . -23.00 -38.25 21.12
O6 NAG NA . -21.84 -40.49 20.84
O7 NAG NA . -26.41 -35.17 23.18
C1 NAG OA . -39.95 -6.39 -19.47
C2 NAG OA . -40.50 -7.35 -20.51
C3 NAG OA . -39.66 -7.28 -21.78
C4 NAG OA . -39.55 -5.85 -22.28
C5 NAG OA . -39.04 -4.94 -21.16
C6 NAG OA . -39.04 -3.48 -21.56
C7 NAG OA . -41.64 -9.26 -19.45
C8 NAG OA . -41.50 -10.67 -18.97
N2 NAG OA . -40.54 -8.71 -20.00
O3 NAG OA . -40.25 -8.10 -22.79
O4 NAG OA . -38.66 -5.78 -23.38
O5 NAG OA . -39.90 -5.06 -20.01
O6 NAG OA . -40.37 -2.97 -21.68
O7 NAG OA . -42.69 -8.63 -19.35
C1 NAG PA . -46.83 -19.70 -6.22
C2 NAG PA . -46.79 -19.83 -7.74
C3 NAG PA . -47.83 -18.92 -8.36
C4 NAG PA . -49.20 -19.21 -7.77
C5 NAG PA . -49.15 -19.12 -6.24
C6 NAG PA . -50.44 -19.53 -5.58
C7 NAG PA . -44.86 -18.36 -8.10
C8 NAG PA . -43.49 -18.24 -8.70
N2 NAG PA . -45.47 -19.53 -8.26
O3 NAG PA . -47.87 -19.13 -9.77
O4 NAG PA . -50.16 -18.27 -8.25
O5 NAG PA . -48.13 -20.01 -5.74
O6 NAG PA . -51.52 -18.70 -5.99
O7 NAG PA . -45.39 -17.42 -7.50
C1 NAG QA . -48.13 -34.54 7.61
C2 NAG QA . -49.60 -34.37 8.01
C3 NAG QA . -50.03 -35.53 8.91
C4 NAG QA . -49.72 -36.87 8.25
C5 NAG QA . -48.24 -36.91 7.83
C6 NAG QA . -47.89 -38.16 7.07
C7 NAG QA . -50.89 -32.33 8.47
C8 NAG QA . -50.95 -31.06 9.25
N2 NAG QA . -49.82 -33.10 8.68
O3 NAG QA . -51.43 -35.44 9.17
O4 NAG QA . -49.98 -37.93 9.14
O5 NAG QA . -47.94 -35.80 6.98
O6 NAG QA . -47.00 -37.88 6.00
O7 NAG QA . -51.77 -32.65 7.68
C1 NAG RA . -40.43 -43.57 22.30
C2 NAG RA . -39.72 -44.92 22.42
C3 NAG RA . -39.37 -45.46 21.04
C4 NAG RA . -40.61 -45.48 20.15
C5 NAG RA . -41.28 -44.11 20.14
C6 NAG RA . -42.59 -44.10 19.37
C7 NAG RA . -38.53 -44.96 24.57
C8 NAG RA . -37.21 -44.82 25.25
N2 NAG RA . -38.52 -44.82 23.24
O3 NAG RA . -38.84 -46.76 21.15
O4 NAG RA . -40.26 -45.85 18.82
O5 NAG RA . -41.58 -43.70 21.47
O6 NAG RA . -42.38 -44.32 17.98
O7 NAG RA . -39.56 -45.19 25.19
C1 NAG SA . -51.63 -20.87 11.57
C2 NAG SA . -52.28 -19.92 10.56
C3 NAG SA . -53.72 -19.63 10.96
C4 NAG SA . -54.48 -20.94 11.13
C5 NAG SA . -53.75 -21.85 12.12
C6 NAG SA . -54.39 -23.21 12.24
C7 NAG SA . -50.51 -18.52 9.59
C8 NAG SA . -49.83 -17.18 9.61
N2 NAG SA . -51.51 -18.68 10.45
O3 NAG SA . -54.34 -18.85 9.94
O4 NAG SA . -55.79 -20.66 11.64
O5 NAG SA . -52.41 -22.06 11.67
O6 NAG SA . -53.89 -24.12 11.27
O7 NAG SA . -50.16 -19.41 8.83
C1 NAG TA . -31.42 -29.61 -4.71
C2 NAG TA . -31.65 -30.67 -5.77
C3 NAG TA . -30.33 -31.23 -6.26
C4 NAG TA . -29.43 -30.10 -6.75
C5 NAG TA . -29.29 -29.04 -5.66
C6 NAG TA . -28.53 -27.82 -6.13
C7 NAG TA . -33.52 -32.26 -5.95
C8 NAG TA . -34.29 -33.35 -5.27
N2 NAG TA . -32.50 -31.74 -5.26
O3 NAG TA . -30.57 -32.15 -7.33
O4 NAG TA . -28.13 -30.61 -7.07
O5 NAG TA . -30.59 -28.58 -5.25
O6 NAG TA . -29.31 -26.64 -6.02
O7 NAG TA . -33.82 -31.87 -7.08
C1 NAG UA . -51.46 0.20 -15.47
C2 NAG UA . -52.54 1.29 -15.49
C3 NAG UA . -53.29 1.25 -16.82
C4 NAG UA . -52.33 1.34 -17.99
C5 NAG UA . -51.25 0.26 -17.87
C6 NAG UA . -50.19 0.36 -18.93
C7 NAG UA . -54.21 0.06 -14.18
C8 NAG UA . -55.10 0.09 -12.97
N2 NAG UA . -53.46 1.14 -14.37
O3 NAG UA . -54.21 2.33 -16.87
O4 NAG UA . -53.02 1.17 -19.22
O5 NAG UA . -50.59 0.38 -16.60
O6 NAG UA . -49.32 1.47 -18.69
O7 NAG UA . -54.19 -0.90 -14.94
C1 NAG VA . 12.05 -54.23 -15.94
C2 NAG VA . 11.18 -54.05 -17.20
C3 NAG VA . 10.07 -55.09 -17.24
C4 NAG VA . 10.65 -56.49 -17.08
C5 NAG VA . 11.52 -56.56 -15.83
C6 NAG VA . 12.21 -57.90 -15.68
C7 NAG VA . 10.02 -52.20 -18.33
C8 NAG VA . 9.51 -50.80 -18.20
N2 NAG VA . 10.63 -52.70 -17.24
O3 NAG VA . 9.37 -54.99 -18.48
O4 NAG VA . 9.59 -57.44 -16.98
O5 NAG VA . 12.55 -55.56 -15.89
O6 NAG VA . 13.52 -57.88 -16.25
O7 NAG VA . 9.88 -52.85 -19.36
C1 NAG WA . 9.11 -42.95 -24.58
C2 NAG WA . 9.69 -43.74 -25.76
C3 NAG WA . 9.07 -43.26 -27.07
C4 NAG WA . 7.54 -43.31 -26.99
C5 NAG WA . 7.06 -42.53 -25.77
C6 NAG WA . 5.57 -42.64 -25.56
C7 NAG WA . 11.96 -44.43 -25.14
C8 NAG WA . 13.42 -44.17 -25.31
N2 NAG WA . 11.14 -43.61 -25.81
O3 NAG WA . 9.52 -44.07 -28.14
O4 NAG WA . 6.98 -42.73 -28.17
O5 NAG WA . 7.68 -43.06 -24.58
O6 NAG WA . 5.13 -41.80 -24.50
O7 NAG WA . 11.54 -45.35 -24.45
C1 NAG XA . 38.20 -16.89 31.87
C2 NAG XA . 37.96 -18.34 31.45
C3 NAG XA . 38.23 -19.27 32.63
C4 NAG XA . 39.62 -19.03 33.19
C5 NAG XA . 39.79 -17.56 33.54
C6 NAG XA . 41.20 -17.22 33.98
C7 NAG XA . 35.51 -18.31 31.66
C8 NAG XA . 34.20 -18.56 30.96
N2 NAG XA . 36.61 -18.53 30.94
O3 NAG XA . 38.10 -20.63 32.20
O4 NAG XA . 39.81 -19.82 34.37
O5 NAG XA . 39.53 -16.74 32.39
O6 NAG XA . 41.64 -18.09 35.03
O7 NAG XA . 35.55 -17.94 32.83
C1 NAG YA . -8.76 40.88 21.38
C2 NAG YA . -9.01 42.37 21.64
C3 NAG YA . -8.11 43.22 20.76
C4 NAG YA . -6.66 42.82 20.93
C5 NAG YA . -6.49 41.33 20.70
C6 NAG YA . -5.10 40.83 20.98
C7 NAG YA . -11.34 42.56 22.37
C8 NAG YA . -12.74 42.95 21.98
N2 NAG YA . -10.41 42.70 21.43
O3 NAG YA . -8.29 44.59 21.10
O4 NAG YA . -5.84 43.54 20.01
O5 NAG YA . -7.37 40.60 21.57
O6 NAG YA . -4.75 40.99 22.35
O7 NAG YA . -11.08 42.13 23.48
C1 NAG ZA . -18.80 31.83 22.06
C2 NAG ZA . -19.30 31.80 23.50
C3 NAG ZA . -20.71 31.20 23.56
C4 NAG ZA . -21.63 31.93 22.60
C5 NAG ZA . -21.04 31.96 21.20
C6 NAG ZA . -21.85 32.78 20.22
C7 NAG ZA . -17.58 31.62 25.24
C8 NAG ZA . -16.72 30.70 26.04
N2 NAG ZA . -18.40 31.05 24.35
O3 NAG ZA . -21.20 31.29 24.89
O4 NAG ZA . -22.90 31.29 22.56
O5 NAG ZA . -19.72 32.54 21.24
O6 NAG ZA . -21.69 34.17 20.47
O7 NAG ZA . -17.54 32.84 25.39
C1 NAG AB . 35.38 7.52 26.72
C2 NAG AB . 35.62 8.62 25.68
C3 NAG AB . 36.90 8.32 24.89
C4 NAG AB . 38.07 8.10 25.83
C5 NAG AB . 37.72 7.03 26.86
C6 NAG AB . 38.81 6.84 27.91
C7 NAG AB . 33.52 9.65 24.95
C8 NAG AB . 32.42 9.63 23.92
N2 NAG AB . 34.48 8.74 24.78
O3 NAG AB . 37.17 9.41 24.01
O4 NAG AB . 39.22 7.70 25.09
O5 NAG AB . 36.53 7.39 27.57
O6 NAG AB . 38.32 6.11 29.02
O7 NAG AB . 33.53 10.45 25.88
C1 NAG BB . -15.49 20.01 35.52
C2 NAG BB . -15.51 19.85 37.03
C3 NAG BB . -16.31 18.62 37.42
C4 NAG BB . -17.70 18.68 36.80
C5 NAG BB . -17.60 18.89 35.30
C6 NAG BB . -18.95 19.09 34.64
C7 NAG BB . -13.59 20.72 38.30
C8 NAG BB . -12.19 20.47 38.76
N2 NAG BB . -14.15 19.77 37.56
O3 NAG BB . -16.41 18.55 38.84
O4 NAG BB . -18.40 17.46 37.07
O5 NAG BB . -16.83 20.08 35.02
O6 NAG BB . -19.55 20.31 35.05
O7 NAG BB . -14.19 21.76 38.58
C1 NAG CB . 2.60 24.59 41.57
C2 NAG CB . 1.48 24.09 42.47
C3 NAG CB . 0.47 25.20 42.73
C4 NAG CB . 1.19 26.42 43.30
C5 NAG CB . 2.34 26.83 42.40
C6 NAG CB . 3.18 27.95 42.98
C7 NAG CB . 0.21 22.94 40.69
C8 NAG CB . -0.41 21.65 40.26
N2 NAG CB . 0.82 22.92 41.88
O3 NAG CB . -0.50 24.74 43.65
O4 NAG CB . 0.28 27.51 43.42
O5 NAG CB . 3.23 25.72 42.18
O6 NAG CB . 2.37 28.91 43.64
O7 NAG CB . 0.15 23.95 40.01
C1 NAG DB . 22.28 25.82 45.20
C2 NAG DB . 21.93 27.32 45.19
C3 NAG DB . 23.17 28.15 45.48
C4 NAG DB . 23.83 27.69 46.77
C5 NAG DB . 24.10 26.19 46.72
C6 NAG DB . 24.65 25.64 48.02
C7 NAG DB . 20.04 28.02 43.77
C8 NAG DB . 19.61 28.41 42.39
N2 NAG DB . 21.34 27.71 43.91
O3 NAG DB . 22.81 29.52 45.58
O4 NAG DB . 25.06 28.38 46.96
O5 NAG DB . 22.88 25.48 46.45
O6 NAG DB . 24.46 24.23 48.10
O7 NAG DB . 19.27 28.01 44.72
C1 NAG EB . 41.39 20.00 40.01
C2 NAG EB . 42.62 20.26 39.14
C3 NAG EB . 43.80 20.69 40.01
C4 NAG EB . 43.40 21.86 40.90
C5 NAG EB . 42.14 21.54 41.69
C6 NAG EB . 41.63 22.71 42.50
C7 NAG EB . 42.76 19.01 37.03
C8 NAG EB . 43.18 17.72 36.38
N2 NAG EB . 42.96 19.09 38.35
O3 NAG EB . 44.89 21.04 39.18
O4 NAG EB . 44.45 22.16 41.80
O5 NAG EB . 41.08 21.17 40.79
O6 NAG EB . 42.63 23.21 43.38
O7 NAG EB . 42.27 19.93 36.40
C1 NAG FB . 17.38 34.48 36.20
C2 NAG FB . 16.00 34.92 36.70
C3 NAG FB . 16.02 36.40 37.04
C4 NAG FB . 17.14 36.71 38.02
C5 NAG FB . 18.46 36.19 37.47
C6 NAG FB . 19.61 36.34 38.45
C7 NAG FB . 13.98 33.76 35.91
C8 NAG FB . 13.02 33.59 34.78
N2 NAG FB . 14.98 34.63 35.71
O3 NAG FB . 14.76 36.77 37.61
O4 NAG FB . 17.24 38.12 38.23
O5 NAG FB . 18.36 34.78 37.19
O6 NAG FB . 19.47 35.46 39.56
O7 NAG FB . 13.87 33.13 36.96
C1 NAG GB . -17.29 33.57 36.48
C2 NAG GB . -18.15 32.31 36.59
C3 NAG GB . -19.51 32.65 37.18
C4 NAG GB . -19.35 33.40 38.51
C5 NAG GB . -18.44 34.61 38.31
C6 NAG GB . -18.14 35.33 39.61
C7 NAG GB . -18.61 30.38 35.16
C8 NAG GB . -18.73 29.88 33.75
N2 NAG GB . -18.30 31.66 35.30
O3 NAG GB . -20.25 31.45 37.40
O4 NAG GB . -20.62 33.83 38.97
O5 NAG GB . -17.19 34.20 37.77
O6 NAG GB . -17.34 34.53 40.47
O7 NAG GB . -18.79 29.65 36.12
C1 NAG HB . 36.46 16.83 17.32
C2 NAG HB . 37.16 16.09 16.18
C3 NAG HB . 38.53 16.70 15.89
C4 NAG HB . 38.38 18.20 15.65
C5 NAG HB . 37.64 18.86 16.81
C6 NAG HB . 37.35 20.32 16.57
C7 NAG HB . 37.97 14.19 17.52
C8 NAG HB . 37.99 12.70 17.66
N2 NAG HB . 37.29 14.67 16.48
O3 NAG HB . 39.09 16.08 14.75
O4 NAG HB . 39.68 18.80 15.53
O5 NAG HB . 36.38 18.22 17.00
O6 NAG HB . 36.31 20.79 17.41
O7 NAG HB . 38.54 14.92 18.32
C1 NAG IB . 33.80 -30.23 -27.87
C2 NAG IB . 34.50 -30.78 -26.62
C3 NAG IB . 35.99 -30.94 -26.88
C4 NAG IB . 36.21 -31.80 -28.13
C5 NAG IB . 35.44 -31.22 -29.31
C6 NAG IB . 35.53 -32.09 -30.54
C7 NAG IB . 34.66 -28.64 -25.42
C8 NAG IB . 34.35 -27.91 -24.15
N2 NAG IB . 34.27 -29.92 -25.48
O3 NAG IB . 36.60 -31.55 -25.76
O4 NAG IB . 37.61 -31.85 -28.44
O5 NAG IB . 34.06 -31.10 -28.99
O6 NAG IB . 34.74 -31.57 -31.60
O7 NAG IB . 35.24 -28.10 -26.34
C1 NAG JB . -10.45 30.29 -33.65
C2 NAG JB . -11.21 31.14 -34.66
C3 NAG JB . -12.25 30.31 -35.40
C4 NAG JB . -11.59 29.08 -36.01
C5 NAG JB . -10.81 28.31 -34.94
C6 NAG JB . -10.03 27.14 -35.52
C7 NAG JB . -11.23 33.46 -33.84
C8 NAG JB . -12.04 34.52 -33.14
N2 NAG JB . -11.84 32.29 -34.01
O3 NAG JB . -12.86 31.09 -36.41
O4 NAG JB . -12.58 28.23 -36.58
O5 NAG JB . -9.86 29.16 -34.31
O6 NAG JB . -8.82 27.58 -36.11
O7 NAG JB . -10.08 33.66 -34.22
C1 NAG KB . 14.70 -17.36 -39.76
C2 NAG KB . 13.21 -17.46 -40.06
C3 NAG KB . 12.84 -18.89 -40.47
C4 NAG KB . 13.75 -19.37 -41.60
C5 NAG KB . 15.21 -19.19 -41.21
C6 NAG KB . 16.16 -19.56 -42.33
C7 NAG KB . 11.08 -16.91 -38.95
C8 NAG KB . 10.43 -16.47 -37.68
N2 NAG KB . 12.42 -17.03 -38.92
O3 NAG KB . 11.49 -18.93 -40.90
O4 NAG KB . 13.50 -20.74 -41.86
O5 NAG KB . 15.46 -17.82 -40.88
O6 NAG KB . 17.52 -19.37 -41.93
O7 NAG KB . 10.43 -17.17 -39.97
C1 NAG LB . 13.04 31.41 -22.57
C2 NAG LB . 14.45 31.79 -23.01
C3 NAG LB . 15.33 32.03 -21.78
C4 NAG LB . 14.69 33.05 -20.85
C5 NAG LB . 13.26 32.62 -20.51
C6 NAG LB . 12.52 33.65 -19.68
C7 NAG LB . 15.24 30.96 -25.18
C8 NAG LB . 15.84 29.80 -25.91
N2 NAG LB . 15.02 30.77 -23.87
O3 NAG LB . 16.60 32.49 -22.20
O4 NAG LB . 15.45 33.16 -19.66
O5 NAG LB . 12.51 32.43 -21.70
O6 NAG LB . 12.10 34.75 -20.48
O7 NAG LB . 14.95 32.01 -25.74
C1 NAG MB . 15.58 21.36 -38.69
C2 NAG MB . 16.58 22.28 -38.01
C3 NAG MB . 16.12 23.73 -38.10
C4 NAG MB . 15.87 24.10 -39.55
C5 NAG MB . 14.91 23.10 -40.21
C6 NAG MB . 14.73 23.33 -41.69
C7 NAG MB . 15.81 21.85 -35.71
C8 NAG MB . 16.21 21.43 -34.33
N2 NAG MB . 16.79 21.89 -36.61
O3 NAG MB . 17.11 24.58 -37.54
O4 NAG MB . 15.31 25.40 -39.63
O5 NAG MB . 15.43 21.76 -40.05
O6 NAG MB . 14.96 24.70 -42.02
O7 NAG MB . 14.65 22.15 -35.98
C1 NAG NB . 18.79 7.21 -52.62
C2 NAG NB . 18.12 8.14 -53.62
C3 NAG NB . 18.28 7.59 -55.04
C4 NAG NB . 19.75 7.31 -55.34
C5 NAG NB . 20.34 6.41 -54.26
C6 NAG NB . 21.82 6.17 -54.44
C7 NAG NB . 16.25 9.44 -52.70
C8 NAG NB . 14.77 9.47 -52.46
N2 NAG NB . 16.72 8.34 -53.31
O3 NAG NB . 17.77 8.53 -55.97
O4 NAG NB . 19.87 6.67 -56.60
O5 NAG NB . 20.16 7.00 -52.97
O6 NAG NB . 22.25 5.00 -53.75
O7 NAG NB . 16.99 10.36 -52.36
C1 NAG OB . 17.59 -13.30 -56.42
C2 NAG OB . 18.36 -14.59 -56.65
C3 NAG OB . 19.60 -14.63 -55.76
C4 NAG OB . 20.45 -13.39 -55.97
C5 NAG OB . 19.59 -12.14 -55.78
C6 NAG OB . 20.34 -10.86 -56.09
C7 NAG OB . 16.80 -16.35 -57.35
C8 NAG OB . 15.98 -17.53 -56.90
N2 NAG OB . 17.52 -15.75 -56.39
O3 NAG OB . 20.36 -15.79 -56.07
O4 NAG OB . 21.53 -13.37 -55.05
O5 NAG OB . 18.45 -12.18 -56.66
O6 NAG OB . 21.37 -10.61 -55.15
O7 NAG OB . 16.81 -15.97 -58.51
C1 NAG PB . 5.68 11.55 -51.87
C2 NAG PB . 5.38 13.03 -51.62
C3 NAG PB . 4.91 13.69 -52.90
C4 NAG PB . 5.90 13.45 -54.03
C5 NAG PB . 6.19 11.96 -54.17
C6 NAG PB . 7.28 11.67 -55.18
C7 NAG PB . 4.71 13.37 -49.29
C8 NAG PB . 3.57 13.52 -48.33
N2 NAG PB . 4.39 13.19 -50.56
O3 NAG PB . 4.75 15.09 -52.69
O4 NAG PB . 5.39 13.96 -55.25
O5 NAG PB . 6.63 11.43 -52.92
O6 NAG PB . 8.57 11.93 -54.65
O7 NAG PB . 5.88 13.40 -48.91
C1 NAG QB . 4.06 39.90 -30.78
C2 NAG QB . 5.08 40.89 -31.36
C3 NAG QB . 4.93 42.25 -30.69
C4 NAG QB . 3.50 42.74 -30.77
C5 NAG QB . 2.55 41.68 -30.21
C6 NAG QB . 1.10 42.05 -30.36
C7 NAG QB . 7.42 40.67 -32.06
C8 NAG QB . 8.76 40.08 -31.74
N2 NAG QB . 6.44 40.39 -31.20
O3 NAG QB . 5.80 43.19 -31.31
O4 NAG QB . 3.35 43.95 -30.03
O5 NAG QB . 2.75 40.44 -30.90
O6 NAG QB . 0.53 41.46 -31.53
O7 NAG QB . 7.25 41.38 -33.05
#